data_3UU1
#
_entry.id   3UU1
#
_cell.length_a   78.226
_cell.length_b   110.962
_cell.length_c   80.382
_cell.angle_alpha   90.00
_cell.angle_beta   89.97
_cell.angle_gamma   90.00
#
_symmetry.space_group_name_H-M   'P 1 21 1'
#
loop_
_entity.id
_entity.type
_entity.pdbx_description
1 polymer 'Anthranilate phosphoribosyltransferase'
2 non-polymer 1-O-pyrophosphono-5-O-phosphono-alpha-D-ribofuranose
3 non-polymer 'MAGNESIUM ION'
4 non-polymer '2-amino-3,5-dimethylbenzoic acid'
5 water water
#
_entity_poly.entity_id   1
_entity_poly.type   'polypeptide(L)'
_entity_poly.pdbx_seq_one_letter_code
;ALSAEGSSGGSRGGSPKAEAASVPSWPQILGRLTDNRDLARGQAAWAMDQIMTGNARPAQIAAFAVAMTMKAPTADEVGE
LAGVMLSHAHPLPADTVPDDAVDVVGTGGDGVNTVNLSTMAAIVVAAAGVPVVKHGNRAASSLSGGADTLEALGVRIDLG
PDLVARSLAEVGIGFCFAPRFHPSYRHAAAVRREIGVPTVFNLLGPLTNPARPRAGLIGCAFADLAEVMAGVFAARRSSV
LVVHGDDGLDELTTTTTSTIWRVAAGSVDKLTFDPAGFGFARAQLDQLAGGDAQANAAAVRAVLGGARGPVRDAVVLNAA
GAIVAHAGLSSRAEWLPAWEEGLRRASAAIDTGAAEQLLARWVRFGRQILEHHHHHH
;
_entity_poly.pdbx_strand_id   A,B,C,D
#
# COMPACT_ATOMS: atom_id res chain seq x y z
N PRO A 24 57.75 -11.47 -5.29
CA PRO A 24 58.74 -10.40 -5.07
C PRO A 24 60.14 -10.97 -4.85
N SER A 25 61.18 -10.25 -5.27
CA SER A 25 62.56 -10.68 -5.11
C SER A 25 63.53 -9.50 -5.08
N TRP A 26 64.75 -9.74 -4.63
CA TRP A 26 65.77 -8.69 -4.64
C TRP A 26 66.15 -8.22 -6.05
N PRO A 27 66.47 -9.16 -6.99
CA PRO A 27 66.73 -8.72 -8.35
C PRO A 27 65.62 -7.81 -8.92
N GLN A 28 64.36 -8.16 -8.64
CA GLN A 28 63.23 -7.36 -9.14
C GLN A 28 63.14 -5.95 -8.53
N ILE A 29 63.12 -5.89 -7.21
CA ILE A 29 63.06 -4.62 -6.47
C ILE A 29 64.29 -3.74 -6.75
N LEU A 30 65.49 -4.30 -6.59
CA LEU A 30 66.74 -3.57 -6.87
C LEU A 30 66.83 -3.09 -8.32
N GLY A 31 66.38 -3.93 -9.25
CA GLY A 31 66.36 -3.55 -10.68
C GLY A 31 65.45 -2.38 -10.94
N ARG A 32 64.29 -2.39 -10.32
CA ARG A 32 63.35 -1.32 -10.48
C ARG A 32 63.94 -0.03 -9.90
N LEU A 33 64.57 -0.12 -8.74
CA LEU A 33 65.19 1.09 -8.15
C LEU A 33 66.36 1.61 -9.00
N THR A 34 67.24 0.71 -9.43
CA THR A 34 68.36 1.14 -10.32
C THR A 34 67.83 1.66 -11.68
N ASP A 35 66.61 1.27 -12.06
CA ASP A 35 65.98 1.85 -13.26
C ASP A 35 65.38 3.21 -12.98
N ASN A 36 65.61 3.71 -11.77
CA ASN A 36 65.07 4.97 -11.29
C ASN A 36 63.54 5.02 -11.28
N ARG A 37 62.95 3.89 -10.93
CA ARG A 37 61.50 3.79 -10.90
C ARG A 37 61.00 3.63 -9.49
N ASP A 38 59.93 4.35 -9.17
CA ASP A 38 59.20 4.12 -7.91
C ASP A 38 58.78 2.68 -7.80
N LEU A 39 58.82 2.15 -6.58
CA LEU A 39 58.40 0.78 -6.34
C LEU A 39 56.87 0.58 -6.52
N ALA A 40 56.47 -0.67 -6.79
CA ALA A 40 55.04 -0.99 -6.78
C ALA A 40 54.60 -1.09 -5.34
N ARG A 41 53.33 -0.81 -5.10
CA ARG A 41 52.76 -0.92 -3.76
C ARG A 41 53.13 -2.28 -3.15
N GLY A 42 53.58 -2.22 -1.90
CA GLY A 42 53.93 -3.42 -1.14
C GLY A 42 55.40 -3.86 -1.28
N GLN A 43 56.08 -3.42 -2.35
CA GLN A 43 57.47 -3.86 -2.60
C GLN A 43 58.45 -3.34 -1.51
N ALA A 44 58.41 -2.05 -1.20
CA ALA A 44 59.19 -1.54 -0.05
C ALA A 44 58.87 -2.30 1.25
N ALA A 45 57.58 -2.53 1.56
CA ALA A 45 57.21 -3.34 2.73
C ALA A 45 57.80 -4.73 2.70
N TRP A 46 57.72 -5.39 1.54
CA TRP A 46 58.31 -6.72 1.40
C TRP A 46 59.81 -6.67 1.73
N ALA A 47 60.49 -5.68 1.16
CA ALA A 47 61.93 -5.54 1.34
C ALA A 47 62.24 -5.35 2.83
N MET A 48 61.49 -4.45 3.45
CA MET A 48 61.80 -4.09 4.84
C MET A 48 61.51 -5.30 5.73
N ASP A 49 60.48 -6.06 5.36
CA ASP A 49 60.12 -7.21 6.17
C ASP A 49 61.18 -8.31 6.05
N GLN A 50 61.73 -8.50 4.83
CA GLN A 50 62.86 -9.43 4.65
C GLN A 50 64.01 -8.96 5.54
N ILE A 51 64.27 -7.65 5.54
CA ILE A 51 65.34 -7.09 6.34
C ILE A 51 65.12 -7.36 7.87
N MET A 52 63.90 -7.11 8.34
CA MET A 52 63.59 -7.15 9.75
C MET A 52 63.48 -8.58 10.29
N THR A 53 63.31 -9.55 9.39
CA THR A 53 63.19 -10.95 9.81
C THR A 53 64.50 -11.75 9.66
N GLY A 54 65.62 -11.06 9.39
CA GLY A 54 66.92 -11.72 9.26
C GLY A 54 67.08 -12.51 7.98
N ASN A 55 66.19 -12.28 7.02
CA ASN A 55 66.21 -13.00 5.76
C ASN A 55 66.97 -12.31 4.65
N ALA A 56 67.47 -11.11 4.92
CA ALA A 56 68.11 -10.32 3.91
C ALA A 56 69.62 -10.34 4.21
N ARG A 57 70.42 -10.71 3.21
CA ARG A 57 71.88 -10.67 3.31
C ARG A 57 72.35 -9.23 3.52
N PRO A 58 73.46 -9.06 4.26
CA PRO A 58 74.04 -7.71 4.36
C PRO A 58 74.17 -6.97 3.01
N ALA A 59 74.55 -7.68 1.93
CA ALA A 59 74.70 -7.05 0.61
C ALA A 59 73.38 -6.54 0.04
N GLN A 60 72.33 -7.31 0.26
CA GLN A 60 71.00 -6.97 -0.17
C GLN A 60 70.46 -5.77 0.63
N ILE A 61 70.66 -5.80 1.93
CA ILE A 61 70.26 -4.64 2.77
C ILE A 61 70.86 -3.32 2.28
N ALA A 62 72.20 -3.34 2.08
CA ALA A 62 72.96 -2.19 1.61
C ALA A 62 72.52 -1.74 0.25
N ALA A 63 72.38 -2.70 -0.69
CA ALA A 63 71.93 -2.39 -2.03
C ALA A 63 70.60 -1.69 -2.00
N PHE A 64 69.69 -2.24 -1.19
CA PHE A 64 68.34 -1.66 -1.06
C PHE A 64 68.42 -0.24 -0.47
N ALA A 65 69.11 -0.09 0.67
CA ALA A 65 69.25 1.23 1.29
C ALA A 65 69.79 2.26 0.30
N VAL A 66 70.88 1.93 -0.38
CA VAL A 66 71.48 2.85 -1.34
C VAL A 66 70.59 3.13 -2.54
N ALA A 67 70.02 2.07 -3.11
CA ALA A 67 69.23 2.22 -4.34
C ALA A 67 68.02 3.09 -4.03
N MET A 68 67.37 2.82 -2.88
CA MET A 68 66.22 3.64 -2.51
C MET A 68 66.64 5.09 -2.38
N THR A 69 67.78 5.31 -1.73
CA THR A 69 68.25 6.67 -1.50
C THR A 69 68.50 7.38 -2.82
N MET A 70 69.14 6.70 -3.77
CA MET A 70 69.52 7.38 -5.00
C MET A 70 68.40 7.59 -5.97
N LYS A 71 67.42 6.69 -5.95
CA LYS A 71 66.21 6.85 -6.73
C LYS A 71 65.45 8.12 -6.23
N ALA A 72 65.36 8.29 -4.93
CA ALA A 72 64.65 9.41 -4.25
C ALA A 72 63.40 8.76 -3.75
N PRO A 73 63.36 8.43 -2.45
CA PRO A 73 62.22 7.68 -1.92
C PRO A 73 60.97 8.53 -1.88
N THR A 74 59.82 7.89 -2.08
CA THR A 74 58.55 8.60 -1.97
C THR A 74 57.97 8.39 -0.56
N ALA A 75 57.01 9.23 -0.21
CA ALA A 75 56.28 9.11 1.08
C ALA A 75 55.65 7.74 1.23
N ASP A 76 55.05 7.22 0.14
CA ASP A 76 54.44 5.89 0.16
C ASP A 76 55.47 4.85 0.54
N GLU A 77 56.65 4.95 -0.08
CA GLU A 77 57.71 3.98 0.13
C GLU A 77 58.23 4.05 1.56
N VAL A 78 58.59 5.26 1.99
CA VAL A 78 59.06 5.46 3.38
C VAL A 78 57.96 5.02 4.36
N GLY A 79 56.72 5.34 4.04
CA GLY A 79 55.58 4.85 4.86
C GLY A 79 55.52 3.33 4.97
N GLU A 80 55.85 2.64 3.87
CA GLU A 80 55.92 1.20 3.92
C GLU A 80 57.03 0.68 4.82
N LEU A 81 58.21 1.30 4.73
CA LEU A 81 59.33 0.85 5.55
C LEU A 81 59.03 1.06 7.03
N ALA A 82 58.51 2.24 7.35
CA ALA A 82 58.17 2.57 8.75
C ALA A 82 57.08 1.62 9.31
N GLY A 83 56.10 1.29 8.48
CA GLY A 83 54.99 0.43 8.94
C GLY A 83 55.49 -0.96 9.27
N VAL A 84 56.47 -1.42 8.52
CA VAL A 84 57.01 -2.76 8.76
C VAL A 84 57.73 -2.74 10.08
N MET A 85 58.58 -1.73 10.27
CA MET A 85 59.25 -1.56 11.53
C MET A 85 58.27 -1.54 12.68
N LEU A 86 57.22 -0.74 12.55
CA LEU A 86 56.22 -0.66 13.64
C LEU A 86 55.51 -1.99 13.84
N SER A 87 55.31 -2.75 12.77
CA SER A 87 54.69 -4.10 12.92
C SER A 87 55.56 -5.00 13.75
N HIS A 88 56.86 -4.84 13.62
CA HIS A 88 57.82 -5.70 14.32
C HIS A 88 58.24 -5.15 15.68
N ALA A 89 57.89 -3.90 15.97
CA ALA A 89 58.30 -3.27 17.22
C ALA A 89 57.54 -3.84 18.44
N HIS A 90 58.15 -3.76 19.61
CA HIS A 90 57.43 -4.05 20.85
C HIS A 90 56.45 -2.92 21.09
N PRO A 91 55.15 -3.23 21.21
CA PRO A 91 54.18 -2.17 21.46
C PRO A 91 54.13 -1.85 22.96
N LEU A 92 53.61 -0.69 23.31
CA LEU A 92 53.31 -0.40 24.70
C LEU A 92 51.94 -1.03 24.99
N PRO A 93 51.69 -1.39 26.26
CA PRO A 93 50.44 -2.03 26.65
C PRO A 93 49.23 -1.20 26.20
N ALA A 94 48.10 -1.87 25.98
CA ALA A 94 46.89 -1.20 25.51
C ALA A 94 46.49 -0.12 26.48
N ASP A 95 45.97 0.98 25.93
CA ASP A 95 45.43 2.11 26.70
C ASP A 95 46.40 2.82 27.63
N THR A 96 47.72 2.64 27.44
CA THR A 96 48.74 3.30 28.29
C THR A 96 49.33 4.58 27.69
N VAL A 97 49.05 4.84 26.42
CA VAL A 97 49.60 6.00 25.78
C VAL A 97 48.46 6.96 25.49
N PRO A 98 48.51 8.17 26.08
CA PRO A 98 47.47 9.16 25.82
C PRO A 98 47.34 9.45 24.35
N ASP A 99 46.10 9.68 23.95
CA ASP A 99 45.68 9.98 22.61
C ASP A 99 46.43 11.21 22.04
N ASP A 100 46.91 12.08 22.93
CA ASP A 100 47.57 13.33 22.52
C ASP A 100 49.07 13.32 22.89
N ALA A 101 49.66 12.14 23.12
CA ALA A 101 51.10 12.07 23.38
C ALA A 101 51.91 12.69 22.24
N VAL A 102 53.07 13.26 22.58
CA VAL A 102 53.89 13.95 21.58
C VAL A 102 55.32 13.41 21.68
N ASP A 103 56.01 13.44 20.53
CA ASP A 103 57.40 13.07 20.39
C ASP A 103 58.16 14.34 20.00
N VAL A 104 59.43 14.38 20.37
CA VAL A 104 60.37 15.41 19.95
C VAL A 104 61.65 14.66 19.59
N VAL A 105 61.88 14.51 18.29
CA VAL A 105 62.97 13.63 17.82
C VAL A 105 63.37 14.01 16.40
N GLY A 106 64.67 13.88 16.11
CA GLY A 106 65.21 14.27 14.82
C GLY A 106 65.92 13.11 14.16
N THR A 107 66.17 13.26 12.87
CA THR A 107 66.93 12.24 12.12
C THR A 107 68.36 12.12 12.62
N GLY A 108 68.86 13.20 13.23
CA GLY A 108 70.26 13.30 13.52
C GLY A 108 71.06 13.54 12.25
N GLY A 109 72.38 13.45 12.35
CA GLY A 109 73.24 13.55 11.17
C GLY A 109 73.28 14.91 10.53
N ASP A 110 73.08 15.96 11.31
CA ASP A 110 73.18 17.31 10.75
C ASP A 110 74.63 17.82 10.67
N GLY A 111 75.58 16.97 11.03
CA GLY A 111 77.00 17.26 10.84
C GLY A 111 77.51 18.34 11.77
N VAL A 112 76.60 18.87 12.60
CA VAL A 112 76.92 19.90 13.58
C VAL A 112 76.75 19.25 14.94
N ASN A 113 77.70 19.46 15.82
CA ASN A 113 77.61 18.77 17.09
C ASN A 113 76.93 19.65 18.15
N THR A 114 75.60 19.55 18.30
CA THR A 114 74.88 20.40 19.27
C THR A 114 74.57 19.73 20.60
N VAL A 115 74.21 20.57 21.57
CA VAL A 115 73.54 20.09 22.77
C VAL A 115 72.23 19.40 22.33
N ASN A 116 71.75 18.49 23.17
CA ASN A 116 70.58 17.68 22.88
C ASN A 116 69.31 18.47 23.03
N LEU A 117 69.09 19.31 22.01
CA LEU A 117 67.96 20.22 21.99
C LEU A 117 66.60 19.51 22.13
N SER A 118 66.42 18.39 21.43
CA SER A 118 65.13 17.69 21.47
C SER A 118 64.86 17.10 22.84
N THR A 119 65.90 16.53 23.44
CA THR A 119 65.78 15.87 24.73
C THR A 119 65.38 16.92 25.81
N MET A 120 66.02 18.09 25.75
CA MET A 120 65.76 19.14 26.71
C MET A 120 64.38 19.70 26.47
N ALA A 121 64.01 19.89 25.20
CA ALA A 121 62.68 20.36 24.87
C ALA A 121 61.62 19.38 25.38
N ALA A 122 61.85 18.07 25.18
CA ALA A 122 60.91 17.05 25.65
C ALA A 122 60.61 17.16 27.15
N ILE A 123 61.68 17.35 27.92
CA ILE A 123 61.56 17.45 29.37
C ILE A 123 60.64 18.62 29.73
N VAL A 124 60.93 19.77 29.12
CA VAL A 124 60.18 21.01 29.28
C VAL A 124 58.71 20.90 28.84
N VAL A 125 58.47 20.22 27.73
CA VAL A 125 57.11 19.97 27.24
C VAL A 125 56.32 19.10 28.22
N ALA A 126 56.96 18.03 28.71
CA ALA A 126 56.30 17.16 29.68
C ALA A 126 55.97 17.99 30.92
N ALA A 127 56.90 18.86 31.30
CA ALA A 127 56.73 19.68 32.50
C ALA A 127 55.57 20.68 32.33
N ALA A 128 55.38 21.15 31.10
CA ALA A 128 54.25 22.02 30.83
C ALA A 128 52.89 21.26 30.86
N GLY A 129 52.93 19.95 31.00
CA GLY A 129 51.73 19.10 31.08
C GLY A 129 51.30 18.32 29.83
N VAL A 130 52.13 18.35 28.79
CA VAL A 130 51.79 17.58 27.57
C VAL A 130 52.45 16.23 27.73
N PRO A 131 51.72 15.11 27.56
CA PRO A 131 52.42 13.81 27.71
C PRO A 131 53.42 13.62 26.57
N VAL A 132 54.61 13.18 26.94
CA VAL A 132 55.71 13.02 25.98
C VAL A 132 56.15 11.55 25.98
N VAL A 133 56.16 10.92 24.81
CA VAL A 133 56.86 9.65 24.71
C VAL A 133 57.94 9.85 23.64
N LYS A 134 59.16 9.99 24.12
CA LYS A 134 60.26 10.30 23.26
C LYS A 134 60.90 9.03 22.73
N HIS A 135 61.07 8.98 21.42
CA HIS A 135 61.87 7.96 20.79
C HIS A 135 63.30 8.48 20.71
N GLY A 136 64.26 7.64 21.05
CA GLY A 136 65.64 8.08 21.01
C GLY A 136 66.66 6.98 20.94
N ASN A 137 67.91 7.41 20.84
CA ASN A 137 69.00 6.49 20.61
C ASN A 137 70.33 7.17 21.02
N ARG A 138 71.36 6.35 21.17
CA ARG A 138 72.73 6.84 21.38
C ARG A 138 73.23 7.66 20.17
N ALA A 139 74.42 8.26 20.29
CA ALA A 139 75.04 9.05 19.20
C ALA A 139 75.44 8.20 18.01
N SER A 144 77.49 12.65 21.75
CA SER A 144 76.52 12.23 22.78
C SER A 144 75.07 12.43 22.31
N GLY A 145 74.36 11.33 22.02
CA GLY A 145 72.97 11.46 21.60
C GLY A 145 72.01 11.65 22.77
N GLY A 146 70.73 11.85 22.47
CA GLY A 146 69.72 11.96 23.51
C GLY A 146 69.84 10.87 24.56
N ALA A 147 69.95 9.63 24.13
CA ALA A 147 70.06 8.50 25.06
C ALA A 147 71.29 8.55 25.96
N ASP A 148 72.44 8.96 25.39
CA ASP A 148 73.69 9.08 26.17
C ASP A 148 73.59 10.15 27.25
N THR A 149 73.06 11.32 26.85
CA THR A 149 72.85 12.44 27.78
C THR A 149 71.85 12.10 28.90
N LEU A 150 70.76 11.41 28.55
CA LEU A 150 69.81 10.96 29.56
C LEU A 150 70.42 9.97 30.55
N GLU A 151 71.21 9.05 30.03
CA GLU A 151 71.86 8.07 30.87
C GLU A 151 72.79 8.80 31.87
N ALA A 152 73.57 9.75 31.36
CA ALA A 152 74.50 10.51 32.18
C ALA A 152 73.78 11.34 33.25
N LEU A 153 72.56 11.79 32.94
CA LEU A 153 71.69 12.50 33.89
C LEU A 153 71.11 11.57 34.91
N GLY A 154 71.22 10.27 34.68
CA GLY A 154 70.71 9.30 35.64
C GLY A 154 69.31 8.81 35.31
N VAL A 155 68.83 9.12 34.11
CA VAL A 155 67.56 8.59 33.62
C VAL A 155 67.78 7.18 33.03
N ARG A 156 66.92 6.25 33.41
CA ARG A 156 66.89 4.91 32.83
C ARG A 156 66.43 5.00 31.39
N ILE A 157 67.32 4.63 30.48
CA ILE A 157 66.99 4.69 29.08
C ILE A 157 66.48 3.32 28.60
N ASP A 158 66.81 2.28 29.38
CA ASP A 158 66.67 0.85 29.06
C ASP A 158 65.31 0.20 29.33
N LEU A 159 64.28 0.98 29.57
CA LEU A 159 63.04 0.41 30.09
C LEU A 159 62.20 -0.23 28.98
N GLY A 160 61.59 -1.37 29.29
CA GLY A 160 60.67 -2.04 28.36
C GLY A 160 59.32 -1.37 28.34
N PRO A 161 58.41 -1.83 27.47
CA PRO A 161 57.07 -1.27 27.28
C PRO A 161 56.28 -0.98 28.59
N ASP A 162 56.22 -1.97 29.50
CA ASP A 162 55.44 -1.84 30.73
C ASP A 162 55.95 -0.64 31.52
N LEU A 163 57.27 -0.56 31.65
CA LEU A 163 57.91 0.44 32.50
C LEU A 163 57.94 1.80 31.85
N VAL A 164 57.98 1.85 30.52
CA VAL A 164 57.84 3.12 29.81
C VAL A 164 56.42 3.66 30.01
N ALA A 165 55.43 2.75 29.95
CA ALA A 165 54.05 3.11 30.23
C ALA A 165 53.91 3.68 31.64
N ARG A 166 54.51 3.01 32.63
CA ARG A 166 54.49 3.51 34.00
C ARG A 166 55.18 4.86 34.10
N SER A 167 56.35 4.99 33.47
CA SER A 167 57.07 6.26 33.43
C SER A 167 56.16 7.36 32.93
N LEU A 168 55.47 7.11 31.82
CA LEU A 168 54.58 8.12 31.26
C LEU A 168 53.46 8.50 32.24
N ALA A 169 52.84 7.48 32.83
CA ALA A 169 51.75 7.67 33.78
C ALA A 169 52.23 8.47 35.00
N GLU A 170 53.32 8.03 35.61
CA GLU A 170 53.79 8.60 36.87
C GLU A 170 54.67 9.84 36.78
N VAL A 171 55.40 10.00 35.68
CA VAL A 171 56.32 11.13 35.52
C VAL A 171 55.78 12.15 34.51
N GLY A 172 55.10 11.69 33.47
CA GLY A 172 54.59 12.61 32.43
C GLY A 172 55.40 12.45 31.14
N ILE A 173 56.44 11.64 31.22
CA ILE A 173 57.37 11.42 30.10
C ILE A 173 57.87 9.98 30.11
N GLY A 174 57.96 9.40 28.92
CA GLY A 174 58.54 8.09 28.77
C GLY A 174 59.57 8.17 27.67
N PHE A 175 60.61 7.37 27.78
CA PHE A 175 61.68 7.33 26.78
C PHE A 175 61.75 5.94 26.22
N CYS A 176 61.49 5.84 24.91
CA CYS A 176 61.58 4.58 24.20
C CYS A 176 62.96 4.49 23.51
N PHE A 177 63.85 3.66 24.05
CA PHE A 177 65.20 3.50 23.50
C PHE A 177 65.09 2.61 22.26
N ALA A 178 65.40 3.19 21.09
CA ALA A 178 65.23 2.47 19.81
C ALA A 178 65.67 0.99 19.80
N PRO A 179 66.90 0.67 20.29
CA PRO A 179 67.31 -0.75 20.32
C PRO A 179 66.45 -1.70 21.18
N ARG A 180 65.93 -1.18 22.28
CA ARG A 180 65.05 -1.93 23.16
C ARG A 180 63.71 -2.29 22.50
N PHE A 181 63.17 -1.38 21.69
CA PHE A 181 61.85 -1.59 21.10
C PHE A 181 61.86 -2.14 19.66
N HIS A 182 62.99 -2.02 19.00
CA HIS A 182 63.14 -2.48 17.63
C HIS A 182 64.29 -3.48 17.50
N PRO A 183 64.26 -4.58 18.27
CA PRO A 183 65.41 -5.50 18.25
C PRO A 183 65.69 -6.13 16.88
N SER A 184 64.65 -6.27 16.06
CA SER A 184 64.82 -6.91 14.77
C SER A 184 65.48 -6.01 13.74
N TYR A 185 65.71 -4.75 14.11
CA TYR A 185 66.41 -3.78 13.24
C TYR A 185 67.94 -3.99 13.27
N ARG A 186 68.39 -4.94 14.06
CA ARG A 186 69.76 -5.19 14.23
C ARG A 186 70.59 -5.34 12.93
N HIS A 187 70.08 -6.08 11.96
CA HIS A 187 70.81 -6.31 10.71
C HIS A 187 70.89 -4.99 9.90
N ALA A 188 69.79 -4.23 9.84
CA ALA A 188 69.83 -2.93 9.16
C ALA A 188 70.81 -1.97 9.83
N ALA A 189 70.82 -1.99 11.15
CA ALA A 189 71.68 -1.09 11.92
C ALA A 189 73.16 -1.37 11.65
N ALA A 190 73.52 -2.65 11.67
CA ALA A 190 74.88 -3.09 11.33
C ALA A 190 75.28 -2.58 9.95
N VAL A 191 74.43 -2.77 8.96
CA VAL A 191 74.75 -2.29 7.61
C VAL A 191 74.87 -0.77 7.56
N ARG A 192 73.98 -0.09 8.26
CA ARG A 192 74.07 1.38 8.29
C ARG A 192 75.41 1.85 8.82
N ARG A 193 75.89 1.21 9.88
CA ARG A 193 77.22 1.48 10.43
C ARG A 193 78.33 1.17 9.41
N GLU A 194 78.23 0.03 8.76
CA GLU A 194 79.31 -0.41 7.82
C GLU A 194 79.46 0.51 6.63
N ILE A 195 78.35 1.03 6.13
CA ILE A 195 78.42 1.88 4.94
C ILE A 195 78.62 3.35 5.26
N GLY A 196 78.17 3.78 6.44
CA GLY A 196 78.47 5.10 6.94
C GLY A 196 77.58 6.17 6.35
N VAL A 197 77.41 6.12 5.05
CA VAL A 197 76.65 7.11 4.28
C VAL A 197 75.16 7.17 4.76
N PRO A 198 74.63 8.39 4.93
CA PRO A 198 73.18 8.48 5.20
C PRO A 198 72.40 7.85 4.06
N THR A 199 71.31 7.15 4.41
CA THR A 199 70.38 6.60 3.41
C THR A 199 68.97 6.85 3.90
N VAL A 200 68.01 6.36 3.11
CA VAL A 200 66.60 6.39 3.51
C VAL A 200 66.41 5.85 4.96
N PHE A 201 67.29 4.95 5.41
CA PHE A 201 67.14 4.39 6.75
C PHE A 201 67.27 5.45 7.84
N ASN A 202 68.02 6.51 7.54
CA ASN A 202 68.22 7.63 8.46
C ASN A 202 66.92 8.39 8.73
N LEU A 203 65.91 8.23 7.88
CA LEU A 203 64.62 8.86 8.13
C LEU A 203 63.71 8.07 9.09
N LEU A 204 64.07 6.84 9.43
CA LEU A 204 63.07 5.94 10.02
C LEU A 204 62.82 6.12 11.52
N GLY A 205 63.87 6.45 12.28
CA GLY A 205 63.73 6.74 13.73
C GLY A 205 62.55 7.60 14.13
N PRO A 206 62.44 8.81 13.55
CA PRO A 206 61.33 9.67 13.97
C PRO A 206 59.96 9.16 13.54
N LEU A 207 59.94 8.23 12.57
CA LEU A 207 58.73 7.67 12.03
C LEU A 207 58.33 6.35 12.66
N THR A 208 59.14 5.87 13.61
CA THR A 208 58.97 4.51 14.16
C THR A 208 58.93 4.49 15.70
N ASN A 209 58.45 5.59 16.30
CA ASN A 209 58.18 5.58 17.75
C ASN A 209 57.18 4.45 18.05
N PRO A 210 57.57 3.47 18.89
CA PRO A 210 56.68 2.32 19.10
C PRO A 210 55.39 2.64 19.87
N ALA A 211 55.37 3.78 20.55
CA ALA A 211 54.19 4.21 21.29
C ALA A 211 53.20 4.86 20.34
N ARG A 212 53.65 5.14 19.12
CA ARG A 212 52.81 5.71 18.05
C ARG A 212 52.11 6.99 18.48
N PRO A 213 52.89 7.95 19.03
CA PRO A 213 52.24 9.21 19.34
C PRO A 213 51.72 9.88 18.07
N ARG A 214 50.66 10.65 18.22
CA ARG A 214 49.97 11.25 17.10
C ARG A 214 50.50 12.63 16.82
N ALA A 215 51.32 13.17 17.74
CA ALA A 215 51.88 14.49 17.51
C ALA A 215 53.40 14.49 17.65
N GLY A 216 54.04 15.48 17.05
CA GLY A 216 55.48 15.55 17.20
C GLY A 216 56.12 16.77 16.60
N LEU A 217 57.28 17.10 17.17
CA LEU A 217 58.21 18.07 16.58
C LEU A 217 59.36 17.23 16.02
N ILE A 218 59.46 17.22 14.70
CA ILE A 218 60.27 16.20 14.03
C ILE A 218 61.38 16.85 13.22
N GLY A 219 62.61 16.60 13.64
CA GLY A 219 63.79 17.19 13.01
C GLY A 219 64.28 16.36 11.83
N CYS A 220 64.55 17.04 10.73
CA CYS A 220 65.10 16.40 9.55
C CYS A 220 66.34 17.15 9.07
N ALA A 221 67.49 16.48 9.17
CA ALA A 221 68.82 16.96 8.71
C ALA A 221 68.89 17.18 7.19
N PHE A 222 68.09 16.40 6.46
CA PHE A 222 68.15 16.33 4.99
C PHE A 222 67.04 17.14 4.36
N ALA A 223 67.36 18.36 3.95
CA ALA A 223 66.33 19.28 3.45
C ALA A 223 65.49 18.69 2.31
N ASP A 224 66.13 17.95 1.41
CA ASP A 224 65.44 17.30 0.28
C ASP A 224 64.42 16.23 0.70
N LEU A 225 64.55 15.72 1.93
CA LEU A 225 63.75 14.59 2.39
C LEU A 225 62.75 14.95 3.47
N ALA A 226 62.80 16.20 3.94
CA ALA A 226 61.84 16.66 4.95
C ALA A 226 60.40 16.55 4.48
N GLU A 227 60.16 16.89 3.21
CA GLU A 227 58.81 16.81 2.66
C GLU A 227 58.31 15.36 2.58
N VAL A 228 59.20 14.43 2.25
CA VAL A 228 58.83 13.00 2.24
C VAL A 228 58.45 12.58 3.66
N MET A 229 59.23 12.97 4.65
CA MET A 229 58.87 12.69 6.06
C MET A 229 57.50 13.24 6.45
N ALA A 230 57.25 14.49 6.07
CA ALA A 230 55.97 15.14 6.32
C ALA A 230 54.87 14.35 5.66
N GLY A 231 55.12 13.84 4.45
CA GLY A 231 54.08 13.04 3.72
C GLY A 231 53.70 11.77 4.48
N VAL A 232 54.71 11.11 5.04
CA VAL A 232 54.45 9.94 5.88
C VAL A 232 53.55 10.27 7.09
N PHE A 233 53.89 11.34 7.82
CA PHE A 233 53.06 11.73 8.96
C PHE A 233 51.66 12.16 8.53
N ALA A 234 51.57 12.83 7.38
CA ALA A 234 50.27 13.23 6.86
C ALA A 234 49.38 12.02 6.57
N ALA A 235 50.00 10.97 6.02
CA ALA A 235 49.27 9.73 5.69
C ALA A 235 48.67 9.10 6.95
N ARG A 236 49.38 9.20 8.08
CA ARG A 236 48.87 8.73 9.36
C ARG A 236 47.99 9.73 10.09
N ARG A 237 47.74 10.86 9.46
CA ARG A 237 47.00 11.98 10.06
C ARG A 237 47.56 12.39 11.42
N SER A 238 48.88 12.48 11.52
CA SER A 238 49.52 12.99 12.73
C SER A 238 49.47 14.50 12.68
N SER A 239 49.55 15.13 13.86
CA SER A 239 49.75 16.56 13.92
C SER A 239 51.22 16.83 14.19
N VAL A 240 51.96 17.21 13.16
CA VAL A 240 53.42 17.20 13.23
C VAL A 240 54.02 18.47 12.57
N LEU A 241 55.12 18.96 13.15
CA LEU A 241 55.95 19.95 12.50
C LEU A 241 57.26 19.28 12.14
N VAL A 242 57.49 19.10 10.84
CA VAL A 242 58.79 18.62 10.40
C VAL A 242 59.70 19.83 10.17
N VAL A 243 60.82 19.85 10.87
CA VAL A 243 61.65 21.07 10.86
C VAL A 243 63.07 20.86 10.40
N HIS A 244 63.54 21.84 9.64
CA HIS A 244 64.91 21.89 9.16
C HIS A 244 65.40 23.34 9.33
N GLY A 245 66.34 23.56 10.24
CA GLY A 245 66.94 24.89 10.39
C GLY A 245 67.68 25.26 9.10
N ASP A 246 67.54 26.50 8.65
CA ASP A 246 68.20 26.92 7.41
C ASP A 246 69.74 26.98 7.51
N ASP A 247 70.24 26.63 8.70
CA ASP A 247 71.66 26.35 8.95
C ASP A 247 71.93 24.85 8.96
N GLY A 248 70.92 24.05 8.62
CA GLY A 248 71.11 22.60 8.53
C GLY A 248 70.92 21.83 9.84
N LEU A 249 70.48 22.52 10.90
CA LEU A 249 70.12 21.79 12.12
C LEU A 249 68.84 20.98 11.96
N ASP A 250 68.81 19.78 12.52
CA ASP A 250 67.55 19.02 12.64
C ASP A 250 66.70 19.45 13.86
N GLU A 251 66.53 20.77 14.02
CA GLU A 251 65.78 21.35 15.13
C GLU A 251 65.32 22.70 14.64
N LEU A 252 64.36 23.31 15.33
CA LEU A 252 64.09 24.72 15.12
C LEU A 252 65.34 25.43 15.63
N THR A 253 65.95 26.22 14.76
CA THR A 253 67.20 26.86 15.09
C THR A 253 66.97 28.30 15.56
N THR A 254 67.98 28.84 16.24
CA THR A 254 67.94 30.23 16.67
C THR A 254 69.00 31.08 15.93
N THR A 255 69.82 30.44 15.09
CA THR A 255 70.91 31.13 14.40
C THR A 255 70.44 31.84 13.12
N THR A 256 69.26 31.44 12.65
CA THR A 256 68.67 31.90 11.39
C THR A 256 67.23 31.37 11.34
N THR A 257 66.58 31.50 10.20
CA THR A 257 65.22 30.99 10.00
C THR A 257 65.20 29.44 9.90
N SER A 258 64.02 28.85 9.99
CA SER A 258 63.91 27.38 9.83
C SER A 258 62.88 27.11 8.77
N THR A 259 63.03 25.99 8.06
CA THR A 259 61.96 25.55 7.21
C THR A 259 61.08 24.56 7.99
N ILE A 260 59.77 24.77 7.90
CA ILE A 260 58.78 23.93 8.61
C ILE A 260 57.81 23.31 7.62
N TRP A 261 57.70 21.99 7.67
CA TRP A 261 56.62 21.33 6.93
C TRP A 261 55.55 21.03 7.96
N ARG A 262 54.48 21.80 7.87
CA ARG A 262 53.39 21.69 8.84
C ARG A 262 52.40 20.64 8.35
N VAL A 263 52.20 19.62 9.19
CA VAL A 263 51.31 18.52 8.88
C VAL A 263 50.07 18.66 9.78
N ALA A 264 48.92 18.80 9.14
CA ALA A 264 47.64 19.03 9.81
C ALA A 264 46.55 18.58 8.87
N ALA A 265 45.58 17.83 9.39
CA ALA A 265 44.41 17.39 8.61
C ALA A 265 44.79 16.54 7.39
N GLY A 266 45.93 15.85 7.46
CA GLY A 266 46.38 14.97 6.39
C GLY A 266 47.00 15.69 5.20
N SER A 267 47.35 16.97 5.38
CA SER A 267 48.02 17.71 4.32
C SER A 267 49.20 18.50 4.86
N VAL A 268 50.13 18.81 3.95
CA VAL A 268 51.39 19.43 4.28
C VAL A 268 51.46 20.86 3.74
N ASP A 269 51.79 21.78 4.64
CA ASP A 269 52.10 23.18 4.33
C ASP A 269 53.60 23.40 4.47
N LYS A 270 54.25 24.05 3.52
CA LYS A 270 55.64 24.43 3.73
C LYS A 270 55.72 25.92 4.07
N LEU A 271 56.50 26.25 5.09
CA LEU A 271 56.68 27.65 5.44
C LEU A 271 58.03 27.95 6.02
N THR A 272 58.38 29.24 6.01
CA THR A 272 59.61 29.73 6.62
C THR A 272 59.28 30.32 8.00
N PHE A 273 60.03 29.89 8.99
CA PHE A 273 59.77 30.28 10.36
C PHE A 273 60.94 31.10 10.85
N ASP A 274 60.64 32.24 11.44
CA ASP A 274 61.66 33.17 11.93
C ASP A 274 61.46 33.43 13.44
N PRO A 275 62.39 32.95 14.28
CA PRO A 275 62.31 33.08 15.74
C PRO A 275 62.40 34.54 16.20
N ALA A 276 63.17 35.36 15.49
CA ALA A 276 63.28 36.80 15.78
C ALA A 276 61.89 37.42 15.83
N GLY A 277 60.97 36.83 15.08
CA GLY A 277 59.56 37.21 15.13
C GLY A 277 58.89 37.09 16.50
N PHE A 278 59.54 36.38 17.42
CA PHE A 278 59.02 36.25 18.79
C PHE A 278 59.98 36.84 19.81
N GLY A 279 60.87 37.71 19.34
CA GLY A 279 61.83 38.40 20.19
C GLY A 279 63.12 37.62 20.40
N PHE A 280 63.29 36.49 19.72
CA PHE A 280 64.50 35.69 19.87
C PHE A 280 65.69 36.36 19.22
N ALA A 281 66.77 36.50 19.97
CA ALA A 281 68.01 37.08 19.49
C ALA A 281 68.77 36.04 18.67
N ARG A 282 69.41 36.46 17.59
CA ARG A 282 70.19 35.55 16.74
C ARG A 282 71.40 34.98 17.47
N ALA A 283 71.51 33.67 17.45
CA ALA A 283 72.65 33.01 18.07
C ALA A 283 73.68 32.59 17.02
N GLN A 284 74.81 32.12 17.50
CA GLN A 284 75.85 31.56 16.67
C GLN A 284 75.83 30.07 16.92
N LEU A 285 75.95 29.30 15.86
CA LEU A 285 75.98 27.85 15.94
C LEU A 285 76.96 27.34 17.00
N ASP A 286 78.12 28.00 17.10
CA ASP A 286 79.12 27.64 18.11
C ASP A 286 78.54 27.69 19.54
N GLN A 287 77.58 28.58 19.76
CA GLN A 287 76.93 28.71 21.06
C GLN A 287 75.98 27.55 21.41
N LEU A 288 75.64 26.75 20.41
CA LEU A 288 74.75 25.59 20.58
C LEU A 288 75.54 24.30 20.61
N ALA A 289 76.84 24.39 20.30
CA ALA A 289 77.74 23.22 20.28
C ALA A 289 77.70 22.39 21.54
N GLY A 290 77.75 21.07 21.37
CA GLY A 290 77.79 20.16 22.50
C GLY A 290 79.13 19.49 22.69
N GLY A 291 79.20 18.58 23.66
CA GLY A 291 80.42 17.82 23.95
C GLY A 291 80.05 16.39 24.21
N ASP A 292 80.72 15.77 25.18
CA ASP A 292 80.41 14.38 25.53
C ASP A 292 79.14 14.34 26.41
N ALA A 293 78.83 13.16 26.94
CA ALA A 293 77.63 12.98 27.72
C ALA A 293 77.63 13.84 28.99
N GLN A 294 78.79 13.93 29.67
CA GLN A 294 78.94 14.76 30.88
C GLN A 294 78.73 16.24 30.60
N ALA A 295 79.36 16.75 29.56
CA ALA A 295 79.12 18.14 29.14
C ALA A 295 77.65 18.42 28.79
N ASN A 296 77.07 17.52 28.01
CA ASN A 296 75.72 17.71 27.51
C ASN A 296 74.70 17.62 28.65
N ALA A 297 74.99 16.73 29.61
CA ALA A 297 74.20 16.60 30.81
C ALA A 297 74.28 17.89 31.64
N ALA A 298 75.49 18.44 31.78
CA ALA A 298 75.68 19.72 32.48
C ALA A 298 74.87 20.83 31.81
N ALA A 299 74.87 20.84 30.49
CA ALA A 299 74.11 21.83 29.74
C ALA A 299 72.59 21.70 29.99
N VAL A 300 72.09 20.47 30.17
CA VAL A 300 70.68 20.23 30.52
C VAL A 300 70.38 20.83 31.90
N ARG A 301 71.14 20.39 32.92
CA ARG A 301 71.05 20.97 34.28
C ARG A 301 71.07 22.50 34.27
N ALA A 302 71.96 23.10 33.48
CA ALA A 302 72.08 24.56 33.42
C ALA A 302 70.78 25.20 32.91
N VAL A 303 70.22 24.67 31.81
CA VAL A 303 68.99 25.20 31.24
C VAL A 303 67.82 25.05 32.23
N LEU A 304 67.68 23.86 32.80
CA LEU A 304 66.59 23.58 33.72
C LEU A 304 66.72 24.36 35.03
N GLY A 305 67.94 24.76 35.37
CA GLY A 305 68.17 25.63 36.53
C GLY A 305 67.93 27.12 36.26
N GLY A 306 67.50 27.45 35.05
CA GLY A 306 67.21 28.84 34.68
C GLY A 306 68.32 29.67 34.02
N ALA A 307 69.46 29.07 33.71
CA ALA A 307 70.54 29.79 33.00
C ALA A 307 70.00 30.43 31.73
N ARG A 308 70.18 31.75 31.59
CA ARG A 308 69.72 32.46 30.40
C ARG A 308 70.80 32.38 29.33
N GLY A 309 70.42 32.65 28.08
CA GLY A 309 71.37 32.56 26.98
C GLY A 309 70.90 31.71 25.81
N PRO A 310 71.80 31.44 24.85
CA PRO A 310 71.43 30.79 23.57
C PRO A 310 70.80 29.39 23.70
N VAL A 311 71.36 28.51 24.53
CA VAL A 311 70.85 27.16 24.71
C VAL A 311 69.41 27.18 25.27
N ARG A 312 69.18 27.98 26.31
CA ARG A 312 67.82 28.11 26.84
C ARG A 312 66.89 28.56 25.73
N ASP A 313 67.29 29.57 24.95
CA ASP A 313 66.43 30.11 23.91
C ASP A 313 66.02 29.03 22.89
N ALA A 314 67.00 28.24 22.43
CA ALA A 314 66.72 27.16 21.47
C ALA A 314 65.83 26.07 22.08
N VAL A 315 66.07 25.73 23.35
CA VAL A 315 65.23 24.76 24.06
C VAL A 315 63.79 25.24 24.15
N VAL A 316 63.60 26.50 24.55
CA VAL A 316 62.25 27.07 24.68
C VAL A 316 61.55 27.09 23.33
N LEU A 317 62.28 27.44 22.29
CA LEU A 317 61.69 27.52 20.97
C LEU A 317 61.19 26.14 20.46
N ASN A 318 61.98 25.12 20.73
CA ASN A 318 61.68 23.75 20.29
C ASN A 318 60.56 23.18 21.16
N ALA A 319 60.62 23.47 22.44
CA ALA A 319 59.53 23.06 23.36
C ALA A 319 58.22 23.68 22.87
N ALA A 320 58.25 24.96 22.52
CA ALA A 320 57.06 25.63 22.05
C ALA A 320 56.53 25.00 20.78
N GLY A 321 57.43 24.64 19.86
CA GLY A 321 57.03 23.97 18.59
C GLY A 321 56.36 22.64 18.86
N ALA A 322 56.89 21.88 19.81
CA ALA A 322 56.23 20.61 20.19
C ALA A 322 54.84 20.83 20.78
N ILE A 323 54.68 21.91 21.55
CA ILE A 323 53.36 22.24 22.09
C ILE A 323 52.40 22.67 20.98
N VAL A 324 52.91 23.38 19.99
CA VAL A 324 52.06 23.76 18.86
C VAL A 324 51.54 22.54 18.08
N ALA A 325 52.44 21.59 17.84
CA ALA A 325 52.11 20.32 17.22
C ALA A 325 51.05 19.61 18.05
N HIS A 326 51.23 19.59 19.37
CA HIS A 326 50.21 18.99 20.26
C HIS A 326 48.86 19.71 20.11
N ALA A 327 48.92 21.05 20.03
CA ALA A 327 47.72 21.90 19.87
C ALA A 327 46.97 21.57 18.59
N GLY A 328 47.74 21.29 17.53
CA GLY A 328 47.22 20.93 16.21
C GLY A 328 46.34 19.69 16.15
N LEU A 329 46.35 18.90 17.23
CA LEU A 329 45.50 17.72 17.30
C LEU A 329 44.03 18.12 17.35
N SER A 330 43.77 19.41 17.57
CA SER A 330 42.42 20.01 17.40
C SER A 330 42.24 20.63 16.03
N TRP A 335 47.71 29.46 14.50
CA TRP A 335 49.17 29.34 14.34
C TRP A 335 49.92 30.30 15.30
N LEU A 336 49.79 31.60 15.04
CA LEU A 336 50.43 32.60 15.91
C LEU A 336 49.99 32.49 17.39
N PRO A 337 48.68 32.49 17.67
CA PRO A 337 48.20 32.22 19.03
C PRO A 337 48.79 30.93 19.64
N ALA A 338 48.84 29.84 18.86
CA ALA A 338 49.47 28.60 19.31
C ALA A 338 50.94 28.79 19.72
N TRP A 339 51.71 29.49 18.89
CA TRP A 339 53.12 29.74 19.21
C TRP A 339 53.30 30.59 20.47
N GLU A 340 52.52 31.65 20.60
CA GLU A 340 52.57 32.48 21.82
C GLU A 340 52.29 31.68 23.08
N GLU A 341 51.21 30.91 23.06
CA GLU A 341 50.88 30.05 24.19
C GLU A 341 51.98 29.00 24.42
N GLY A 342 52.44 28.33 23.35
CA GLY A 342 53.60 27.39 23.42
C GLY A 342 54.85 27.99 24.09
N LEU A 343 55.18 29.21 23.69
CA LEU A 343 56.37 29.88 24.20
C LEU A 343 56.18 30.28 25.67
N ARG A 344 54.98 30.72 26.00
CA ARG A 344 54.59 31.11 27.36
C ARG A 344 54.72 29.89 28.26
N ARG A 345 54.15 28.78 27.79
CA ARG A 345 54.10 27.54 28.54
C ARG A 345 55.48 26.92 28.74
N ALA A 346 56.31 26.95 27.69
CA ALA A 346 57.66 26.40 27.78
C ALA A 346 58.49 27.23 28.76
N SER A 347 58.41 28.55 28.61
CA SER A 347 59.14 29.46 29.51
C SER A 347 58.74 29.25 30.95
N ALA A 348 57.44 29.12 31.21
CA ALA A 348 56.98 29.00 32.57
C ALA A 348 57.40 27.65 33.19
N ALA A 349 57.35 26.58 32.40
CA ALA A 349 57.71 25.25 32.88
C ALA A 349 59.13 25.24 33.40
N ILE A 350 60.01 26.01 32.75
CA ILE A 350 61.37 26.14 33.25
C ILE A 350 61.39 27.11 34.45
N ASP A 351 60.82 28.31 34.26
CA ASP A 351 60.92 29.38 35.26
C ASP A 351 60.33 28.99 36.63
N THR A 352 59.27 28.17 36.64
CA THR A 352 58.67 27.74 37.89
C THR A 352 59.46 26.60 38.54
N GLY A 353 60.47 26.10 37.84
CA GLY A 353 61.21 24.93 38.31
C GLY A 353 60.51 23.62 37.98
N ALA A 354 59.35 23.68 37.32
CA ALA A 354 58.64 22.43 36.98
C ALA A 354 59.50 21.47 36.14
N ALA A 355 60.22 22.01 35.16
CA ALA A 355 61.11 21.21 34.29
C ALA A 355 62.24 20.59 35.10
N GLU A 356 62.94 21.40 35.88
CA GLU A 356 63.97 20.85 36.76
C GLU A 356 63.43 19.76 37.68
N GLN A 357 62.28 20.02 38.32
CA GLN A 357 61.70 19.02 39.20
C GLN A 357 61.27 17.79 38.46
N LEU A 358 60.75 17.96 37.25
CA LEU A 358 60.31 16.79 36.47
C LEU A 358 61.46 15.80 36.22
N LEU A 359 62.61 16.34 35.81
CA LEU A 359 63.79 15.49 35.60
C LEU A 359 64.16 14.78 36.89
N ALA A 360 64.16 15.51 38.00
CA ALA A 360 64.51 14.87 39.29
C ALA A 360 63.55 13.74 39.59
N ARG A 361 62.26 13.96 39.35
CA ARG A 361 61.25 12.92 39.58
C ARG A 361 61.47 11.74 38.62
N TRP A 362 61.88 12.04 37.39
CA TRP A 362 62.21 11.03 36.38
C TRP A 362 63.39 10.17 36.83
N VAL A 363 64.46 10.80 37.29
CA VAL A 363 65.63 10.09 37.84
C VAL A 363 65.14 9.19 39.00
N ARG A 364 64.32 9.77 39.88
CA ARG A 364 63.80 9.08 41.04
C ARG A 364 62.97 7.88 40.65
N PHE A 365 62.08 8.07 39.68
CA PHE A 365 61.20 6.99 39.23
C PHE A 365 62.02 5.74 38.84
N GLY A 366 63.14 5.98 38.15
CA GLY A 366 63.95 4.90 37.60
C GLY A 366 64.82 4.23 38.65
N ARG A 367 65.14 4.96 39.71
CA ARG A 367 65.90 4.40 40.81
C ARG A 367 64.99 3.54 41.68
N GLN A 368 63.69 3.82 41.62
CA GLN A 368 62.69 3.08 42.37
C GLN A 368 62.14 1.91 41.55
N ILE A 369 62.92 1.52 40.54
CA ILE A 369 62.70 0.30 39.75
C ILE A 369 61.47 0.39 38.81
N PRO B 24 11.22 -8.52 -45.15
CA PRO B 24 12.24 -7.49 -45.00
C PRO B 24 13.64 -8.09 -44.79
N SER B 25 14.68 -7.35 -45.21
CA SER B 25 16.06 -7.79 -45.06
C SER B 25 17.06 -6.62 -45.02
N TRP B 26 18.28 -6.89 -44.54
CA TRP B 26 19.28 -5.83 -44.53
C TRP B 26 19.63 -5.37 -45.94
N PRO B 27 19.83 -6.33 -46.89
CA PRO B 27 20.14 -5.84 -48.25
C PRO B 27 19.05 -4.98 -48.85
N GLN B 28 17.80 -5.35 -48.58
CA GLN B 28 16.66 -4.56 -49.05
C GLN B 28 16.66 -3.16 -48.42
N ILE B 29 16.71 -3.10 -47.10
CA ILE B 29 16.65 -1.83 -46.40
C ILE B 29 17.86 -0.93 -46.66
N LEU B 30 19.06 -1.47 -46.46
CA LEU B 30 20.30 -0.71 -46.72
C LEU B 30 20.37 -0.25 -48.17
N GLY B 31 19.94 -1.10 -49.10
CA GLY B 31 19.92 -0.70 -50.53
C GLY B 31 19.00 0.46 -50.82
N ARG B 32 17.84 0.46 -50.17
CA ARG B 32 16.89 1.52 -50.43
C ARG B 32 17.44 2.84 -49.87
N LEU B 33 18.06 2.75 -48.69
CA LEU B 33 18.73 3.91 -48.09
C LEU B 33 19.89 4.41 -48.94
N THR B 34 20.75 3.52 -49.42
CA THR B 34 21.87 4.00 -50.25
C THR B 34 21.41 4.47 -51.62
N ASP B 35 20.20 4.08 -52.04
CA ASP B 35 19.57 4.67 -53.24
C ASP B 35 18.95 6.01 -52.95
N ASN B 36 19.14 6.49 -51.71
CA ASN B 36 18.60 7.77 -51.25
C ASN B 36 17.08 7.84 -51.29
N ARG B 37 16.44 6.72 -50.96
CA ARG B 37 14.98 6.70 -50.90
C ARG B 37 14.53 6.55 -49.46
N ASP B 38 13.45 7.22 -49.15
CA ASP B 38 12.75 6.97 -47.90
C ASP B 38 12.36 5.51 -47.80
N LEU B 39 12.35 5.01 -46.58
CA LEU B 39 11.93 3.63 -46.35
C LEU B 39 10.44 3.43 -46.53
N ALA B 40 10.06 2.19 -46.86
CA ALA B 40 8.66 1.79 -46.83
C ALA B 40 8.20 1.80 -45.37
N ARG B 41 6.92 2.09 -45.16
CA ARG B 41 6.33 2.06 -43.82
C ARG B 41 6.64 0.71 -43.13
N GLY B 42 7.14 0.77 -41.92
CA GLY B 42 7.46 -0.47 -41.18
C GLY B 42 8.90 -0.95 -41.29
N GLN B 43 9.61 -0.52 -42.33
CA GLN B 43 11.00 -0.99 -42.54
C GLN B 43 11.98 -0.48 -41.46
N ALA B 44 11.92 0.80 -41.14
CA ALA B 44 12.74 1.34 -40.04
C ALA B 44 12.46 0.57 -38.75
N ALA B 45 11.18 0.29 -38.48
CA ALA B 45 10.76 -0.50 -37.31
C ALA B 45 11.35 -1.91 -37.31
N TRP B 46 11.23 -2.63 -38.45
CA TRP B 46 11.88 -3.94 -38.59
C TRP B 46 13.38 -3.85 -38.25
N ALA B 47 14.04 -2.84 -38.79
CA ALA B 47 15.48 -2.73 -38.59
C ALA B 47 15.79 -2.48 -37.12
N MET B 48 15.05 -1.55 -36.50
CA MET B 48 15.37 -1.17 -35.11
C MET B 48 15.12 -2.40 -34.25
N ASP B 49 14.10 -3.18 -34.64
CA ASP B 49 13.72 -4.32 -33.84
C ASP B 49 14.75 -5.44 -33.92
N GLN B 50 15.34 -5.64 -35.11
CA GLN B 50 16.50 -6.53 -35.28
C GLN B 50 17.62 -6.08 -34.37
N ILE B 51 17.89 -4.78 -34.38
CA ILE B 51 18.94 -4.20 -33.55
C ILE B 51 18.68 -4.37 -32.04
N MET B 52 17.43 -4.19 -31.62
CA MET B 52 17.06 -4.24 -30.20
C MET B 52 16.96 -5.68 -29.65
N THR B 53 16.96 -6.67 -30.54
CA THR B 53 16.76 -8.06 -30.14
C THR B 53 18.07 -8.86 -30.23
N GLY B 54 19.18 -8.16 -30.44
CA GLY B 54 20.49 -8.79 -30.59
C GLY B 54 20.67 -9.59 -31.88
N ASN B 55 19.76 -9.38 -32.83
CA ASN B 55 19.80 -10.11 -34.10
C ASN B 55 20.61 -9.43 -35.21
N ALA B 56 21.19 -8.28 -34.92
CA ALA B 56 21.87 -7.55 -35.96
C ALA B 56 23.36 -7.54 -35.69
N ARG B 57 24.15 -7.89 -36.70
CA ARG B 57 25.60 -7.82 -36.60
C ARG B 57 26.03 -6.35 -36.40
N PRO B 58 27.13 -6.11 -35.66
CA PRO B 58 27.61 -4.73 -35.54
C PRO B 58 27.74 -4.01 -36.89
N ALA B 59 28.21 -4.71 -37.93
CA ALA B 59 28.29 -4.12 -39.28
C ALA B 59 26.94 -3.64 -39.82
N GLN B 60 25.90 -4.44 -39.61
CA GLN B 60 24.54 -4.10 -40.06
C GLN B 60 24.01 -2.89 -39.28
N ILE B 61 24.21 -2.92 -37.98
CA ILE B 61 23.82 -1.78 -37.14
C ILE B 61 24.44 -0.49 -37.68
N ALA B 62 25.76 -0.55 -37.92
CA ALA B 62 26.51 0.63 -38.28
C ALA B 62 26.07 1.10 -39.65
N ALA B 63 25.89 0.15 -40.59
CA ALA B 63 25.48 0.51 -41.94
C ALA B 63 24.13 1.19 -41.91
N PHE B 64 23.21 0.58 -41.15
CA PHE B 64 21.89 1.17 -41.00
C PHE B 64 21.96 2.60 -40.41
N ALA B 65 22.63 2.76 -39.28
CA ALA B 65 22.75 4.08 -38.65
C ALA B 65 23.30 5.14 -39.62
N VAL B 66 24.37 4.80 -40.34
CA VAL B 66 24.98 5.71 -41.29
C VAL B 66 24.08 6.01 -42.49
N ALA B 67 23.53 4.96 -43.09
CA ALA B 67 22.73 5.09 -44.30
C ALA B 67 21.48 5.91 -44.02
N MET B 68 20.86 5.65 -42.86
CA MET B 68 19.75 6.47 -42.32
C MET B 68 20.09 7.97 -42.27
N THR B 69 21.24 8.26 -41.69
CA THR B 69 21.66 9.65 -41.45
C THR B 69 21.93 10.35 -42.76
N MET B 70 22.62 9.66 -43.66
CA MET B 70 22.99 10.28 -44.91
C MET B 70 21.85 10.43 -45.89
N LYS B 71 20.88 9.52 -45.84
CA LYS B 71 19.70 9.66 -46.68
C LYS B 71 18.90 10.92 -46.25
N ALA B 72 18.85 11.16 -44.95
CA ALA B 72 18.12 12.25 -44.33
C ALA B 72 16.85 11.63 -43.78
N PRO B 73 16.87 11.28 -42.49
CA PRO B 73 15.73 10.56 -41.91
C PRO B 73 14.48 11.43 -41.89
N THR B 74 13.34 10.76 -41.99
CA THR B 74 12.05 11.45 -41.90
C THR B 74 11.48 11.26 -40.50
N ALA B 75 10.52 12.11 -40.14
CA ALA B 75 9.82 11.96 -38.85
C ALA B 75 9.17 10.60 -38.72
N ASP B 76 8.61 10.07 -39.82
CA ASP B 76 7.96 8.74 -39.79
C ASP B 76 9.00 7.69 -39.40
N GLU B 77 10.18 7.75 -40.06
CA GLU B 77 11.26 6.79 -39.83
C GLU B 77 11.79 6.83 -38.41
N VAL B 78 12.17 8.03 -37.95
CA VAL B 78 12.65 8.21 -36.57
C VAL B 78 11.57 7.79 -35.55
N GLY B 79 10.35 8.18 -35.84
CA GLY B 79 9.18 7.72 -35.05
C GLY B 79 9.11 6.20 -34.98
N GLU B 80 9.36 5.48 -36.09
CA GLU B 80 9.43 4.02 -36.01
C GLU B 80 10.53 3.51 -35.11
N LEU B 81 11.72 4.13 -35.21
CA LEU B 81 12.87 3.74 -34.40
C LEU B 81 12.57 3.93 -32.92
N ALA B 82 12.10 5.12 -32.58
CA ALA B 82 11.72 5.44 -31.19
C ALA B 82 10.62 4.49 -30.65
N GLY B 83 9.62 4.20 -31.47
CA GLY B 83 8.50 3.32 -31.10
C GLY B 83 9.01 1.95 -30.74
N VAL B 84 9.99 1.47 -31.51
CA VAL B 84 10.54 0.14 -31.26
C VAL B 84 11.29 0.14 -29.95
N MET B 85 12.11 1.16 -29.73
CA MET B 85 12.77 1.30 -28.44
C MET B 85 11.79 1.31 -27.29
N LEU B 86 10.71 2.07 -27.44
CA LEU B 86 9.76 2.20 -26.35
C LEU B 86 9.06 0.86 -26.10
N SER B 87 8.83 0.10 -27.16
CA SER B 87 8.12 -1.15 -26.99
C SER B 87 9.02 -2.16 -26.23
N HIS B 88 10.34 -1.99 -26.32
CA HIS B 88 11.32 -2.85 -25.65
C HIS B 88 11.77 -2.33 -24.29
N ALA B 89 11.48 -1.07 -24.01
CA ALA B 89 11.91 -0.48 -22.74
C ALA B 89 11.06 -1.01 -21.57
N HIS B 90 11.65 -0.97 -20.36
CA HIS B 90 10.88 -1.18 -19.13
C HIS B 90 9.89 -0.03 -18.93
N PRO B 91 8.56 -0.33 -18.85
CA PRO B 91 7.63 0.78 -18.61
C PRO B 91 7.59 1.13 -17.12
N LEU B 92 7.03 2.26 -16.78
CA LEU B 92 6.77 2.52 -15.38
C LEU B 92 5.44 1.83 -15.03
N PRO B 93 5.21 1.53 -13.74
CA PRO B 93 3.93 0.86 -13.41
C PRO B 93 2.71 1.69 -13.85
N ALA B 94 1.59 1.00 -14.11
CA ALA B 94 0.38 1.64 -14.60
C ALA B 94 -0.08 2.77 -13.68
N ASP B 95 -0.52 3.87 -14.27
CA ASP B 95 -1.09 5.00 -13.52
C ASP B 95 -0.15 5.58 -12.46
N THR B 96 1.16 5.57 -12.74
CA THR B 96 2.13 6.20 -11.82
C THR B 96 2.75 7.47 -12.39
N VAL B 97 2.55 7.73 -13.68
CA VAL B 97 3.10 8.94 -14.25
C VAL B 97 1.91 9.87 -14.50
N PRO B 98 1.94 11.09 -13.94
CA PRO B 98 0.76 11.93 -14.20
C PRO B 98 0.70 12.39 -15.64
N ASP B 99 -0.52 12.68 -16.07
CA ASP B 99 -0.86 13.04 -17.44
C ASP B 99 -0.04 14.21 -17.96
N ASP B 100 0.43 15.04 -17.04
CA ASP B 100 1.08 16.29 -17.40
C ASP B 100 2.59 16.34 -17.06
N ALA B 101 3.20 15.19 -16.80
CA ALA B 101 4.63 15.11 -16.52
C ALA B 101 5.47 15.64 -17.67
N VAL B 102 6.61 16.25 -17.34
CA VAL B 102 7.47 16.84 -18.35
C VAL B 102 8.88 16.26 -18.23
N ASP B 103 9.57 16.26 -19.36
CA ASP B 103 10.97 15.86 -19.47
C ASP B 103 11.77 17.10 -19.84
N VAL B 104 13.06 17.11 -19.51
CA VAL B 104 13.97 18.17 -19.95
C VAL B 104 15.25 17.43 -20.30
N VAL B 105 15.51 17.30 -21.60
CA VAL B 105 16.58 16.42 -22.07
C VAL B 105 16.99 16.84 -23.49
N GLY B 106 18.28 16.70 -23.78
CA GLY B 106 18.79 17.03 -25.11
C GLY B 106 19.49 15.85 -25.72
N THR B 107 19.77 15.95 -27.01
CA THR B 107 20.58 14.95 -27.70
C THR B 107 22.01 14.85 -27.16
N GLY B 108 22.49 15.89 -26.50
CA GLY B 108 23.92 16.03 -26.27
C GLY B 108 24.64 16.20 -27.60
N GLY B 109 25.97 16.16 -27.55
CA GLY B 109 26.77 16.19 -28.74
C GLY B 109 26.90 17.57 -29.33
N ASP B 110 26.73 18.60 -28.50
CA ASP B 110 26.87 19.98 -29.00
C ASP B 110 28.31 20.51 -29.07
N GLY B 111 29.30 19.73 -28.65
CA GLY B 111 30.71 20.14 -28.88
C GLY B 111 31.21 21.22 -27.92
N VAL B 112 30.29 21.74 -27.11
CA VAL B 112 30.62 22.68 -26.03
C VAL B 112 30.34 21.93 -24.74
N ASN B 113 31.32 21.83 -23.86
CA ASN B 113 31.00 21.21 -22.60
C ASN B 113 30.41 22.31 -21.71
N THR B 114 29.11 22.23 -21.46
CA THR B 114 28.45 23.20 -20.61
C THR B 114 28.16 22.57 -19.26
N VAL B 115 27.82 23.41 -18.29
CA VAL B 115 27.14 22.91 -17.08
C VAL B 115 25.86 22.18 -17.53
N ASN B 116 25.27 21.37 -16.65
CA ASN B 116 24.14 20.55 -16.97
C ASN B 116 22.86 21.33 -16.89
N LEU B 117 22.61 22.15 -17.89
CA LEU B 117 21.47 23.06 -17.85
C LEU B 117 20.11 22.38 -17.75
N SER B 118 19.92 21.27 -18.48
CA SER B 118 18.65 20.54 -18.43
C SER B 118 18.40 19.95 -17.06
N THR B 119 19.43 19.36 -16.45
CA THR B 119 19.26 18.77 -15.13
C THR B 119 18.91 19.84 -14.06
N MET B 120 19.59 20.99 -14.10
CA MET B 120 19.27 22.09 -13.19
C MET B 120 17.88 22.62 -13.46
N ALA B 121 17.54 22.84 -14.74
CA ALA B 121 16.19 23.26 -15.06
C ALA B 121 15.14 22.25 -14.56
N ALA B 122 15.39 20.95 -14.73
CA ALA B 122 14.43 19.92 -14.27
C ALA B 122 14.14 20.01 -12.77
N ILE B 123 15.20 20.22 -11.98
CA ILE B 123 15.05 20.39 -10.52
C ILE B 123 14.18 21.62 -10.23
N VAL B 124 14.49 22.73 -10.89
CA VAL B 124 13.71 23.97 -10.70
C VAL B 124 12.25 23.77 -11.08
N VAL B 125 12.03 23.12 -12.23
CA VAL B 125 10.66 22.86 -12.76
C VAL B 125 9.86 22.02 -11.78
N ALA B 126 10.50 20.97 -11.24
CA ALA B 126 9.86 20.11 -10.26
C ALA B 126 9.50 20.90 -9.04
N ALA B 127 10.43 21.76 -8.63
CA ALA B 127 10.24 22.59 -7.44
C ALA B 127 9.09 23.56 -7.62
N ALA B 128 8.86 23.98 -8.86
CA ALA B 128 7.73 24.84 -9.16
C ALA B 128 6.41 24.05 -9.12
N GLY B 129 6.46 22.74 -8.94
CA GLY B 129 5.24 21.90 -8.81
C GLY B 129 4.81 21.21 -10.11
N VAL B 130 5.65 21.30 -11.14
CA VAL B 130 5.38 20.52 -12.36
C VAL B 130 6.03 19.15 -12.21
N PRO B 131 5.27 18.04 -12.39
CA PRO B 131 5.87 16.70 -12.33
C PRO B 131 6.93 16.52 -13.40
N VAL B 132 8.12 16.06 -13.00
CA VAL B 132 9.22 15.89 -13.96
C VAL B 132 9.68 14.45 -13.96
N VAL B 133 9.71 13.80 -15.14
CA VAL B 133 10.42 12.53 -15.28
C VAL B 133 11.48 12.72 -16.35
N LYS B 134 12.69 12.97 -15.89
CA LYS B 134 13.76 13.28 -16.79
C LYS B 134 14.40 11.99 -17.27
N HIS B 135 14.56 11.87 -18.58
CA HIS B 135 15.36 10.79 -19.17
C HIS B 135 16.83 11.24 -19.22
N GLY B 136 17.74 10.37 -18.84
CA GLY B 136 19.12 10.80 -18.85
C GLY B 136 20.16 9.73 -19.00
N ASN B 137 21.40 10.17 -19.14
CA ASN B 137 22.49 9.25 -19.33
C ASN B 137 23.79 9.90 -18.87
N ARG B 138 24.80 9.07 -18.65
CA ARG B 138 26.16 9.57 -18.44
C ARG B 138 26.68 10.26 -19.70
N ALA B 139 27.79 10.99 -19.58
CA ALA B 139 28.40 11.68 -20.74
C ALA B 139 28.87 10.73 -21.83
N SER B 144 30.99 15.80 -18.24
CA SER B 144 30.10 15.33 -17.18
C SER B 144 28.65 15.52 -17.56
N GLY B 145 27.99 14.43 -17.92
CA GLY B 145 26.58 14.48 -18.30
C GLY B 145 25.64 14.62 -17.12
N GLY B 146 24.35 14.69 -17.41
CA GLY B 146 23.34 14.87 -16.38
C GLY B 146 23.42 13.78 -15.33
N ALA B 147 23.46 12.53 -15.75
CA ALA B 147 23.51 11.40 -14.79
C ALA B 147 24.78 11.47 -13.93
N ASP B 148 25.92 11.85 -14.54
CA ASP B 148 27.19 11.97 -13.80
C ASP B 148 27.11 13.03 -12.72
N THR B 149 26.52 14.17 -13.06
CA THR B 149 26.39 15.25 -12.12
C THR B 149 25.39 14.94 -11.00
N LEU B 150 24.28 14.27 -11.36
CA LEU B 150 23.27 13.87 -10.36
C LEU B 150 23.91 12.89 -9.38
N GLU B 151 24.73 12.00 -9.91
CA GLU B 151 25.47 11.06 -9.06
C GLU B 151 26.39 11.84 -8.10
N ALA B 152 27.14 12.82 -8.60
CA ALA B 152 28.01 13.61 -7.73
C ALA B 152 27.25 14.36 -6.65
N LEU B 153 26.00 14.76 -6.94
CA LEU B 153 25.14 15.44 -5.97
C LEU B 153 24.55 14.48 -4.96
N GLY B 154 24.77 13.18 -5.18
CA GLY B 154 24.28 12.13 -4.29
C GLY B 154 22.88 11.63 -4.59
N VAL B 155 22.36 11.95 -5.77
CA VAL B 155 21.08 11.42 -6.23
C VAL B 155 21.25 10.01 -6.77
N ARG B 156 20.32 9.11 -6.44
CA ARG B 156 20.31 7.76 -7.01
C ARG B 156 19.84 7.86 -8.46
N ILE B 157 20.74 7.57 -9.37
CA ILE B 157 20.41 7.70 -10.77
C ILE B 157 19.81 6.44 -11.39
N ASP B 158 19.99 5.28 -10.75
CA ASP B 158 19.72 4.02 -11.46
C ASP B 158 18.53 3.24 -10.91
N LEU B 159 17.54 3.96 -10.40
CA LEU B 159 16.38 3.29 -9.85
C LEU B 159 15.57 2.64 -10.96
N GLY B 160 14.95 1.51 -10.64
CA GLY B 160 14.06 0.84 -11.58
C GLY B 160 12.68 1.46 -11.61
N PRO B 161 11.79 0.94 -12.48
CA PRO B 161 10.45 1.54 -12.74
C PRO B 161 9.66 1.89 -11.45
N ASP B 162 9.62 0.95 -10.50
CA ASP B 162 8.83 1.09 -9.27
C ASP B 162 9.36 2.27 -8.46
N LEU B 163 10.67 2.36 -8.31
CA LEU B 163 11.26 3.38 -7.44
C LEU B 163 11.28 4.76 -8.09
N VAL B 164 11.38 4.80 -9.41
CA VAL B 164 11.27 6.05 -10.15
C VAL B 164 9.87 6.58 -9.98
N ALA B 165 8.87 5.69 -10.08
CA ALA B 165 7.47 6.05 -9.81
C ALA B 165 7.29 6.61 -8.39
N ARG B 166 7.90 5.96 -7.40
CA ARG B 166 7.83 6.45 -6.02
C ARG B 166 8.53 7.79 -5.89
N SER B 167 9.70 7.93 -6.51
CA SER B 167 10.43 9.20 -6.50
C SER B 167 9.56 10.34 -7.04
N LEU B 168 8.92 10.08 -8.15
CA LEU B 168 8.05 11.08 -8.77
C LEU B 168 6.90 11.46 -7.80
N ALA B 169 6.25 10.45 -7.23
CA ALA B 169 5.13 10.71 -6.32
C ALA B 169 5.57 11.46 -5.05
N GLU B 170 6.68 11.05 -4.45
CA GLU B 170 7.14 11.58 -3.16
C GLU B 170 7.97 12.84 -3.25
N VAL B 171 8.77 12.96 -4.31
CA VAL B 171 9.69 14.07 -4.42
C VAL B 171 9.20 15.09 -5.47
N GLY B 172 8.48 14.61 -6.48
CA GLY B 172 7.98 15.45 -7.59
C GLY B 172 8.83 15.32 -8.85
N ILE B 173 9.86 14.48 -8.77
CA ILE B 173 10.81 14.29 -9.86
C ILE B 173 11.32 12.86 -9.80
N GLY B 174 11.43 12.26 -10.98
CA GLY B 174 12.08 10.97 -11.13
C GLY B 174 13.13 11.05 -12.23
N PHE B 175 14.12 10.18 -12.14
CA PHE B 175 15.17 10.16 -13.18
C PHE B 175 15.24 8.75 -13.76
N CYS B 176 14.99 8.64 -15.06
CA CYS B 176 15.06 7.38 -15.75
C CYS B 176 16.43 7.32 -16.42
N PHE B 177 17.30 6.48 -15.90
CA PHE B 177 18.63 6.33 -16.43
C PHE B 177 18.54 5.43 -17.64
N ALA B 178 18.92 5.95 -18.81
CA ALA B 178 18.75 5.21 -20.08
C ALA B 178 19.21 3.74 -20.06
N PRO B 179 20.48 3.46 -19.64
CA PRO B 179 20.90 2.04 -19.63
C PRO B 179 20.02 1.11 -18.77
N ARG B 180 19.44 1.67 -17.71
CA ARG B 180 18.58 0.92 -16.77
C ARG B 180 17.28 0.55 -17.43
N PHE B 181 16.73 1.46 -18.24
CA PHE B 181 15.44 1.24 -18.83
C PHE B 181 15.48 0.70 -20.24
N HIS B 182 16.62 0.80 -20.91
CA HIS B 182 16.73 0.32 -22.31
C HIS B 182 17.87 -0.70 -22.45
N PRO B 183 17.83 -1.81 -21.68
CA PRO B 183 19.00 -2.70 -21.72
C PRO B 183 19.28 -3.30 -23.11
N SER B 184 18.25 -3.49 -23.92
CA SER B 184 18.38 -4.07 -25.26
C SER B 184 19.05 -3.13 -26.28
N TYR B 185 19.24 -1.88 -25.88
CA TYR B 185 19.92 -0.90 -26.73
C TYR B 185 21.42 -1.05 -26.68
N ARG B 186 21.89 -1.96 -25.82
CA ARG B 186 23.28 -2.25 -25.55
C ARG B 186 24.14 -2.35 -26.82
N HIS B 187 23.64 -3.14 -27.76
CA HIS B 187 24.36 -3.38 -29.00
C HIS B 187 24.48 -2.13 -29.86
N ALA B 188 23.37 -1.41 -30.05
CA ALA B 188 23.39 -0.14 -30.77
C ALA B 188 24.34 0.87 -30.09
N ALA B 189 24.29 0.94 -28.77
CA ALA B 189 25.15 1.89 -28.04
C ALA B 189 26.64 1.57 -28.25
N ALA B 190 27.01 0.28 -28.20
CA ALA B 190 28.39 -0.13 -28.46
C ALA B 190 28.84 0.32 -29.85
N VAL B 191 28.03 0.05 -30.86
CA VAL B 191 28.32 0.51 -32.23
C VAL B 191 28.46 2.04 -32.36
N ARG B 192 27.53 2.77 -31.77
CA ARG B 192 27.64 4.23 -31.73
C ARG B 192 29.00 4.70 -31.20
N ARG B 193 29.47 4.07 -30.12
CA ARG B 193 30.77 4.43 -29.53
C ARG B 193 31.92 4.09 -30.47
N GLU B 194 31.84 2.92 -31.11
CA GLU B 194 32.87 2.50 -32.05
C GLU B 194 33.01 3.41 -33.25
N ILE B 195 31.89 3.91 -33.77
CA ILE B 195 31.99 4.70 -34.99
C ILE B 195 32.16 6.18 -34.71
N GLY B 196 31.58 6.63 -33.59
CA GLY B 196 31.86 7.92 -33.01
C GLY B 196 31.08 9.03 -33.69
N VAL B 197 30.82 8.89 -34.98
CA VAL B 197 30.14 9.95 -35.73
C VAL B 197 28.66 10.08 -35.24
N PRO B 198 28.15 11.32 -35.09
CA PRO B 198 26.73 11.43 -34.83
C PRO B 198 25.94 10.74 -35.94
N THR B 199 24.83 10.08 -35.58
CA THR B 199 23.91 9.50 -36.55
C THR B 199 22.48 9.77 -36.06
N VAL B 200 21.51 9.28 -36.82
CA VAL B 200 20.10 9.31 -36.41
C VAL B 200 19.91 8.75 -35.00
N PHE B 201 20.73 7.78 -34.59
CA PHE B 201 20.63 7.22 -33.22
C PHE B 201 20.79 8.28 -32.14
N ASN B 202 21.61 9.30 -32.43
CA ASN B 202 21.83 10.42 -31.51
C ASN B 202 20.56 11.17 -31.21
N LEU B 203 19.52 10.99 -32.03
CA LEU B 203 18.23 11.67 -31.76
C LEU B 203 17.32 10.89 -30.82
N LEU B 204 17.64 9.63 -30.57
CA LEU B 204 16.66 8.72 -29.99
C LEU B 204 16.41 8.89 -28.49
N GLY B 205 17.47 9.23 -27.74
CA GLY B 205 17.36 9.62 -26.31
C GLY B 205 16.14 10.42 -25.87
N PRO B 206 16.01 11.67 -26.37
CA PRO B 206 14.90 12.51 -25.94
C PRO B 206 13.56 11.98 -26.39
N LEU B 207 13.58 11.09 -27.39
CA LEU B 207 12.36 10.54 -27.97
C LEU B 207 11.92 9.24 -27.31
N THR B 208 12.70 8.71 -26.38
CA THR B 208 12.42 7.38 -25.82
C THR B 208 12.37 7.37 -24.28
N ASN B 209 11.92 8.48 -23.69
CA ASN B 209 11.67 8.48 -22.24
C ASN B 209 10.68 7.33 -21.90
N PRO B 210 11.10 6.35 -21.06
CA PRO B 210 10.24 5.21 -20.86
C PRO B 210 8.96 5.51 -20.08
N ALA B 211 8.95 6.65 -19.36
CA ALA B 211 7.75 7.11 -18.64
C ALA B 211 6.75 7.76 -19.59
N ARG B 212 7.22 8.01 -20.82
CA ARG B 212 6.39 8.61 -21.89
C ARG B 212 5.65 9.91 -21.46
N PRO B 213 6.38 10.86 -20.90
CA PRO B 213 5.75 12.15 -20.57
C PRO B 213 5.25 12.82 -21.83
N ARG B 214 4.21 13.62 -21.70
CA ARG B 214 3.56 14.22 -22.86
C ARG B 214 4.07 15.61 -23.17
N ALA B 215 4.88 16.17 -22.27
CA ALA B 215 5.46 17.47 -22.50
C ALA B 215 6.95 17.40 -22.34
N GLY B 216 7.65 18.36 -22.91
CA GLY B 216 9.11 18.36 -22.82
C GLY B 216 9.74 19.61 -23.33
N LEU B 217 10.89 19.94 -22.74
CA LEU B 217 11.85 20.87 -23.33
C LEU B 217 12.98 19.99 -23.83
N ILE B 218 13.10 19.91 -25.15
CA ILE B 218 13.93 18.91 -25.82
C ILE B 218 15.04 19.60 -26.59
N GLY B 219 16.27 19.32 -26.22
CA GLY B 219 17.41 19.97 -26.86
C GLY B 219 17.90 19.12 -28.02
N CYS B 220 18.20 19.80 -29.12
CA CYS B 220 18.74 19.09 -30.26
C CYS B 220 20.03 19.81 -30.73
N ALA B 221 21.17 19.10 -30.69
CA ALA B 221 22.45 19.71 -31.09
C ALA B 221 22.56 19.88 -32.61
N PHE B 222 21.71 19.21 -33.36
CA PHE B 222 21.86 19.06 -34.78
C PHE B 222 20.80 19.89 -35.46
N ALA B 223 21.21 21.08 -35.88
CA ALA B 223 20.25 22.05 -36.42
C ALA B 223 19.33 21.45 -37.48
N ASP B 224 19.89 20.60 -38.35
CA ASP B 224 19.16 20.04 -39.49
C ASP B 224 18.17 18.91 -39.11
N LEU B 225 18.26 18.40 -37.87
CA LEU B 225 17.42 17.29 -37.47
C LEU B 225 16.40 17.70 -36.41
N ALA B 226 16.46 18.94 -35.95
CA ALA B 226 15.54 19.37 -34.90
C ALA B 226 14.07 19.31 -35.38
N GLU B 227 13.83 19.72 -36.62
CA GLU B 227 12.49 19.63 -37.21
C GLU B 227 11.92 18.20 -37.28
N VAL B 228 12.78 17.23 -37.59
CA VAL B 228 12.42 15.83 -37.62
C VAL B 228 12.05 15.35 -36.21
N MET B 229 12.85 15.74 -35.21
CA MET B 229 12.51 15.41 -33.82
C MET B 229 11.17 16.01 -33.41
N ALA B 230 10.91 17.26 -33.84
CA ALA B 230 9.65 17.93 -33.58
C ALA B 230 8.49 17.16 -34.23
N GLY B 231 8.74 16.61 -35.42
CA GLY B 231 7.73 15.82 -36.13
C GLY B 231 7.34 14.55 -35.41
N VAL B 232 8.34 13.90 -34.79
CA VAL B 232 8.08 12.73 -33.96
C VAL B 232 7.14 13.08 -32.79
N PHE B 233 7.42 14.19 -32.09
CA PHE B 233 6.56 14.57 -30.95
C PHE B 233 5.20 15.02 -31.45
N ALA B 234 5.17 15.68 -32.61
CA ALA B 234 3.89 16.09 -33.17
C ALA B 234 2.99 14.88 -33.43
N ALA B 235 3.57 13.87 -34.07
CA ALA B 235 2.87 12.61 -34.32
C ALA B 235 2.23 12.01 -33.05
N ARG B 236 2.92 12.15 -31.91
CA ARG B 236 2.50 11.66 -30.59
C ARG B 236 1.54 12.59 -29.87
N ARG B 237 1.28 13.74 -30.47
CA ARG B 237 0.53 14.82 -29.85
C ARG B 237 1.11 15.28 -28.50
N SER B 238 2.43 15.30 -28.41
CA SER B 238 3.10 15.89 -27.28
C SER B 238 3.10 17.42 -27.34
N SER B 239 3.24 18.05 -26.17
CA SER B 239 3.49 19.47 -26.08
C SER B 239 4.96 19.70 -25.77
N VAL B 240 5.72 20.03 -26.78
CA VAL B 240 7.16 20.04 -26.69
C VAL B 240 7.73 21.30 -27.33
N LEU B 241 8.79 21.86 -26.75
CA LEU B 241 9.62 22.82 -27.47
C LEU B 241 10.89 22.07 -27.78
N VAL B 242 11.18 21.88 -29.06
CA VAL B 242 12.47 21.37 -29.46
C VAL B 242 13.39 22.57 -29.64
N VAL B 243 14.52 22.57 -28.95
CA VAL B 243 15.36 23.76 -28.98
C VAL B 243 16.77 23.52 -29.46
N HIS B 244 17.26 24.48 -30.24
CA HIS B 244 18.64 24.51 -30.74
C HIS B 244 19.23 25.92 -30.54
N GLY B 245 20.19 26.08 -29.64
CA GLY B 245 20.81 27.40 -29.48
C GLY B 245 21.59 27.74 -30.74
N ASP B 246 21.47 28.97 -31.23
CA ASP B 246 22.19 29.38 -32.44
C ASP B 246 23.72 29.45 -32.29
N ASP B 247 24.18 29.25 -31.05
CA ASP B 247 25.58 28.95 -30.78
C ASP B 247 25.87 27.43 -30.81
N GLY B 248 24.87 26.61 -31.11
CA GLY B 248 25.03 25.14 -31.18
C GLY B 248 24.64 24.30 -29.96
N LEU B 249 24.33 24.96 -28.85
CA LEU B 249 23.93 24.26 -27.61
C LEU B 249 22.65 23.48 -27.81
N ASP B 250 22.55 22.28 -27.22
CA ASP B 250 21.27 21.56 -27.22
C ASP B 250 20.42 22.02 -26.03
N GLU B 251 20.37 23.33 -25.84
CA GLU B 251 19.65 23.95 -24.72
C GLU B 251 19.17 25.30 -25.25
N LEU B 252 18.27 25.94 -24.52
CA LEU B 252 17.99 27.37 -24.75
C LEU B 252 19.21 28.13 -24.22
N THR B 253 19.85 28.90 -25.10
CA THR B 253 21.10 29.57 -24.74
C THR B 253 20.85 31.02 -24.27
N THR B 254 21.86 31.60 -23.63
CA THR B 254 21.80 33.01 -23.23
C THR B 254 22.86 33.82 -24.00
N THR B 255 23.58 33.09 -24.82
CA THR B 255 24.73 33.58 -25.54
C THR B 255 24.29 34.34 -26.80
N THR B 256 23.08 34.05 -27.23
CA THR B 256 22.56 34.50 -28.52
C THR B 256 21.11 33.97 -28.62
N THR B 257 20.50 34.06 -29.79
CA THR B 257 19.15 33.53 -30.02
C THR B 257 19.13 31.98 -30.05
N SER B 258 17.94 31.40 -29.91
CA SER B 258 17.78 29.96 -30.11
C SER B 258 16.67 29.75 -31.13
N THR B 259 16.78 28.66 -31.89
CA THR B 259 15.69 28.22 -32.72
C THR B 259 14.86 27.21 -31.93
N ILE B 260 13.55 27.43 -31.93
CA ILE B 260 12.60 26.58 -31.26
C ILE B 260 11.62 26.05 -32.28
N TRP B 261 11.45 24.73 -32.28
CA TRP B 261 10.38 24.12 -33.04
C TRP B 261 9.31 23.81 -32.03
N ARG B 262 8.24 24.58 -32.11
CA ARG B 262 7.18 24.48 -31.15
C ARG B 262 6.16 23.47 -31.63
N VAL B 263 5.85 22.50 -30.77
CA VAL B 263 4.93 21.40 -31.06
C VAL B 263 3.70 21.51 -30.17
N ALA B 264 2.54 21.68 -30.80
CA ALA B 264 1.27 21.81 -30.11
C ALA B 264 0.14 21.39 -31.05
N ALA B 265 -0.87 20.70 -30.52
CA ALA B 265 -2.00 20.24 -31.34
C ALA B 265 -1.55 19.46 -32.60
N GLY B 266 -0.50 18.66 -32.46
CA GLY B 266 0.00 17.84 -33.56
C GLY B 266 0.66 18.55 -34.74
N SER B 267 0.93 19.85 -34.61
CA SER B 267 1.64 20.60 -35.65
C SER B 267 2.88 21.30 -35.11
N VAL B 268 3.79 21.63 -36.03
CA VAL B 268 5.10 22.16 -35.73
C VAL B 268 5.22 23.59 -36.26
N ASP B 269 5.66 24.51 -35.39
CA ASP B 269 5.88 25.90 -35.74
C ASP B 269 7.35 26.26 -35.45
N LYS B 270 8.05 26.80 -36.43
CA LYS B 270 9.44 27.17 -36.23
C LYS B 270 9.54 28.63 -35.81
N LEU B 271 10.21 28.90 -34.70
CA LEU B 271 10.46 30.30 -34.37
C LEU B 271 11.85 30.50 -33.78
N THR B 272 12.25 31.76 -33.67
CA THR B 272 13.51 32.13 -33.08
C THR B 272 13.19 32.84 -31.79
N PHE B 273 14.02 32.60 -30.78
CA PHE B 273 13.73 33.07 -29.47
C PHE B 273 14.92 33.89 -28.98
N ASP B 274 14.66 35.08 -28.42
CA ASP B 274 15.72 35.95 -27.92
C ASP B 274 15.46 36.28 -26.46
N PRO B 275 16.32 35.75 -25.57
CA PRO B 275 16.20 36.00 -24.16
C PRO B 275 16.29 37.50 -23.85
N ALA B 276 16.95 38.26 -24.73
CA ALA B 276 17.01 39.72 -24.52
C ALA B 276 15.60 40.32 -24.41
N GLY B 277 14.63 39.68 -25.05
CA GLY B 277 13.24 40.10 -24.99
C GLY B 277 12.62 39.96 -23.59
N PHE B 278 13.24 39.15 -22.73
CA PHE B 278 12.75 38.99 -21.35
C PHE B 278 13.71 39.61 -20.33
N GLY B 279 14.62 40.46 -20.80
CA GLY B 279 15.55 41.16 -19.94
C GLY B 279 16.86 40.44 -19.67
N PHE B 280 17.11 39.33 -20.36
CA PHE B 280 18.35 38.60 -20.13
C PHE B 280 19.54 39.22 -20.81
N ALA B 281 20.61 39.42 -20.06
CA ALA B 281 21.88 39.91 -20.58
C ALA B 281 22.54 38.84 -21.43
N ARG B 282 23.25 39.24 -22.48
CA ARG B 282 24.03 38.31 -23.29
C ARG B 282 25.17 37.75 -22.46
N ALA B 283 25.34 36.44 -22.50
CA ALA B 283 26.44 35.76 -21.85
C ALA B 283 27.46 35.37 -22.91
N GLN B 284 28.69 35.10 -22.47
CA GLN B 284 29.68 34.48 -23.33
C GLN B 284 29.59 33.01 -23.04
N LEU B 285 29.85 32.21 -24.07
CA LEU B 285 29.77 30.78 -23.96
C LEU B 285 30.69 30.23 -22.91
N ASP B 286 31.90 30.80 -22.78
CA ASP B 286 32.81 30.33 -21.73
C ASP B 286 32.20 30.44 -20.32
N GLN B 287 31.25 31.36 -20.15
CA GLN B 287 30.59 31.50 -18.84
C GLN B 287 29.65 30.34 -18.46
N LEU B 288 29.28 29.53 -19.45
CA LEU B 288 28.38 28.38 -19.27
C LEU B 288 29.15 27.05 -19.27
N ALA B 289 30.49 27.14 -19.43
CA ALA B 289 31.37 25.99 -19.51
C ALA B 289 31.32 25.12 -18.28
N GLY B 290 31.42 23.81 -18.50
CA GLY B 290 31.39 22.88 -17.38
C GLY B 290 32.74 22.29 -17.11
N GLY B 291 32.81 21.45 -16.09
CA GLY B 291 34.04 20.74 -15.79
C GLY B 291 33.71 19.30 -15.54
N ASP B 292 34.40 18.70 -14.58
CA ASP B 292 34.13 17.31 -14.21
C ASP B 292 32.86 17.27 -13.35
N ALA B 293 32.44 16.07 -12.96
CA ALA B 293 31.18 15.94 -12.24
C ALA B 293 31.15 16.75 -10.93
N GLN B 294 32.30 16.82 -10.22
CA GLN B 294 32.43 17.65 -9.02
C GLN B 294 32.19 19.13 -9.29
N ALA B 295 32.84 19.64 -10.32
CA ALA B 295 32.67 21.03 -10.76
C ALA B 295 31.22 21.32 -11.11
N ASN B 296 30.61 20.44 -11.89
CA ASN B 296 29.25 20.68 -12.35
C ASN B 296 28.26 20.56 -11.21
N ALA B 297 28.54 19.67 -10.26
CA ALA B 297 27.73 19.53 -9.07
C ALA B 297 27.82 20.79 -8.22
N ALA B 298 29.02 21.35 -8.07
CA ALA B 298 29.24 22.65 -7.40
C ALA B 298 28.40 23.73 -8.09
N ALA B 299 28.35 23.66 -9.41
CA ALA B 299 27.60 24.66 -10.18
C ALA B 299 26.10 24.58 -9.85
N VAL B 300 25.62 23.34 -9.66
CA VAL B 300 24.20 23.15 -9.34
C VAL B 300 23.91 23.73 -7.96
N ARG B 301 24.73 23.36 -6.98
CA ARG B 301 24.60 23.92 -5.64
C ARG B 301 24.64 25.45 -5.65
N ALA B 302 25.55 26.04 -6.42
CA ALA B 302 25.64 27.49 -6.45
C ALA B 302 24.33 28.11 -6.98
N VAL B 303 23.83 27.60 -8.11
CA VAL B 303 22.56 28.11 -8.66
C VAL B 303 21.40 27.93 -7.66
N LEU B 304 21.27 26.74 -7.09
CA LEU B 304 20.13 26.43 -6.21
C LEU B 304 20.20 27.21 -4.90
N GLY B 305 21.43 27.63 -4.55
CA GLY B 305 21.68 28.44 -3.36
C GLY B 305 21.43 29.92 -3.58
N GLY B 306 21.04 30.27 -4.79
CA GLY B 306 20.73 31.67 -5.11
C GLY B 306 21.81 32.51 -5.78
N ALA B 307 22.97 31.93 -6.09
CA ALA B 307 24.00 32.71 -6.83
C ALA B 307 23.48 33.32 -8.15
N ARG B 308 23.67 34.63 -8.29
CA ARG B 308 23.29 35.35 -9.49
C ARG B 308 24.42 35.28 -10.49
N GLY B 309 24.08 35.34 -11.77
CA GLY B 309 25.10 35.29 -12.80
C GLY B 309 24.57 34.52 -14.00
N PRO B 310 25.43 34.32 -15.00
CA PRO B 310 24.99 33.69 -16.24
C PRO B 310 24.44 32.26 -16.10
N VAL B 311 24.99 31.45 -15.21
CA VAL B 311 24.47 30.08 -15.13
C VAL B 311 23.02 30.09 -14.62
N ARG B 312 22.75 30.86 -13.58
CA ARG B 312 21.37 31.01 -13.10
C ARG B 312 20.45 31.48 -14.22
N ASP B 313 20.86 32.48 -14.99
CA ASP B 313 20.00 32.99 -16.04
C ASP B 313 19.65 31.84 -17.01
N ALA B 314 20.66 31.10 -17.43
CA ALA B 314 20.42 29.95 -18.34
C ALA B 314 19.52 28.90 -17.75
N VAL B 315 19.66 28.67 -16.45
CA VAL B 315 18.80 27.70 -15.76
C VAL B 315 17.35 28.15 -15.73
N VAL B 316 17.13 29.40 -15.34
CA VAL B 316 15.79 29.94 -15.23
C VAL B 316 15.11 29.94 -16.61
N LEU B 317 15.89 30.29 -17.64
CA LEU B 317 15.36 30.34 -18.99
C LEU B 317 14.93 28.95 -19.43
N ASN B 318 15.77 27.94 -19.20
CA ASN B 318 15.39 26.58 -19.60
C ASN B 318 14.26 26.00 -18.76
N ALA B 319 14.27 26.27 -17.45
CA ALA B 319 13.13 25.89 -16.62
C ALA B 319 11.83 26.55 -17.12
N ALA B 320 11.87 27.84 -17.44
CA ALA B 320 10.70 28.49 -17.99
C ALA B 320 10.20 27.82 -19.27
N GLY B 321 11.11 27.42 -20.16
CA GLY B 321 10.74 26.72 -21.40
C GLY B 321 9.99 25.44 -21.14
N ALA B 322 10.48 24.63 -20.20
CA ALA B 322 9.77 23.42 -19.84
C ALA B 322 8.41 23.70 -19.22
N ILE B 323 8.34 24.72 -18.38
CA ILE B 323 7.03 25.14 -17.87
C ILE B 323 6.10 25.60 -19.01
N VAL B 324 6.65 26.29 -20.01
CA VAL B 324 5.83 26.71 -21.15
C VAL B 324 5.32 25.46 -21.92
N ALA B 325 6.19 24.45 -22.05
CA ALA B 325 5.80 23.20 -22.74
C ALA B 325 4.67 22.53 -21.96
N HIS B 326 4.82 22.47 -20.64
CA HIS B 326 3.77 21.94 -19.75
C HIS B 326 2.43 22.70 -19.90
N ALA B 327 2.50 24.03 -19.92
CA ALA B 327 1.30 24.89 -20.14
C ALA B 327 0.62 24.56 -21.45
N GLY B 328 1.44 24.26 -22.47
CA GLY B 328 0.96 23.86 -23.79
C GLY B 328 0.09 22.60 -23.83
N LEU B 329 0.12 21.80 -22.77
CA LEU B 329 -0.78 20.66 -22.69
C LEU B 329 -2.25 21.09 -22.69
N SER B 330 -2.52 22.35 -22.34
CA SER B 330 -3.89 22.93 -22.45
C SER B 330 -4.27 23.54 -23.80
N GLU B 334 -1.18 30.53 -24.24
CA GLU B 334 -0.65 31.66 -25.04
C GLU B 334 0.82 31.96 -24.72
N TRP B 335 1.58 32.35 -25.76
CA TRP B 335 3.05 32.33 -25.76
C TRP B 335 3.77 33.33 -24.82
N LEU B 336 3.49 34.63 -24.96
CA LEU B 336 4.14 35.60 -24.09
C LEU B 336 3.75 35.43 -22.61
N PRO B 337 2.44 35.41 -22.29
CA PRO B 337 2.01 35.13 -20.90
C PRO B 337 2.60 33.86 -20.29
N ALA B 338 2.56 32.74 -21.04
CA ALA B 338 3.18 31.48 -20.64
C ALA B 338 4.66 31.66 -20.29
N TRP B 339 5.41 32.39 -21.11
CA TRP B 339 6.82 32.62 -20.81
C TRP B 339 7.03 33.48 -19.57
N GLU B 340 6.30 34.58 -19.48
CA GLU B 340 6.41 35.45 -18.28
C GLU B 340 6.05 34.67 -17.03
N GLU B 341 4.97 33.91 -17.09
CA GLU B 341 4.60 33.03 -16.00
C GLU B 341 5.68 31.98 -15.67
N GLY B 342 6.24 31.35 -16.71
CA GLY B 342 7.33 30.34 -16.56
C GLY B 342 8.57 30.91 -15.87
N LEU B 343 8.91 32.14 -16.23
CA LEU B 343 10.09 32.78 -15.69
C LEU B 343 9.83 33.18 -14.24
N ARG B 344 8.62 33.63 -13.98
CA ARG B 344 8.20 34.05 -12.63
C ARG B 344 8.30 32.85 -11.71
N ARG B 345 7.74 31.74 -12.18
CA ARG B 345 7.68 30.49 -11.40
C ARG B 345 9.06 29.86 -11.18
N ALA B 346 9.89 29.88 -12.23
CA ALA B 346 11.22 29.28 -12.12
C ALA B 346 12.09 30.07 -11.16
N SER B 347 12.04 31.40 -11.31
CA SER B 347 12.78 32.29 -10.37
C SER B 347 12.32 32.14 -8.95
N ALA B 348 11.01 32.13 -8.72
CA ALA B 348 10.48 32.03 -7.36
C ALA B 348 10.88 30.67 -6.74
N ALA B 349 10.79 29.60 -7.53
CA ALA B 349 11.22 28.27 -7.08
C ALA B 349 12.68 28.24 -6.63
N ILE B 350 13.55 29.02 -7.29
CA ILE B 350 14.91 29.12 -6.76
C ILE B 350 14.96 30.04 -5.53
N ASP B 351 14.36 31.22 -5.65
CA ASP B 351 14.52 32.28 -4.63
C ASP B 351 13.91 31.90 -3.28
N THR B 352 12.85 31.09 -3.29
CA THR B 352 12.18 30.67 -2.06
C THR B 352 12.98 29.55 -1.38
N GLY B 353 13.95 29.00 -2.10
CA GLY B 353 14.67 27.83 -1.62
C GLY B 353 13.99 26.53 -1.95
N ALA B 354 12.82 26.58 -2.60
CA ALA B 354 12.11 25.36 -2.97
C ALA B 354 12.97 24.38 -3.80
N ALA B 355 13.72 24.90 -4.76
CA ALA B 355 14.55 24.05 -5.66
C ALA B 355 15.69 23.42 -4.87
N GLU B 356 16.36 24.24 -4.05
CA GLU B 356 17.41 23.72 -3.20
C GLU B 356 16.88 22.62 -2.28
N GLN B 357 15.72 22.85 -1.66
CA GLN B 357 15.15 21.88 -0.71
C GLN B 357 14.65 20.63 -1.45
N LEU B 358 14.13 20.80 -2.66
CA LEU B 358 13.76 19.64 -3.49
C LEU B 358 14.94 18.71 -3.79
N LEU B 359 16.09 19.26 -4.15
CA LEU B 359 17.27 18.42 -4.36
C LEU B 359 17.65 17.69 -3.08
N ALA B 360 17.69 18.40 -1.95
CA ALA B 360 17.95 17.73 -0.65
C ALA B 360 16.96 16.61 -0.36
N ARG B 361 15.67 16.88 -0.59
CA ARG B 361 14.67 15.81 -0.40
C ARG B 361 14.86 14.66 -1.39
N TRP B 362 15.31 14.96 -2.60
CA TRP B 362 15.55 13.91 -3.60
C TRP B 362 16.70 13.02 -3.15
N VAL B 363 17.75 13.66 -2.66
CA VAL B 363 18.91 12.96 -2.08
C VAL B 363 18.46 12.07 -0.92
N ARG B 364 17.70 12.66 0.00
CA ARG B 364 17.16 11.96 1.15
C ARG B 364 16.34 10.75 0.68
N PHE B 365 15.45 10.97 -0.29
CA PHE B 365 14.63 9.90 -0.83
C PHE B 365 15.45 8.68 -1.22
N GLY B 366 16.55 8.90 -1.94
CA GLY B 366 17.35 7.78 -2.48
C GLY B 366 18.07 7.03 -1.38
N ARG B 367 18.45 7.76 -0.34
CA ARG B 367 19.18 7.18 0.78
C ARG B 367 18.25 6.37 1.70
N GLN B 368 16.95 6.63 1.60
CA GLN B 368 15.95 6.00 2.46
C GLN B 368 15.29 4.80 1.79
N ILE B 369 16.11 3.95 1.17
CA ILE B 369 15.67 2.71 0.49
C ILE B 369 14.40 2.86 -0.37
N PRO C 24 -9.00 3.21 49.32
CA PRO C 24 -10.25 2.71 48.71
C PRO C 24 -11.06 1.85 49.69
N SER C 25 -12.38 1.84 49.54
CA SER C 25 -13.25 1.03 50.38
C SER C 25 -14.58 0.65 49.70
N TRP C 26 -15.20 -0.40 50.21
CA TRP C 26 -16.52 -0.79 49.68
C TRP C 26 -17.53 0.35 49.82
N PRO C 27 -17.62 1.00 51.02
CA PRO C 27 -18.55 2.13 51.16
C PRO C 27 -18.29 3.26 50.18
N GLN C 28 -17.02 3.58 49.96
CA GLN C 28 -16.64 4.61 49.01
C GLN C 28 -17.04 4.21 47.57
N ILE C 29 -16.62 3.03 47.15
CA ILE C 29 -16.91 2.57 45.78
C ILE C 29 -18.42 2.36 45.52
N LEU C 30 -19.08 1.59 46.38
CA LEU C 30 -20.53 1.34 46.24
C LEU C 30 -21.34 2.62 46.32
N GLY C 31 -20.96 3.50 47.24
CA GLY C 31 -21.62 4.82 47.33
C GLY C 31 -21.54 5.62 46.06
N ARG C 32 -20.35 5.67 45.46
CA ARG C 32 -20.15 6.41 44.23
C ARG C 32 -21.05 5.84 43.14
N LEU C 33 -21.06 4.51 43.04
CA LEU C 33 -21.93 3.80 42.08
C LEU C 33 -23.43 4.03 42.31
N THR C 34 -23.88 3.91 43.55
CA THR C 34 -25.31 4.17 43.83
C THR C 34 -25.67 5.64 43.66
N ASP C 35 -24.67 6.52 43.63
CA ASP C 35 -24.91 7.93 43.30
C ASP C 35 -24.88 8.14 41.81
N ASN C 36 -24.78 7.04 41.07
CA ASN C 36 -24.71 7.07 39.63
C ASN C 36 -23.53 7.81 39.01
N ARG C 37 -22.39 7.71 39.67
CA ARG C 37 -21.19 8.35 39.18
C ARG C 37 -20.27 7.29 38.66
N ASP C 38 -19.61 7.58 37.56
CA ASP C 38 -18.49 6.78 37.09
C ASP C 38 -17.46 6.71 38.20
N LEU C 39 -16.76 5.59 38.26
CA LEU C 39 -15.70 5.46 39.24
C LEU C 39 -14.46 6.28 38.89
N ALA C 40 -13.71 6.67 39.92
CA ALA C 40 -12.34 7.17 39.75
C ALA C 40 -11.47 6.07 39.15
N ARG C 41 -10.50 6.48 38.34
CA ARG C 41 -9.53 5.53 37.77
C ARG C 41 -8.89 4.68 38.87
N GLY C 42 -8.82 3.38 38.63
CA GLY C 42 -8.26 2.42 39.60
C GLY C 42 -9.25 1.81 40.60
N GLN C 43 -10.38 2.46 40.82
CA GLN C 43 -11.36 1.93 41.81
C GLN C 43 -11.98 0.60 41.34
N ALA C 44 -12.43 0.52 40.11
CA ALA C 44 -12.94 -0.76 39.60
C ALA C 44 -11.89 -1.84 39.77
N ALA C 45 -10.61 -1.55 39.43
CA ALA C 45 -9.50 -2.49 39.60
C ALA C 45 -9.29 -2.93 41.07
N TRP C 46 -9.25 -1.95 41.99
CA TRP C 46 -9.21 -2.26 43.43
C TRP C 46 -10.30 -3.26 43.80
N ALA C 47 -11.53 -2.95 43.36
CA ALA C 47 -12.69 -3.80 43.70
C ALA C 47 -12.51 -5.20 43.13
N MET C 48 -12.09 -5.28 41.86
CA MET C 48 -12.01 -6.59 41.23
C MET C 48 -10.90 -7.38 41.90
N ASP C 49 -9.83 -6.69 42.30
CA ASP C 49 -8.71 -7.35 42.94
C ASP C 49 -9.09 -7.88 44.32
N GLN C 50 -9.89 -7.11 45.05
CA GLN C 50 -10.49 -7.58 46.32
C GLN C 50 -11.28 -8.85 46.06
N ILE C 51 -12.13 -8.82 45.05
CA ILE C 51 -12.95 -9.97 44.68
C ILE C 51 -12.09 -11.19 44.30
N MET C 52 -11.02 -10.94 43.54
CA MET C 52 -10.19 -12.03 43.03
C MET C 52 -9.24 -12.64 44.09
N THR C 53 -9.07 -11.96 45.23
CA THR C 53 -8.13 -12.42 46.23
C THR C 53 -8.85 -13.07 47.42
N GLY C 54 -10.16 -13.28 47.29
CA GLY C 54 -10.96 -13.83 48.36
C GLY C 54 -11.10 -12.88 49.53
N ASN C 55 -10.90 -11.59 49.28
CA ASN C 55 -11.05 -10.57 50.32
C ASN C 55 -12.41 -9.91 50.40
N ALA C 56 -13.32 -10.25 49.50
CA ALA C 56 -14.62 -9.59 49.47
C ALA C 56 -15.72 -10.55 49.89
N ARG C 57 -16.56 -10.11 50.83
CA ARG C 57 -17.70 -10.92 51.29
C ARG C 57 -18.66 -11.11 50.10
N PRO C 58 -19.34 -12.26 50.03
CA PRO C 58 -20.35 -12.43 48.97
C PRO C 58 -21.27 -11.22 48.78
N ALA C 59 -21.67 -10.57 49.89
CA ALA C 59 -22.56 -9.38 49.82
C ALA C 59 -21.93 -8.19 49.13
N GLN C 60 -20.63 -7.97 49.38
CA GLN C 60 -19.89 -6.94 48.69
C GLN C 60 -19.73 -7.24 47.20
N ILE C 61 -19.37 -8.47 46.90
CA ILE C 61 -19.27 -8.90 45.48
C ILE C 61 -20.58 -8.56 44.76
N ALA C 62 -21.69 -9.00 45.36
CA ALA C 62 -23.02 -8.86 44.75
C ALA C 62 -23.38 -7.39 44.60
N ALA C 63 -23.19 -6.60 45.66
CA ALA C 63 -23.51 -5.16 45.59
C ALA C 63 -22.71 -4.48 44.48
N PHE C 64 -21.41 -4.76 44.45
CA PHE C 64 -20.56 -4.25 43.41
C PHE C 64 -21.08 -4.64 42.00
N ALA C 65 -21.26 -5.93 41.77
CA ALA C 65 -21.77 -6.39 40.44
C ALA C 65 -23.08 -5.69 40.02
N VAL C 66 -24.04 -5.57 40.96
CA VAL C 66 -25.30 -4.93 40.65
C VAL C 66 -25.14 -3.41 40.43
N ALA C 67 -24.43 -2.75 41.35
CA ALA C 67 -24.28 -1.30 41.31
C ALA C 67 -23.54 -0.89 40.03
N MET C 68 -22.52 -1.66 39.68
CA MET C 68 -21.80 -1.42 38.44
C MET C 68 -22.73 -1.54 37.23
N THR C 69 -23.59 -2.57 37.25
CA THR C 69 -24.51 -2.80 36.12
C THR C 69 -25.55 -1.71 36.01
N MET C 70 -26.09 -1.29 37.16
CA MET C 70 -27.14 -0.31 37.09
C MET C 70 -26.67 1.11 36.84
N LYS C 71 -25.45 1.44 37.25
CA LYS C 71 -24.90 2.74 36.93
C LYS C 71 -24.71 2.88 35.39
N ALA C 72 -24.28 1.81 34.76
CA ALA C 72 -23.96 1.71 33.32
C ALA C 72 -22.44 1.74 33.26
N PRO C 73 -21.82 0.58 33.17
CA PRO C 73 -20.35 0.55 33.18
C PRO C 73 -19.71 1.20 31.95
N THR C 74 -18.52 1.75 32.14
CA THR C 74 -17.81 2.38 31.04
C THR C 74 -16.78 1.38 30.53
N ALA C 75 -16.31 1.60 29.31
CA ALA C 75 -15.19 0.79 28.81
C ALA C 75 -13.98 0.80 29.74
N ASP C 76 -13.63 1.97 30.31
CA ASP C 76 -12.47 2.05 31.23
C ASP C 76 -12.69 1.10 32.40
N GLU C 77 -13.90 1.15 32.97
CA GLU C 77 -14.22 0.34 34.17
C GLU C 77 -14.16 -1.15 33.88
N VAL C 78 -14.85 -1.57 32.83
CA VAL C 78 -14.81 -2.98 32.43
C VAL C 78 -13.34 -3.40 32.09
N GLY C 79 -12.65 -2.53 31.38
CA GLY C 79 -11.19 -2.72 31.13
C GLY C 79 -10.42 -2.97 32.43
N GLU C 80 -10.69 -2.17 33.49
CA GLU C 80 -10.07 -2.47 34.77
C GLU C 80 -10.39 -3.84 35.33
N LEU C 81 -11.67 -4.23 35.28
CA LEU C 81 -12.08 -5.54 35.76
C LEU C 81 -11.38 -6.67 35.02
N ALA C 82 -11.40 -6.60 33.70
CA ALA C 82 -10.76 -7.63 32.85
C ALA C 82 -9.24 -7.68 33.10
N GLY C 83 -8.65 -6.50 33.27
CA GLY C 83 -7.18 -6.38 33.47
C GLY C 83 -6.80 -7.08 34.74
N VAL C 84 -7.62 -6.92 35.79
CA VAL C 84 -7.35 -7.57 37.07
C VAL C 84 -7.47 -9.07 36.91
N MET C 85 -8.55 -9.51 36.27
CA MET C 85 -8.68 -10.94 36.00
C MET C 85 -7.49 -11.50 35.24
N LEU C 86 -7.04 -10.77 34.22
CA LEU C 86 -5.90 -11.26 33.44
C LEU C 86 -4.61 -11.27 34.28
N SER C 87 -4.52 -10.36 35.25
CA SER C 87 -3.34 -10.26 36.13
C SER C 87 -3.23 -11.52 36.96
N HIS C 88 -4.39 -12.02 37.37
CA HIS C 88 -4.47 -13.18 38.22
C HIS C 88 -4.54 -14.48 37.45
N ALA C 89 -4.84 -14.43 36.16
CA ALA C 89 -5.00 -15.69 35.41
C ALA C 89 -3.66 -16.42 35.25
N HIS C 90 -3.72 -17.74 35.13
CA HIS C 90 -2.57 -18.52 34.58
C HIS C 90 -2.28 -18.09 33.13
N PRO C 91 -1.06 -17.59 32.85
CA PRO C 91 -0.73 -17.24 31.47
C PRO C 91 -0.27 -18.47 30.69
N LEU C 92 -0.26 -18.36 29.38
CA LEU C 92 0.34 -19.41 28.58
C LEU C 92 1.86 -19.18 28.58
N PRO C 93 2.67 -20.23 28.36
CA PRO C 93 4.12 -19.98 28.40
C PRO C 93 4.59 -18.95 27.35
N ALA C 94 5.74 -18.32 27.61
CA ALA C 94 6.25 -17.24 26.77
C ALA C 94 6.44 -17.71 25.32
N ASP C 95 6.06 -16.86 24.37
CA ASP C 95 6.19 -17.14 22.93
C ASP C 95 5.52 -18.42 22.46
N THR C 96 4.36 -18.77 23.01
CA THR C 96 3.62 -19.97 22.59
C THR C 96 2.33 -19.64 21.88
N VAL C 97 1.93 -18.37 21.88
CA VAL C 97 0.72 -17.94 21.21
C VAL C 97 1.12 -17.06 20.05
N PRO C 98 0.74 -17.41 18.81
CA PRO C 98 1.12 -16.59 17.65
C PRO C 98 0.48 -15.22 17.73
N ASP C 99 1.14 -14.22 17.15
CA ASP C 99 0.69 -12.83 17.23
C ASP C 99 -0.70 -12.65 16.66
N ASP C 100 -1.09 -13.59 15.81
CA ASP C 100 -2.32 -13.48 15.06
C ASP C 100 -3.38 -14.50 15.50
N ALA C 101 -3.22 -15.10 16.68
CA ALA C 101 -4.25 -15.99 17.22
C ALA C 101 -5.58 -15.28 17.38
N VAL C 102 -6.65 -16.03 17.22
CA VAL C 102 -7.99 -15.50 17.29
C VAL C 102 -8.83 -16.35 18.27
N ASP C 103 -9.78 -15.67 18.92
CA ASP C 103 -10.78 -16.28 19.80
C ASP C 103 -12.15 -16.17 19.14
N VAL C 104 -13.05 -17.09 19.49
CA VAL C 104 -14.45 -17.03 19.03
C VAL C 104 -15.26 -17.41 20.26
N VAL C 105 -15.88 -16.41 20.85
CA VAL C 105 -16.50 -16.62 22.18
C VAL C 105 -17.54 -15.54 22.42
N GLY C 106 -18.60 -15.90 23.12
CA GLY C 106 -19.63 -14.94 23.45
C GLY C 106 -19.83 -14.83 24.95
N THR C 107 -20.59 -13.81 25.33
CA THR C 107 -21.02 -13.70 26.74
C THR C 107 -21.94 -14.83 27.17
N GLY C 108 -22.58 -15.51 26.21
CA GLY C 108 -23.73 -16.34 26.55
C GLY C 108 -24.90 -15.49 27.07
N GLY C 109 -25.90 -16.16 27.62
CA GLY C 109 -27.02 -15.47 28.22
C GLY C 109 -28.01 -14.88 27.25
N ASP C 110 -28.00 -15.37 26.00
CA ASP C 110 -28.98 -14.90 25.00
C ASP C 110 -30.39 -15.50 25.18
N GLY C 111 -30.56 -16.49 26.07
CA GLY C 111 -31.92 -17.00 26.36
C GLY C 111 -32.57 -17.86 25.26
N VAL C 112 -31.81 -18.10 24.20
CA VAL C 112 -32.17 -19.10 23.19
C VAL C 112 -31.10 -20.16 23.30
N ASN C 113 -31.48 -21.39 23.53
CA ASN C 113 -30.46 -22.42 23.54
C ASN C 113 -30.17 -22.78 22.07
N THR C 114 -29.03 -22.34 21.57
CA THR C 114 -28.64 -22.65 20.22
C THR C 114 -27.61 -23.75 20.25
N VAL C 115 -27.42 -24.39 19.10
CA VAL C 115 -26.23 -25.15 18.83
C VAL C 115 -24.98 -24.27 19.10
N ASN C 116 -23.83 -24.88 19.34
CA ASN C 116 -22.63 -24.17 19.74
C ASN C 116 -21.94 -23.53 18.57
N LEU C 117 -22.48 -22.42 18.10
CA LEU C 117 -21.97 -21.82 16.87
C LEU C 117 -20.52 -21.34 16.95
N SER C 118 -20.13 -20.78 18.10
CA SER C 118 -18.76 -20.31 18.24
C SER C 118 -17.76 -21.45 18.19
N THR C 119 -18.03 -22.52 18.93
CA THR C 119 -17.13 -23.67 18.95
C THR C 119 -16.97 -24.27 17.54
N MET C 120 -18.08 -24.44 16.83
CA MET C 120 -18.01 -24.95 15.45
C MET C 120 -17.23 -24.01 14.53
N ALA C 121 -17.55 -22.72 14.59
CA ALA C 121 -16.78 -21.72 13.83
C ALA C 121 -15.30 -21.82 14.16
N ALA C 122 -14.98 -21.96 15.45
CA ALA C 122 -13.56 -22.04 15.88
C ALA C 122 -12.81 -23.21 15.24
N ILE C 123 -13.44 -24.38 15.20
CA ILE C 123 -12.86 -25.54 14.54
C ILE C 123 -12.62 -25.23 13.05
N VAL C 124 -13.64 -24.70 12.40
CA VAL C 124 -13.53 -24.31 10.96
C VAL C 124 -12.41 -23.30 10.69
N VAL C 125 -12.32 -22.29 11.55
CA VAL C 125 -11.31 -21.22 11.42
C VAL C 125 -9.91 -21.78 11.57
N ALA C 126 -9.72 -22.66 12.58
CA ALA C 126 -8.44 -23.34 12.80
C ALA C 126 -8.10 -24.17 11.58
N ALA C 127 -9.09 -24.90 11.05
CA ALA C 127 -8.86 -25.76 9.89
C ALA C 127 -8.49 -24.95 8.65
N ALA C 128 -8.98 -23.72 8.59
CA ALA C 128 -8.60 -22.84 7.50
C ALA C 128 -7.16 -22.29 7.66
N GLY C 129 -6.51 -22.56 8.79
CA GLY C 129 -5.11 -22.21 9.00
C GLY C 129 -4.88 -20.98 9.87
N VAL C 130 -5.95 -20.48 10.51
CA VAL C 130 -5.85 -19.36 11.47
C VAL C 130 -5.68 -19.96 12.85
N PRO C 131 -4.63 -19.56 13.60
CA PRO C 131 -4.40 -20.10 14.94
C PRO C 131 -5.56 -19.68 15.80
N VAL C 132 -6.13 -20.62 16.55
CA VAL C 132 -7.31 -20.31 17.40
C VAL C 132 -7.03 -20.68 18.84
N VAL C 133 -7.24 -19.74 19.75
CA VAL C 133 -7.19 -20.11 21.15
C VAL C 133 -8.52 -19.62 21.71
N LYS C 134 -9.43 -20.57 21.85
CA LYS C 134 -10.76 -20.25 22.24
C LYS C 134 -10.86 -20.27 23.75
N HIS C 135 -11.39 -19.19 24.31
CA HIS C 135 -11.81 -19.18 25.72
C HIS C 135 -13.22 -19.79 25.83
N GLY C 136 -13.44 -20.69 26.78
CA GLY C 136 -14.78 -21.19 26.96
C GLY C 136 -15.13 -21.72 28.34
N ASN C 137 -16.38 -22.12 28.49
CA ASN C 137 -16.86 -22.57 29.78
C ASN C 137 -18.01 -23.53 29.57
N ARG C 138 -18.33 -24.30 30.61
CA ARG C 138 -19.57 -25.07 30.62
C ARG C 138 -20.76 -24.14 30.63
N ALA C 139 -21.96 -24.68 30.36
CA ALA C 139 -23.19 -23.87 30.26
C ALA C 139 -23.62 -23.20 31.56
N ALA C 140 -24.13 -21.98 31.44
CA ALA C 140 -24.66 -21.23 32.59
C ALA C 140 -26.16 -21.10 32.42
N SER C 144 -26.28 -26.84 26.93
CA SER C 144 -24.95 -27.37 26.60
C SER C 144 -24.04 -26.29 26.02
N GLY C 145 -23.10 -25.81 26.83
CA GLY C 145 -22.17 -24.79 26.36
C GLY C 145 -21.02 -25.37 25.54
N GLY C 146 -20.16 -24.49 25.02
CA GLY C 146 -19.03 -24.90 24.21
C GLY C 146 -18.22 -26.00 24.89
N ALA C 147 -17.82 -25.78 26.13
CA ALA C 147 -17.00 -26.79 26.85
C ALA C 147 -17.75 -28.12 27.00
N ASP C 148 -19.06 -28.08 27.26
CA ASP C 148 -19.86 -29.31 27.40
C ASP C 148 -19.89 -30.10 26.10
N THR C 149 -20.03 -29.37 25.00
CA THR C 149 -20.12 -30.00 23.71
C THR C 149 -18.75 -30.54 23.28
N LEU C 150 -17.67 -29.80 23.55
CA LEU C 150 -16.31 -30.28 23.22
C LEU C 150 -16.01 -31.55 24.00
N GLU C 151 -16.45 -31.57 25.25
CA GLU C 151 -16.29 -32.77 26.07
C GLU C 151 -17.01 -33.98 25.45
N ALA C 152 -18.27 -33.79 25.04
CA ALA C 152 -19.05 -34.85 24.40
C ALA C 152 -18.39 -35.36 23.10
N LEU C 153 -17.70 -34.45 22.41
CA LEU C 153 -16.93 -34.78 21.20
C LEU C 153 -15.64 -35.51 21.50
N GLY C 154 -15.25 -35.61 22.76
CA GLY C 154 -14.02 -36.30 23.12
C GLY C 154 -12.78 -35.40 23.21
N VAL C 155 -12.99 -34.08 23.12
CA VAL C 155 -11.91 -33.12 23.23
C VAL C 155 -11.59 -32.90 24.70
N ARG C 156 -10.30 -32.88 25.04
CA ARG C 156 -9.83 -32.51 26.39
C ARG C 156 -10.07 -31.02 26.60
N ILE C 157 -10.99 -30.70 27.49
CA ILE C 157 -11.32 -29.30 27.71
C ILE C 157 -10.47 -28.59 28.77
N ASP C 158 -9.88 -29.36 29.70
CA ASP C 158 -9.30 -28.75 30.88
C ASP C 158 -7.77 -28.75 30.93
N LEU C 159 -7.13 -28.73 29.77
CA LEU C 159 -5.68 -28.76 29.76
C LEU C 159 -5.11 -27.47 30.36
N GLY C 160 -3.94 -27.57 30.99
CA GLY C 160 -3.27 -26.41 31.56
C GLY C 160 -2.46 -25.63 30.53
N PRO C 161 -1.82 -24.54 30.95
CA PRO C 161 -1.09 -23.61 30.05
C PRO C 161 -0.16 -24.32 29.03
N ASP C 162 0.72 -25.18 29.53
CA ASP C 162 1.71 -25.88 28.69
C ASP C 162 1.02 -26.70 27.62
N LEU C 163 -0.02 -27.42 28.00
CA LEU C 163 -0.67 -28.34 27.06
C LEU C 163 -1.62 -27.65 26.09
N VAL C 164 -2.19 -26.52 26.48
CA VAL C 164 -2.97 -25.70 25.58
C VAL C 164 -2.02 -25.15 24.53
N ALA C 165 -0.86 -24.68 24.98
CA ALA C 165 0.19 -24.22 24.06
C ALA C 165 0.57 -25.33 23.06
N ARG C 166 0.80 -26.55 23.55
CA ARG C 166 1.15 -27.67 22.67
C ARG C 166 0.00 -27.93 21.69
N SER C 167 -1.23 -27.93 22.19
CA SER C 167 -2.40 -28.17 21.33
C SER C 167 -2.46 -27.17 20.18
N LEU C 168 -2.26 -25.91 20.54
CA LEU C 168 -2.23 -24.82 19.57
C LEU C 168 -1.15 -25.07 18.51
N ALA C 169 0.03 -25.49 18.96
CA ALA C 169 1.14 -25.73 18.04
C ALA C 169 0.88 -26.94 17.14
N GLU C 170 0.43 -28.04 17.72
CA GLU C 170 0.32 -29.31 17.00
C GLU C 170 -0.98 -29.50 16.24
N VAL C 171 -2.06 -28.92 16.75
CA VAL C 171 -3.37 -29.12 16.16
C VAL C 171 -3.83 -27.83 15.45
N GLY C 172 -3.38 -26.70 15.94
CA GLY C 172 -3.74 -25.38 15.31
C GLY C 172 -4.83 -24.68 16.12
N ILE C 173 -5.28 -25.35 17.19
CA ILE C 173 -6.33 -24.82 18.06
C ILE C 173 -6.05 -25.25 19.49
N GLY C 174 -6.31 -24.35 20.43
CA GLY C 174 -6.27 -24.68 21.84
C GLY C 174 -7.54 -24.17 22.51
N PHE C 175 -7.92 -24.82 23.59
CA PHE C 175 -9.12 -24.40 24.34
C PHE C 175 -8.73 -24.11 25.78
N CYS C 176 -9.00 -22.88 26.20
CA CYS C 176 -8.71 -22.43 27.55
C CYS C 176 -10.02 -22.49 28.33
N PHE C 177 -10.14 -23.47 29.21
CA PHE C 177 -11.35 -23.66 30.02
C PHE C 177 -11.29 -22.63 31.14
N ALA C 178 -12.28 -21.72 31.19
CA ALA C 178 -12.27 -20.62 32.16
C ALA C 178 -11.93 -21.01 33.61
N PRO C 179 -12.63 -22.02 34.20
CA PRO C 179 -12.28 -22.42 35.58
C PRO C 179 -10.85 -22.89 35.79
N ARG C 180 -10.25 -23.47 34.75
CA ARG C 180 -8.86 -23.95 34.79
C ARG C 180 -7.88 -22.79 34.86
N PHE C 181 -8.18 -21.71 34.15
CA PHE C 181 -7.25 -20.61 34.05
C PHE C 181 -7.53 -19.44 34.98
N HIS C 182 -8.75 -19.35 35.51
CA HIS C 182 -9.13 -18.26 36.43
C HIS C 182 -9.64 -18.82 37.75
N PRO C 183 -8.82 -19.62 38.44
CA PRO C 183 -9.32 -20.23 39.68
C PRO C 183 -9.72 -19.19 40.76
N SER C 184 -9.12 -17.99 40.76
CA SER C 184 -9.45 -16.98 41.78
C SER C 184 -10.81 -16.33 41.57
N TYR C 185 -11.41 -16.62 40.43
CA TYR C 185 -12.72 -16.07 40.09
C TYR C 185 -13.83 -16.88 40.71
N ARG C 186 -13.49 -17.96 41.43
CA ARG C 186 -14.50 -18.85 41.96
C ARG C 186 -15.55 -18.17 42.86
N HIS C 187 -15.11 -17.22 43.67
CA HIS C 187 -15.99 -16.48 44.55
C HIS C 187 -16.98 -15.62 43.77
N ALA C 188 -16.50 -14.90 42.76
CA ALA C 188 -17.39 -14.12 41.91
C ALA C 188 -18.38 -15.04 41.15
N ALA C 189 -17.89 -16.16 40.63
CA ALA C 189 -18.75 -17.09 39.89
C ALA C 189 -19.89 -17.58 40.80
N ALA C 190 -19.55 -17.89 42.04
CA ALA C 190 -20.56 -18.36 43.00
C ALA C 190 -21.64 -17.32 43.24
N VAL C 191 -21.25 -16.07 43.44
CA VAL C 191 -22.21 -14.99 43.61
C VAL C 191 -23.06 -14.79 42.35
N ARG C 192 -22.41 -14.80 41.20
CA ARG C 192 -23.17 -14.69 39.94
C ARG C 192 -24.27 -15.75 39.85
N ARG C 193 -23.96 -16.99 40.24
CA ARG C 193 -24.94 -18.09 40.26
C ARG C 193 -26.04 -17.84 41.26
N GLU C 194 -25.68 -17.40 42.46
CA GLU C 194 -26.67 -17.15 43.52
C GLU C 194 -27.67 -16.07 43.15
N ILE C 195 -27.20 -15.04 42.47
CA ILE C 195 -28.06 -13.90 42.16
C ILE C 195 -28.80 -14.03 40.82
N GLY C 196 -28.18 -14.72 39.86
CA GLY C 196 -28.86 -15.16 38.65
C GLY C 196 -28.96 -14.07 37.60
N VAL C 197 -29.27 -12.85 38.00
CA VAL C 197 -29.47 -11.72 37.08
C VAL C 197 -28.12 -11.46 36.32
N PRO C 198 -28.17 -11.20 34.99
CA PRO C 198 -26.95 -10.77 34.32
C PRO C 198 -26.43 -9.47 34.94
N THR C 199 -25.11 -9.36 35.02
CA THR C 199 -24.45 -8.12 35.49
C THR C 199 -23.25 -7.85 34.57
N VAL C 200 -22.52 -6.78 34.87
CA VAL C 200 -21.26 -6.47 34.21
C VAL C 200 -20.31 -7.70 34.18
N PHE C 201 -20.40 -8.57 35.20
CA PHE C 201 -19.56 -9.77 35.25
C PHE C 201 -19.77 -10.67 34.02
N ASN C 202 -20.98 -10.63 33.45
CA ASN C 202 -21.33 -11.44 32.25
C ASN C 202 -20.54 -11.04 31.02
N LEU C 203 -19.92 -9.86 31.05
CA LEU C 203 -19.10 -9.37 29.93
C LEU C 203 -17.68 -9.86 29.96
N LEU C 204 -17.27 -10.40 31.11
CA LEU C 204 -15.85 -10.62 31.36
C LEU C 204 -15.20 -11.81 30.66
N GLY C 205 -15.96 -12.90 30.51
CA GLY C 205 -15.52 -14.07 29.72
C GLY C 205 -14.72 -13.76 28.46
N PRO C 206 -15.35 -13.09 27.49
CA PRO C 206 -14.70 -12.82 26.21
C PRO C 206 -13.55 -11.84 26.32
N LEU C 207 -13.48 -11.10 27.43
CA LEU C 207 -12.48 -10.09 27.63
C LEU C 207 -11.26 -10.62 28.41
N THR C 208 -11.32 -11.87 28.86
CA THR C 208 -10.28 -12.39 29.75
C THR C 208 -9.64 -13.70 29.24
N ASN C 209 -9.62 -13.89 27.92
CA ASN C 209 -8.88 -15.03 27.38
C ASN C 209 -7.43 -14.97 27.87
N PRO C 210 -6.96 -16.01 28.62
CA PRO C 210 -5.66 -15.86 29.25
C PRO C 210 -4.49 -15.90 28.27
N ALA C 211 -4.72 -16.43 27.07
CA ALA C 211 -3.71 -16.42 26.01
C ALA C 211 -3.60 -15.05 25.34
N ARG C 212 -4.55 -14.17 25.66
CA ARG C 212 -4.58 -12.77 25.17
C ARG C 212 -4.41 -12.68 23.64
N PRO C 213 -5.27 -13.38 22.90
CA PRO C 213 -5.18 -13.27 21.45
C PRO C 213 -5.59 -11.86 21.06
N ARG C 214 -5.10 -11.38 19.93
CA ARG C 214 -5.31 -9.98 19.56
C ARG C 214 -6.49 -9.81 18.63
N ALA C 215 -7.03 -10.92 18.14
CA ALA C 215 -8.22 -10.84 17.31
C ALA C 215 -9.33 -11.72 17.85
N GLY C 216 -10.54 -11.41 17.42
CA GLY C 216 -11.67 -12.21 17.92
C GLY C 216 -12.96 -11.92 17.24
N LEU C 217 -13.80 -12.95 17.22
CA LEU C 217 -15.23 -12.80 16.94
C LEU C 217 -15.93 -12.96 18.30
N ILE C 218 -16.45 -11.84 18.81
CA ILE C 218 -16.90 -11.76 20.20
C ILE C 218 -18.39 -11.54 20.26
N GLY C 219 -19.10 -12.51 20.80
CA GLY C 219 -20.54 -12.42 20.86
C GLY C 219 -20.98 -11.72 22.14
N CYS C 220 -21.95 -10.81 22.00
CA CYS C 220 -22.52 -10.14 23.16
C CYS C 220 -24.05 -10.22 23.15
N ALA C 221 -24.59 -10.81 24.21
CA ALA C 221 -26.04 -11.07 24.28
C ALA C 221 -26.80 -9.80 24.64
N PHE C 222 -26.09 -8.79 25.13
CA PHE C 222 -26.65 -7.61 25.78
C PHE C 222 -26.43 -6.43 24.88
N ALA C 223 -27.49 -6.08 24.16
CA ALA C 223 -27.40 -5.07 23.10
C ALA C 223 -26.73 -3.79 23.55
N ASP C 224 -27.06 -3.36 24.76
CA ASP C 224 -26.60 -2.04 25.24
C ASP C 224 -25.21 -2.09 25.89
N LEU C 225 -24.61 -3.28 25.97
CA LEU C 225 -23.28 -3.40 26.54
C LEU C 225 -22.24 -3.79 25.49
N ALA C 226 -22.69 -4.10 24.28
CA ALA C 226 -21.76 -4.53 23.24
C ALA C 226 -20.72 -3.44 22.92
N GLU C 227 -21.18 -2.19 22.86
CA GLU C 227 -20.31 -1.05 22.61
C GLU C 227 -19.21 -0.89 23.65
N VAL C 228 -19.56 -1.12 24.91
CA VAL C 228 -18.63 -1.06 26.02
C VAL C 228 -17.59 -2.19 25.87
N MET C 229 -18.05 -3.42 25.55
CA MET C 229 -17.09 -4.50 25.22
C MET C 229 -16.15 -4.11 24.09
N ALA C 230 -16.71 -3.49 23.04
CA ALA C 230 -15.89 -3.07 21.90
C ALA C 230 -14.84 -2.07 22.36
N GLY C 231 -15.25 -1.18 23.26
CA GLY C 231 -14.34 -0.15 23.77
C GLY C 231 -13.17 -0.76 24.52
N VAL C 232 -13.42 -1.85 25.25
CA VAL C 232 -12.34 -2.56 25.94
C VAL C 232 -11.31 -3.13 24.94
N PHE C 233 -11.78 -3.79 23.89
CA PHE C 233 -10.85 -4.30 22.86
C PHE C 233 -10.13 -3.18 22.11
N ALA C 234 -10.84 -2.07 21.91
CA ALA C 234 -10.24 -0.91 21.26
C ALA C 234 -9.01 -0.41 22.04
N ALA C 235 -9.20 -0.32 23.36
CA ALA C 235 -8.15 0.09 24.29
C ALA C 235 -6.89 -0.80 24.19
N ARG C 236 -7.11 -2.11 24.02
CA ARG C 236 -6.02 -3.08 23.81
C ARG C 236 -5.49 -3.17 22.38
N ARG C 237 -6.03 -2.35 21.49
CA ARG C 237 -5.76 -2.42 20.06
C ARG C 237 -5.91 -3.84 19.47
N SER C 238 -6.96 -4.52 19.90
CA SER C 238 -7.33 -5.80 19.30
C SER C 238 -8.03 -5.56 17.97
N SER C 239 -8.00 -6.58 17.10
CA SER C 239 -8.86 -6.58 15.94
C SER C 239 -10.04 -7.52 16.19
N VAL C 240 -11.20 -6.94 16.44
CA VAL C 240 -12.32 -7.70 16.93
C VAL C 240 -13.61 -7.24 16.28
N LEU C 241 -14.53 -8.18 16.05
CA LEU C 241 -15.91 -7.83 15.70
C LEU C 241 -16.72 -8.24 16.92
N VAL C 242 -17.34 -7.25 17.58
CA VAL C 242 -18.23 -7.59 18.67
C VAL C 242 -19.60 -7.71 18.03
N VAL C 243 -20.25 -8.83 18.24
CA VAL C 243 -21.49 -9.11 17.51
C VAL C 243 -22.70 -9.42 18.38
N HIS C 244 -23.81 -8.83 17.97
CA HIS C 244 -25.10 -9.04 18.62
C HIS C 244 -26.14 -9.32 17.51
N GLY C 245 -26.66 -10.53 17.45
CA GLY C 245 -27.69 -10.82 16.46
C GLY C 245 -28.95 -10.02 16.79
N ASP C 246 -29.62 -9.44 15.79
CA ASP C 246 -30.82 -8.64 16.07
C ASP C 246 -32.03 -9.46 16.57
N ASP C 247 -31.88 -10.79 16.55
CA ASP C 247 -32.78 -11.72 17.24
C ASP C 247 -32.30 -12.01 18.66
N GLY C 248 -31.21 -11.36 19.07
CA GLY C 248 -30.69 -11.52 20.44
C GLY C 248 -29.55 -12.52 20.65
N LEU C 249 -29.15 -13.25 19.60
CA LEU C 249 -28.08 -14.26 19.74
C LEU C 249 -26.76 -13.57 20.02
N ASP C 250 -25.87 -14.19 20.80
CA ASP C 250 -24.53 -13.65 20.96
C ASP C 250 -23.61 -14.25 19.89
N GLU C 251 -24.09 -14.21 18.64
CA GLU C 251 -23.42 -14.79 17.49
C GLU C 251 -23.87 -13.97 16.30
N LEU C 252 -23.22 -14.16 15.15
CA LEU C 252 -23.76 -13.61 13.88
C LEU C 252 -24.90 -14.55 13.54
N THR C 253 -26.10 -14.01 13.41
CA THR C 253 -27.25 -14.86 13.20
C THR C 253 -27.52 -14.97 11.71
N THR C 254 -28.37 -15.93 11.34
CA THR C 254 -28.85 -16.06 9.97
C THR C 254 -30.37 -15.84 9.91
N THR C 255 -30.91 -15.44 11.04
CA THR C 255 -32.33 -15.38 11.26
C THR C 255 -32.81 -14.01 10.80
N THR C 256 -31.87 -13.06 10.78
CA THR C 256 -32.19 -11.65 10.56
C THR C 256 -30.83 -10.97 10.53
N THR C 257 -30.78 -9.64 10.60
CA THR C 257 -29.51 -8.89 10.65
C THR C 257 -28.79 -9.04 12.00
N SER C 258 -27.52 -8.63 12.03
CA SER C 258 -26.77 -8.56 13.29
C SER C 258 -26.15 -7.19 13.38
N THR C 259 -26.02 -6.68 14.60
CA THR C 259 -25.24 -5.48 14.83
C THR C 259 -23.80 -5.89 15.16
N ILE C 260 -22.87 -5.23 14.47
CA ILE C 260 -21.45 -5.49 14.66
C ILE C 260 -20.80 -4.19 15.12
N TRP C 261 -20.04 -4.28 16.19
CA TRP C 261 -19.14 -3.19 16.55
C TRP C 261 -17.76 -3.62 16.09
N ARG C 262 -17.28 -2.94 15.07
CA ARG C 262 -16.04 -3.32 14.46
C ARG C 262 -14.90 -2.53 15.10
N VAL C 263 -13.93 -3.27 15.66
CA VAL C 263 -12.79 -2.67 16.36
C VAL C 263 -11.55 -2.88 15.52
N ALA C 264 -10.96 -1.75 15.11
CA ALA C 264 -9.78 -1.71 14.27
C ALA C 264 -9.02 -0.43 14.56
N ALA C 265 -7.68 -0.51 14.64
CA ALA C 265 -6.81 0.65 14.90
C ALA C 265 -7.24 1.48 16.12
N GLY C 266 -7.71 0.79 17.15
CA GLY C 266 -8.05 1.45 18.41
C GLY C 266 -9.35 2.22 18.39
N SER C 267 -10.14 2.06 17.32
CA SER C 267 -11.43 2.75 17.20
C SER C 267 -12.55 1.79 16.83
N VAL C 268 -13.77 2.19 17.19
CA VAL C 268 -14.98 1.38 17.09
C VAL C 268 -15.93 1.98 16.05
N ASP C 269 -16.35 1.18 15.07
CA ASP C 269 -17.41 1.55 14.11
C ASP C 269 -18.62 0.65 14.33
N LYS C 270 -19.82 1.22 14.36
CA LYS C 270 -21.04 0.41 14.49
C LYS C 270 -21.64 0.13 13.12
N LEU C 271 -21.84 -1.15 12.82
CA LEU C 271 -22.43 -1.55 11.53
C LEU C 271 -23.58 -2.50 11.74
N THR C 272 -24.48 -2.56 10.77
CA THR C 272 -25.45 -3.65 10.72
C THR C 272 -25.03 -4.59 9.58
N PHE C 273 -25.17 -5.89 9.83
CA PHE C 273 -24.70 -6.86 8.88
C PHE C 273 -25.88 -7.72 8.45
N ASP C 274 -26.01 -7.96 7.14
CA ASP C 274 -27.09 -8.79 6.63
C ASP C 274 -26.53 -9.94 5.80
N PRO C 275 -26.61 -11.18 6.33
CA PRO C 275 -26.14 -12.38 5.60
C PRO C 275 -26.80 -12.50 4.23
N ALA C 276 -28.01 -11.95 4.06
CA ALA C 276 -28.65 -11.95 2.73
C ALA C 276 -27.76 -11.33 1.63
N GLY C 277 -26.92 -10.38 2.00
CA GLY C 277 -25.97 -9.76 1.06
C GLY C 277 -24.88 -10.70 0.54
N PHE C 278 -24.72 -11.85 1.20
CA PHE C 278 -23.75 -12.86 0.77
C PHE C 278 -24.44 -14.14 0.32
N GLY C 279 -25.72 -14.04 0.03
CA GLY C 279 -26.48 -15.16 -0.51
C GLY C 279 -27.12 -16.09 0.50
N PHE C 280 -27.01 -15.77 1.79
CA PHE C 280 -27.59 -16.63 2.83
C PHE C 280 -29.09 -16.48 2.94
N ALA C 281 -29.79 -17.61 2.96
CA ALA C 281 -31.23 -17.65 3.14
C ALA C 281 -31.56 -17.37 4.60
N ARG C 282 -32.74 -16.78 4.84
CA ARG C 282 -33.21 -16.54 6.21
C ARG C 282 -33.53 -17.87 6.87
N ALA C 283 -33.08 -18.02 8.10
CA ALA C 283 -33.38 -19.19 8.89
C ALA C 283 -34.43 -18.80 9.93
N GLN C 284 -35.16 -19.79 10.40
CA GLN C 284 -35.98 -19.63 11.60
C GLN C 284 -35.05 -19.94 12.76
N LEU C 285 -35.25 -19.25 13.86
CA LEU C 285 -34.47 -19.47 15.05
C LEU C 285 -34.56 -20.90 15.55
N ASP C 286 -35.73 -21.53 15.45
CA ASP C 286 -35.84 -22.93 15.88
C ASP C 286 -34.90 -23.88 15.09
N GLN C 287 -34.48 -23.46 13.90
CA GLN C 287 -33.53 -24.25 13.10
C GLN C 287 -32.12 -24.27 13.67
N LEU C 288 -31.84 -23.31 14.56
CA LEU C 288 -30.51 -23.16 15.18
C LEU C 288 -30.48 -23.70 16.58
N ALA C 289 -31.63 -24.24 17.02
CA ALA C 289 -31.87 -24.63 18.40
C ALA C 289 -30.99 -25.80 18.79
N GLY C 290 -30.57 -25.80 20.05
CA GLY C 290 -29.68 -26.84 20.55
C GLY C 290 -30.40 -27.81 21.41
N GLY C 291 -29.65 -28.79 21.90
CA GLY C 291 -30.20 -29.78 22.79
C GLY C 291 -29.20 -30.02 23.88
N ASP C 292 -29.11 -31.27 24.34
CA ASP C 292 -28.10 -31.61 25.34
C ASP C 292 -26.73 -31.73 24.66
N ALA C 293 -25.71 -32.04 25.44
CA ALA C 293 -24.36 -32.10 24.92
C ALA C 293 -24.25 -33.13 23.79
N GLN C 294 -24.96 -34.26 23.90
CA GLN C 294 -24.95 -35.29 22.84
C GLN C 294 -25.55 -34.78 21.54
N ALA C 295 -26.70 -34.13 21.67
CA ALA C 295 -27.37 -33.52 20.53
C ALA C 295 -26.46 -32.50 19.87
N ASN C 296 -25.89 -31.60 20.67
CA ASN C 296 -25.05 -30.55 20.10
C ASN C 296 -23.77 -31.11 19.50
N ALA C 297 -23.22 -32.18 20.10
CA ALA C 297 -22.08 -32.85 19.52
C ALA C 297 -22.43 -33.49 18.18
N ALA C 298 -23.64 -34.07 18.08
CA ALA C 298 -24.08 -34.64 16.79
C ALA C 298 -24.19 -33.53 15.75
N ALA C 299 -24.67 -32.37 16.18
CA ALA C 299 -24.82 -31.25 15.27
C ALA C 299 -23.44 -30.82 14.73
N VAL C 300 -22.42 -30.86 15.60
CA VAL C 300 -21.05 -30.55 15.16
C VAL C 300 -20.59 -31.55 14.09
N ARG C 301 -20.64 -32.84 14.40
CA ARG C 301 -20.32 -33.88 13.40
C ARG C 301 -21.10 -33.70 12.10
N ALA C 302 -22.37 -33.37 12.20
CA ALA C 302 -23.16 -33.25 10.99
C ALA C 302 -22.60 -32.10 10.11
N VAL C 303 -22.37 -30.93 10.71
CA VAL C 303 -21.80 -29.80 9.96
C VAL C 303 -20.42 -30.15 9.40
N LEU C 304 -19.52 -30.67 10.24
CA LEU C 304 -18.17 -30.95 9.78
C LEU C 304 -18.15 -32.04 8.72
N GLY C 305 -19.20 -32.85 8.68
CA GLY C 305 -19.30 -33.91 7.66
C GLY C 305 -19.92 -33.48 6.36
N GLY C 306 -20.19 -32.19 6.23
CA GLY C 306 -20.73 -31.66 4.99
C GLY C 306 -22.25 -31.51 4.86
N ALA C 307 -23.01 -31.68 5.96
CA ALA C 307 -24.48 -31.51 5.91
C ALA C 307 -24.88 -30.05 5.60
N ARG C 308 -25.67 -29.86 4.54
CA ARG C 308 -26.09 -28.50 4.18
C ARG C 308 -27.33 -28.16 4.99
N GLY C 309 -27.61 -26.88 5.14
CA GLY C 309 -28.77 -26.48 5.91
C GLY C 309 -28.42 -25.31 6.78
N PRO C 310 -29.39 -24.86 7.60
CA PRO C 310 -29.20 -23.61 8.35
C PRO C 310 -28.01 -23.64 9.30
N VAL C 311 -27.71 -24.78 9.91
CA VAL C 311 -26.67 -24.78 10.92
C VAL C 311 -25.32 -24.58 10.28
N ARG C 312 -25.08 -25.24 9.13
CA ARG C 312 -23.86 -25.01 8.37
C ARG C 312 -23.73 -23.55 8.01
N ASP C 313 -24.81 -22.95 7.50
CA ASP C 313 -24.78 -21.57 7.04
C ASP C 313 -24.31 -20.64 8.18
N ALA C 314 -24.90 -20.82 9.36
CA ALA C 314 -24.50 -20.03 10.53
C ALA C 314 -23.07 -20.30 10.97
N VAL C 315 -22.64 -21.56 10.93
CA VAL C 315 -21.24 -21.88 11.23
C VAL C 315 -20.29 -21.18 10.24
N VAL C 316 -20.61 -21.24 8.95
CA VAL C 316 -19.74 -20.67 7.93
C VAL C 316 -19.69 -19.14 8.09
N LEU C 317 -20.85 -18.54 8.35
CA LEU C 317 -20.94 -17.11 8.58
C LEU C 317 -20.07 -16.64 9.77
N ASN C 318 -20.17 -17.34 10.89
CA ASN C 318 -19.36 -17.02 12.08
C ASN C 318 -17.87 -17.29 11.87
N ALA C 319 -17.54 -18.39 11.21
CA ALA C 319 -16.15 -18.63 10.86
C ALA C 319 -15.59 -17.52 9.96
N ALA C 320 -16.33 -17.11 8.94
CA ALA C 320 -15.91 -16.01 8.11
C ALA C 320 -15.65 -14.75 8.93
N GLY C 321 -16.56 -14.43 9.85
CA GLY C 321 -16.40 -13.30 10.78
C GLY C 321 -15.10 -13.30 11.54
N ALA C 322 -14.75 -14.45 12.14
CA ALA C 322 -13.48 -14.59 12.86
C ALA C 322 -12.25 -14.42 11.94
N ILE C 323 -12.37 -14.95 10.73
CA ILE C 323 -11.35 -14.75 9.72
C ILE C 323 -11.26 -13.29 9.31
N VAL C 324 -12.40 -12.61 9.23
CA VAL C 324 -12.37 -11.15 8.91
C VAL C 324 -11.65 -10.38 10.05
N ALA C 325 -11.94 -10.76 11.29
CA ALA C 325 -11.28 -10.08 12.43
C ALA C 325 -9.77 -10.34 12.37
N HIS C 326 -9.37 -11.57 12.06
CA HIS C 326 -7.94 -11.95 11.92
C HIS C 326 -7.23 -11.13 10.82
N ALA C 327 -7.90 -11.00 9.68
CA ALA C 327 -7.40 -10.19 8.56
C ALA C 327 -7.19 -8.73 8.98
N GLY C 328 -8.09 -8.24 9.83
CA GLY C 328 -8.00 -6.88 10.39
C GLY C 328 -6.74 -6.62 11.18
N LEU C 329 -6.02 -7.67 11.58
CA LEU C 329 -4.74 -7.47 12.23
C LEU C 329 -3.75 -6.80 11.28
N GLU C 334 -9.67 -4.79 3.72
CA GLU C 334 -10.90 -4.16 3.23
C GLU C 334 -12.12 -5.06 3.49
N TRP C 335 -13.28 -4.44 3.78
CA TRP C 335 -14.43 -5.13 4.41
C TRP C 335 -15.13 -6.20 3.54
N LEU C 336 -15.59 -5.82 2.35
CA LEU C 336 -16.24 -6.79 1.46
C LEU C 336 -15.30 -7.90 0.98
N PRO C 337 -14.11 -7.56 0.41
CA PRO C 337 -13.14 -8.61 0.04
C PRO C 337 -12.76 -9.57 1.19
N ALA C 338 -12.57 -9.02 2.39
CA ALA C 338 -12.32 -9.80 3.60
C ALA C 338 -13.43 -10.82 3.88
N TRP C 339 -14.68 -10.37 3.81
CA TRP C 339 -15.81 -11.28 4.04
C TRP C 339 -15.91 -12.36 2.95
N GLU C 340 -15.79 -11.94 1.69
CA GLU C 340 -15.79 -12.93 0.58
C GLU C 340 -14.69 -13.97 0.78
N GLU C 341 -13.48 -13.51 1.09
CA GLU C 341 -12.39 -14.43 1.35
C GLU C 341 -12.67 -15.32 2.57
N GLY C 342 -13.19 -14.72 3.66
CA GLY C 342 -13.53 -15.47 4.91
C GLY C 342 -14.55 -16.57 4.62
N LEU C 343 -15.51 -16.23 3.79
CA LEU C 343 -16.57 -17.18 3.45
C LEU C 343 -16.05 -18.29 2.57
N ARG C 344 -15.17 -17.92 1.62
CA ARG C 344 -14.57 -18.89 0.69
C ARG C 344 -13.73 -19.88 1.51
N ARG C 345 -12.96 -19.32 2.43
CA ARG C 345 -12.03 -20.11 3.24
C ARG C 345 -12.75 -21.02 4.22
N ALA C 346 -13.83 -20.52 4.81
CA ALA C 346 -14.57 -21.29 5.81
C ALA C 346 -15.29 -22.44 5.14
N SER C 347 -15.96 -22.14 4.03
CA SER C 347 -16.58 -23.21 3.22
C SER C 347 -15.63 -24.28 2.76
N ALA C 348 -14.47 -23.87 2.23
CA ALA C 348 -13.53 -24.85 1.68
C ALA C 348 -12.93 -25.72 2.81
N ALA C 349 -12.69 -25.11 3.97
CA ALA C 349 -12.22 -25.82 5.14
C ALA C 349 -13.20 -26.92 5.54
N ILE C 350 -14.50 -26.67 5.40
CA ILE C 350 -15.45 -27.75 5.65
C ILE C 350 -15.46 -28.74 4.48
N ASP C 351 -15.59 -28.21 3.26
CA ASP C 351 -15.87 -29.05 2.09
C ASP C 351 -14.68 -30.01 1.76
N THR C 352 -13.47 -29.62 2.10
CA THR C 352 -12.27 -30.43 1.83
C THR C 352 -12.10 -31.50 2.89
N GLY C 353 -12.88 -31.38 3.97
CA GLY C 353 -12.71 -32.33 5.08
C GLY C 353 -11.69 -31.85 6.11
N ALA C 354 -11.01 -30.73 5.82
CA ALA C 354 -9.99 -30.18 6.73
C ALA C 354 -10.56 -29.95 8.17
N ALA C 355 -11.75 -29.36 8.25
CA ALA C 355 -12.40 -29.07 9.57
C ALA C 355 -12.71 -30.38 10.32
N GLU C 356 -13.37 -31.31 9.62
CA GLU C 356 -13.61 -32.65 10.16
C GLU C 356 -12.33 -33.34 10.64
N GLN C 357 -11.27 -33.30 9.81
CA GLN C 357 -10.03 -33.98 10.16
C GLN C 357 -9.33 -33.23 11.29
N LEU C 358 -9.46 -31.90 11.32
CA LEU C 358 -8.88 -31.16 12.46
C LEU C 358 -9.49 -31.57 13.81
N LEU C 359 -10.82 -31.71 13.85
CA LEU C 359 -11.44 -32.17 15.09
C LEU C 359 -10.92 -33.54 15.50
N ALA C 360 -10.83 -34.45 14.54
CA ALA C 360 -10.30 -35.79 14.84
C ALA C 360 -8.88 -35.74 15.39
N ARG C 361 -8.04 -34.91 14.78
CA ARG C 361 -6.66 -34.78 15.28
C ARG C 361 -6.62 -34.11 16.66
N TRP C 362 -7.55 -33.20 16.91
CA TRP C 362 -7.63 -32.55 18.22
C TRP C 362 -8.01 -33.58 19.28
N VAL C 363 -8.98 -34.43 18.96
CA VAL C 363 -9.36 -35.54 19.87
C VAL C 363 -8.16 -36.47 20.14
N ARG C 364 -7.46 -36.83 19.08
CA ARG C 364 -6.29 -37.69 19.15
C ARG C 364 -5.19 -37.03 20.00
N PHE C 365 -4.95 -35.74 19.77
CA PHE C 365 -3.99 -34.99 20.56
C PHE C 365 -4.23 -35.19 22.05
N GLY C 366 -5.49 -34.99 22.48
CA GLY C 366 -5.84 -35.07 23.91
C GLY C 366 -5.67 -36.45 24.49
N ARG C 367 -5.88 -37.47 23.67
CA ARG C 367 -5.76 -38.85 24.10
C ARG C 367 -4.31 -39.32 24.16
N GLN C 368 -3.43 -38.61 23.45
CA GLN C 368 -2.02 -38.96 23.40
C GLN C 368 -1.18 -38.03 24.27
N ILE C 369 -1.69 -37.67 25.46
CA ILE C 369 -1.08 -36.66 26.36
C ILE C 369 -1.05 -35.25 25.76
N PRO D 24 -55.47 6.28 9.46
CA PRO D 24 -56.67 5.72 8.81
C PRO D 24 -57.47 4.80 9.74
N SER D 25 -58.78 4.70 9.55
CA SER D 25 -59.65 3.88 10.39
C SER D 25 -60.98 3.54 9.72
N TRP D 26 -61.64 2.50 10.21
CA TRP D 26 -62.96 2.14 9.70
C TRP D 26 -64.01 3.25 9.87
N PRO D 27 -64.12 3.84 11.09
CA PRO D 27 -65.06 4.94 11.25
C PRO D 27 -64.84 6.08 10.27
N GLN D 28 -63.58 6.44 10.03
CA GLN D 28 -63.24 7.50 9.09
C GLN D 28 -63.61 7.13 7.62
N ILE D 29 -63.13 5.98 7.16
CA ILE D 29 -63.40 5.52 5.78
C ILE D 29 -64.89 5.29 5.53
N LEU D 30 -65.55 4.55 6.42
CA LEU D 30 -67.02 4.30 6.28
C LEU D 30 -67.86 5.55 6.35
N GLY D 31 -67.47 6.48 7.23
CA GLY D 31 -68.10 7.80 7.31
C GLY D 31 -67.99 8.61 6.03
N ARG D 32 -66.82 8.58 5.41
CA ARG D 32 -66.62 9.31 4.18
C ARG D 32 -67.53 8.68 3.12
N LEU D 33 -67.58 7.35 3.07
CA LEU D 33 -68.45 6.68 2.08
C LEU D 33 -69.92 6.93 2.35
N THR D 34 -70.35 6.80 3.60
CA THR D 34 -71.78 7.08 3.90
C THR D 34 -72.11 8.56 3.66
N ASP D 35 -71.10 9.43 3.66
CA ASP D 35 -71.31 10.84 3.31
C ASP D 35 -71.36 11.03 1.80
N ASN D 36 -71.33 9.90 1.06
CA ASN D 36 -71.26 9.89 -0.41
C ASN D 36 -70.06 10.61 -1.01
N ARG D 37 -68.93 10.48 -0.33
CA ARG D 37 -67.72 11.15 -0.77
C ARG D 37 -66.72 10.13 -1.28
N ASP D 38 -66.08 10.44 -2.40
CA ASP D 38 -64.95 9.64 -2.85
C ASP D 38 -63.89 9.58 -1.77
N LEU D 39 -63.24 8.44 -1.64
CA LEU D 39 -62.17 8.27 -0.66
C LEU D 39 -60.92 9.08 -0.99
N ALA D 40 -60.14 9.43 0.03
CA ALA D 40 -58.81 10.00 -0.23
C ALA D 40 -57.91 8.94 -0.85
N ARG D 41 -56.92 9.37 -1.63
CA ARG D 41 -55.89 8.47 -2.12
C ARG D 41 -55.34 7.58 -1.02
N GLY D 42 -55.21 6.29 -1.31
CA GLY D 42 -54.70 5.34 -0.33
C GLY D 42 -55.72 4.72 0.63
N GLN D 43 -56.87 5.37 0.82
CA GLN D 43 -57.86 4.84 1.79
C GLN D 43 -58.47 3.50 1.36
N ALA D 44 -58.90 3.37 0.12
CA ALA D 44 -59.39 2.07 -0.39
C ALA D 44 -58.33 0.97 -0.25
N ALA D 45 -57.06 1.28 -0.58
CA ALA D 45 -55.95 0.34 -0.40
C ALA D 45 -55.77 -0.05 1.06
N TRP D 46 -55.81 0.93 1.95
CA TRP D 46 -55.69 0.63 3.37
C TRP D 46 -56.80 -0.37 3.76
N ALA D 47 -58.02 -0.06 3.34
CA ALA D 47 -59.15 -0.91 3.70
C ALA D 47 -58.93 -2.31 3.15
N MET D 48 -58.53 -2.40 1.88
CA MET D 48 -58.44 -3.73 1.25
C MET D 48 -57.32 -4.52 1.92
N ASP D 49 -56.26 -3.82 2.31
CA ASP D 49 -55.15 -4.48 2.97
C ASP D 49 -55.54 -5.03 4.35
N GLN D 50 -56.25 -4.22 5.15
CA GLN D 50 -56.85 -4.68 6.42
C GLN D 50 -57.66 -5.93 6.15
N ILE D 51 -58.45 -5.91 5.09
CA ILE D 51 -59.32 -7.04 4.76
C ILE D 51 -58.46 -8.30 4.41
N MET D 52 -57.42 -8.12 3.61
CA MET D 52 -56.62 -9.23 3.10
C MET D 52 -55.70 -9.81 4.17
N THR D 53 -55.41 -9.02 5.20
CA THR D 53 -54.49 -9.48 6.23
C THR D 53 -55.22 -10.10 7.43
N GLY D 54 -56.56 -10.26 7.32
CA GLY D 54 -57.36 -10.83 8.40
C GLY D 54 -57.54 -9.89 9.57
N ASN D 55 -57.32 -8.60 9.34
CA ASN D 55 -57.48 -7.59 10.39
C ASN D 55 -58.84 -6.90 10.42
N ALA D 56 -59.71 -7.22 9.46
CA ALA D 56 -61.00 -6.56 9.38
C ALA D 56 -62.06 -7.53 9.89
N ARG D 57 -62.89 -7.07 10.83
CA ARG D 57 -64.06 -7.83 11.27
C ARG D 57 -65.03 -8.04 10.08
N PRO D 58 -65.74 -9.18 10.06
CA PRO D 58 -66.79 -9.42 9.06
C PRO D 58 -67.75 -8.24 8.89
N ALA D 59 -68.13 -7.59 10.00
CA ALA D 59 -69.02 -6.41 9.94
C ALA D 59 -68.41 -5.24 9.19
N GLN D 60 -67.13 -5.03 9.44
CA GLN D 60 -66.37 -3.99 8.77
C GLN D 60 -66.17 -4.32 7.29
N ILE D 61 -65.81 -5.56 6.98
CA ILE D 61 -65.76 -5.97 5.54
C ILE D 61 -67.07 -5.63 4.79
N ALA D 62 -68.19 -6.07 5.38
CA ALA D 62 -69.50 -5.92 4.80
C ALA D 62 -69.87 -4.48 4.63
N ALA D 63 -69.66 -3.68 5.69
CA ALA D 63 -69.98 -2.26 5.66
C ALA D 63 -69.20 -1.58 4.55
N PHE D 64 -67.90 -1.90 4.48
CA PHE D 64 -67.04 -1.34 3.43
C PHE D 64 -67.56 -1.72 2.03
N ALA D 65 -67.78 -3.00 1.83
CA ALA D 65 -68.23 -3.49 0.51
C ALA D 65 -69.51 -2.79 0.09
N VAL D 66 -70.50 -2.78 0.98
CA VAL D 66 -71.76 -2.12 0.68
C VAL D 66 -71.59 -0.62 0.51
N ALA D 67 -70.87 0.03 1.43
CA ALA D 67 -70.76 1.50 1.36
C ALA D 67 -70.09 1.91 0.05
N MET D 68 -69.06 1.17 -0.35
CA MET D 68 -68.36 1.52 -1.58
C MET D 68 -69.29 1.39 -2.76
N THR D 69 -70.09 0.33 -2.74
CA THR D 69 -71.03 0.05 -3.82
C THR D 69 -72.05 1.16 -3.94
N MET D 70 -72.58 1.61 -2.80
CA MET D 70 -73.69 2.57 -2.90
C MET D 70 -73.24 3.99 -3.17
N LYS D 71 -72.02 4.32 -2.74
CA LYS D 71 -71.42 5.59 -3.06
C LYS D 71 -71.22 5.67 -4.61
N ALA D 72 -70.74 4.57 -5.19
CA ALA D 72 -70.39 4.43 -6.63
C ALA D 72 -68.89 4.49 -6.67
N PRO D 73 -68.25 3.33 -6.85
CA PRO D 73 -66.78 3.32 -6.76
C PRO D 73 -66.18 4.02 -7.94
N THR D 74 -65.01 4.62 -7.77
CA THR D 74 -64.33 5.24 -8.91
C THR D 74 -63.25 4.25 -9.41
N ALA D 75 -62.74 4.49 -10.62
CA ALA D 75 -61.63 3.69 -11.17
C ALA D 75 -60.43 3.70 -10.22
N ASP D 76 -60.15 4.88 -9.66
CA ASP D 76 -59.04 5.02 -8.71
C ASP D 76 -59.20 4.07 -7.53
N GLU D 77 -60.43 4.04 -6.96
CA GLU D 77 -60.70 3.23 -5.77
C GLU D 77 -60.64 1.74 -6.09
N VAL D 78 -61.33 1.36 -7.15
CA VAL D 78 -61.34 -0.03 -7.61
C VAL D 78 -59.89 -0.48 -7.92
N GLY D 79 -59.12 0.40 -8.55
CA GLY D 79 -57.69 0.13 -8.83
C GLY D 79 -56.87 -0.07 -7.58
N GLU D 80 -57.20 0.68 -6.51
CA GLU D 80 -56.55 0.48 -5.23
C GLU D 80 -56.85 -0.89 -4.66
N LEU D 81 -58.11 -1.33 -4.79
CA LEU D 81 -58.53 -2.60 -4.24
C LEU D 81 -57.89 -3.74 -4.98
N ALA D 82 -57.94 -3.67 -6.31
CA ALA D 82 -57.28 -4.68 -7.15
C ALA D 82 -55.74 -4.71 -6.89
N GLY D 83 -55.13 -3.55 -6.71
CA GLY D 83 -53.65 -3.49 -6.50
C GLY D 83 -53.26 -4.21 -5.21
N VAL D 84 -54.10 -4.09 -4.19
CA VAL D 84 -53.82 -4.72 -2.89
C VAL D 84 -53.93 -6.23 -3.04
N MET D 85 -55.03 -6.67 -3.63
CA MET D 85 -55.16 -8.08 -3.93
C MET D 85 -53.94 -8.64 -4.69
N LEU D 86 -53.53 -7.95 -5.75
CA LEU D 86 -52.38 -8.41 -6.55
C LEU D 86 -51.08 -8.44 -5.75
N SER D 87 -50.96 -7.53 -4.77
CA SER D 87 -49.79 -7.50 -3.86
C SER D 87 -49.72 -8.73 -2.98
N HIS D 88 -50.88 -9.24 -2.59
CA HIS D 88 -50.97 -10.38 -1.69
C HIS D 88 -51.02 -11.69 -2.46
N ALA D 89 -51.31 -11.62 -3.75
CA ALA D 89 -51.44 -12.82 -4.58
C ALA D 89 -50.13 -13.60 -4.74
N HIS D 90 -50.25 -14.90 -4.96
CA HIS D 90 -49.09 -15.68 -5.41
C HIS D 90 -48.77 -15.27 -6.82
N PRO D 91 -47.52 -14.81 -7.05
CA PRO D 91 -47.15 -14.42 -8.40
C PRO D 91 -46.74 -15.66 -9.21
N LEU D 92 -46.73 -15.55 -10.53
CA LEU D 92 -46.12 -16.59 -11.35
C LEU D 92 -44.62 -16.33 -11.34
N PRO D 93 -43.81 -17.40 -11.52
CA PRO D 93 -42.35 -17.28 -11.55
C PRO D 93 -41.90 -16.24 -12.57
N ALA D 94 -40.77 -15.60 -12.29
CA ALA D 94 -40.27 -14.51 -13.12
C ALA D 94 -40.07 -15.00 -14.54
N ASP D 95 -40.39 -14.12 -15.47
CA ASP D 95 -40.25 -14.35 -16.92
C ASP D 95 -40.88 -15.64 -17.44
N THR D 96 -42.05 -16.02 -16.90
CA THR D 96 -42.78 -17.19 -17.39
C THR D 96 -44.11 -16.84 -18.10
N VAL D 97 -44.47 -15.57 -18.06
CA VAL D 97 -45.69 -15.12 -18.69
C VAL D 97 -45.33 -14.20 -19.86
N PRO D 98 -45.72 -14.58 -21.08
CA PRO D 98 -45.41 -13.76 -22.25
C PRO D 98 -45.97 -12.37 -22.11
N ASP D 99 -45.24 -11.38 -22.61
CA ASP D 99 -45.68 -9.98 -22.67
C ASP D 99 -47.10 -9.81 -23.18
N ASP D 100 -47.52 -10.74 -24.04
CA ASP D 100 -48.75 -10.57 -24.80
C ASP D 100 -49.81 -11.57 -24.36
N ALA D 101 -49.63 -12.15 -23.18
CA ALA D 101 -50.66 -13.05 -22.64
C ALA D 101 -52.03 -12.33 -22.50
N VAL D 102 -53.08 -13.10 -22.71
CA VAL D 102 -54.43 -12.57 -22.68
C VAL D 102 -55.28 -13.38 -21.71
N ASP D 103 -56.25 -12.70 -21.12
CA ASP D 103 -57.23 -13.29 -20.24
C ASP D 103 -58.60 -13.18 -20.92
N VAL D 104 -59.49 -14.11 -20.58
CA VAL D 104 -60.88 -14.08 -20.99
C VAL D 104 -61.69 -14.46 -19.77
N VAL D 105 -62.32 -13.46 -19.17
CA VAL D 105 -62.95 -13.65 -17.85
C VAL D 105 -63.97 -12.52 -17.62
N GLY D 106 -65.05 -12.86 -16.91
CA GLY D 106 -66.11 -11.91 -16.65
C GLY D 106 -66.41 -11.79 -15.17
N THR D 107 -67.16 -10.75 -14.83
CA THR D 107 -67.59 -10.58 -13.43
C THR D 107 -68.49 -11.71 -12.97
N GLY D 108 -69.20 -12.31 -13.94
CA GLY D 108 -70.26 -13.24 -13.64
C GLY D 108 -71.42 -12.47 -13.07
N GLY D 109 -72.42 -13.19 -12.56
CA GLY D 109 -73.54 -12.57 -11.89
C GLY D 109 -74.50 -11.92 -12.85
N ASP D 110 -74.49 -12.35 -14.12
CA ASP D 110 -75.39 -11.73 -15.08
C ASP D 110 -76.82 -12.29 -15.01
N GLY D 111 -77.02 -13.28 -14.14
CA GLY D 111 -78.37 -13.71 -13.81
C GLY D 111 -79.02 -14.58 -14.87
N VAL D 112 -78.24 -14.94 -15.89
CA VAL D 112 -78.63 -15.89 -16.91
C VAL D 112 -77.63 -17.03 -16.81
N ASN D 113 -78.09 -18.26 -16.71
CA ASN D 113 -77.14 -19.37 -16.60
C ASN D 113 -76.68 -19.84 -17.97
N THR D 114 -75.61 -19.23 -18.48
CA THR D 114 -75.14 -19.63 -19.79
C THR D 114 -74.10 -20.75 -19.75
N VAL D 115 -73.86 -21.26 -20.94
CA VAL D 115 -72.70 -22.05 -21.25
C VAL D 115 -71.45 -21.19 -20.95
N ASN D 116 -70.36 -21.85 -20.59
CA ASN D 116 -69.11 -21.18 -20.21
C ASN D 116 -68.41 -20.57 -21.42
N LEU D 117 -69.01 -19.47 -21.88
CA LEU D 117 -68.56 -18.80 -23.10
C LEU D 117 -67.09 -18.39 -23.02
N SER D 118 -66.66 -17.85 -21.87
CA SER D 118 -65.29 -17.34 -21.74
C SER D 118 -64.24 -18.43 -21.80
N THR D 119 -64.52 -19.53 -21.12
CA THR D 119 -63.64 -20.69 -21.02
C THR D 119 -63.46 -21.35 -22.39
N MET D 120 -64.55 -21.49 -23.12
CA MET D 120 -64.51 -22.04 -24.46
C MET D 120 -63.75 -21.10 -25.38
N ALA D 121 -64.03 -19.82 -25.27
CA ALA D 121 -63.31 -18.83 -26.04
C ALA D 121 -61.81 -18.90 -25.71
N ALA D 122 -61.45 -19.00 -24.43
CA ALA D 122 -60.04 -19.11 -24.03
C ALA D 122 -59.32 -20.25 -24.73
N ILE D 123 -59.95 -21.42 -24.77
CA ILE D 123 -59.35 -22.59 -25.39
C ILE D 123 -59.07 -22.34 -26.87
N VAL D 124 -60.09 -21.81 -27.54
CA VAL D 124 -59.99 -21.44 -28.95
C VAL D 124 -58.88 -20.43 -29.24
N VAL D 125 -58.82 -19.37 -28.42
CA VAL D 125 -57.80 -18.34 -28.53
C VAL D 125 -56.38 -18.91 -28.36
N ALA D 126 -56.20 -19.77 -27.34
CA ALA D 126 -54.92 -20.43 -27.13
C ALA D 126 -54.58 -21.25 -28.38
N ALA D 127 -55.60 -21.94 -28.91
CA ALA D 127 -55.40 -22.81 -30.07
C ALA D 127 -54.98 -22.01 -31.29
N ALA D 128 -55.46 -20.77 -31.37
CA ALA D 128 -55.07 -19.88 -32.44
C ALA D 128 -53.61 -19.35 -32.29
N GLY D 129 -52.97 -19.63 -31.16
CA GLY D 129 -51.56 -19.26 -30.94
C GLY D 129 -51.33 -18.06 -30.04
N VAL D 130 -52.37 -17.55 -29.41
CA VAL D 130 -52.22 -16.40 -28.50
C VAL D 130 -52.08 -17.01 -27.11
N PRO D 131 -51.02 -16.65 -26.35
CA PRO D 131 -50.91 -17.25 -25.00
C PRO D 131 -52.03 -16.76 -24.12
N VAL D 132 -52.69 -17.69 -23.44
CA VAL D 132 -53.83 -17.41 -22.58
C VAL D 132 -53.53 -17.80 -21.14
N VAL D 133 -53.69 -16.85 -20.22
CA VAL D 133 -53.68 -17.24 -18.80
C VAL D 133 -55.02 -16.79 -18.23
N LYS D 134 -55.92 -17.75 -18.10
CA LYS D 134 -57.25 -17.43 -17.69
C LYS D 134 -57.36 -17.45 -16.17
N HIS D 135 -57.88 -16.37 -15.60
CA HIS D 135 -58.32 -16.35 -14.21
C HIS D 135 -59.73 -16.90 -14.14
N GLY D 136 -59.99 -17.76 -13.15
CA GLY D 136 -61.33 -18.28 -13.02
C GLY D 136 -61.69 -18.83 -11.65
N ASN D 137 -62.94 -19.23 -11.54
CA ASN D 137 -63.47 -19.71 -10.27
C ASN D 137 -64.65 -20.66 -10.49
N ARG D 138 -65.03 -21.36 -9.43
CA ARG D 138 -66.28 -22.12 -9.44
C ARG D 138 -67.48 -21.16 -9.53
N ALA D 139 -68.68 -21.69 -9.70
CA ALA D 139 -69.91 -20.87 -9.86
C ALA D 139 -70.25 -20.02 -8.64
N SER D 144 -72.79 -23.91 -12.98
CA SER D 144 -71.42 -24.40 -13.17
C SER D 144 -70.51 -23.32 -13.76
N GLY D 145 -69.50 -22.88 -13.00
CA GLY D 145 -68.58 -21.83 -13.50
C GLY D 145 -67.46 -22.41 -14.37
N GLY D 146 -66.62 -21.54 -14.93
CA GLY D 146 -65.44 -21.95 -15.68
C GLY D 146 -64.66 -23.05 -14.98
N ALA D 147 -64.31 -22.84 -13.72
CA ALA D 147 -63.52 -23.85 -12.98
C ALA D 147 -64.22 -25.21 -12.86
N ASP D 148 -65.54 -25.22 -12.62
CA ASP D 148 -66.31 -26.46 -12.52
C ASP D 148 -66.32 -27.20 -13.85
N THR D 149 -66.56 -26.46 -14.93
CA THR D 149 -66.59 -27.04 -16.27
C THR D 149 -65.23 -27.64 -16.68
N LEU D 150 -64.16 -26.91 -16.37
CA LEU D 150 -62.82 -27.39 -16.68
C LEU D 150 -62.47 -28.66 -15.89
N GLU D 151 -62.88 -28.69 -14.63
CA GLU D 151 -62.64 -29.88 -13.82
C GLU D 151 -63.42 -31.06 -14.41
N ALA D 152 -64.67 -30.83 -14.81
CA ALA D 152 -65.50 -31.88 -15.42
C ALA D 152 -64.94 -32.42 -16.74
N LEU D 153 -64.20 -31.55 -17.46
CA LEU D 153 -63.51 -31.91 -18.70
C LEU D 153 -62.22 -32.66 -18.45
N GLY D 154 -61.78 -32.68 -17.20
CA GLY D 154 -60.55 -33.37 -16.84
C GLY D 154 -59.34 -32.46 -16.77
N VAL D 155 -59.56 -31.15 -16.87
CA VAL D 155 -58.45 -30.18 -16.71
C VAL D 155 -58.17 -29.94 -15.22
N ARG D 156 -56.89 -29.95 -14.85
CA ARG D 156 -56.48 -29.62 -13.50
C ARG D 156 -56.67 -28.14 -13.27
N ILE D 157 -57.57 -27.79 -12.37
CA ILE D 157 -57.85 -26.38 -12.07
C ILE D 157 -57.00 -25.87 -10.92
N ASP D 158 -56.41 -26.80 -10.15
CA ASP D 158 -55.75 -26.57 -8.85
C ASP D 158 -54.25 -26.32 -8.86
N LEU D 159 -53.69 -25.92 -9.98
CA LEU D 159 -52.22 -25.89 -10.09
C LEU D 159 -51.67 -24.59 -9.49
N GLY D 160 -50.57 -24.71 -8.75
CA GLY D 160 -49.83 -23.56 -8.24
C GLY D 160 -49.05 -22.83 -9.33
N PRO D 161 -48.40 -21.71 -8.97
CA PRO D 161 -47.68 -20.83 -9.89
C PRO D 161 -46.71 -21.55 -10.85
N ASP D 162 -45.82 -22.42 -10.33
CA ASP D 162 -44.84 -23.14 -11.17
C ASP D 162 -45.54 -23.94 -12.26
N LEU D 163 -46.57 -24.68 -11.86
CA LEU D 163 -47.24 -25.58 -12.78
C LEU D 163 -48.16 -24.87 -13.77
N VAL D 164 -48.74 -23.75 -13.38
CA VAL D 164 -49.50 -22.94 -14.34
C VAL D 164 -48.55 -22.37 -15.39
N ALA D 165 -47.38 -21.93 -14.94
CA ALA D 165 -46.30 -21.49 -15.82
C ALA D 165 -45.91 -22.60 -16.81
N ARG D 166 -45.74 -23.82 -16.31
CA ARG D 166 -45.41 -24.97 -17.19
C ARG D 166 -46.57 -25.22 -18.17
N SER D 167 -47.81 -25.14 -17.66
CA SER D 167 -49.00 -25.35 -18.49
C SER D 167 -49.00 -24.38 -19.65
N LEU D 168 -48.71 -23.11 -19.36
CA LEU D 168 -48.69 -22.06 -20.37
C LEU D 168 -47.60 -22.34 -21.43
N ALA D 169 -46.40 -22.62 -20.95
CA ALA D 169 -45.27 -22.91 -21.82
C ALA D 169 -45.56 -24.13 -22.71
N GLU D 170 -46.03 -25.21 -22.09
CA GLU D 170 -46.19 -26.49 -22.80
C GLU D 170 -47.49 -26.68 -23.58
N VAL D 171 -48.57 -26.10 -23.08
CA VAL D 171 -49.89 -26.25 -23.69
C VAL D 171 -50.34 -24.97 -24.42
N GLY D 172 -49.91 -23.79 -23.95
CA GLY D 172 -50.30 -22.53 -24.59
C GLY D 172 -51.39 -21.81 -23.80
N ILE D 173 -51.82 -22.46 -22.73
CA ILE D 173 -52.88 -21.93 -21.83
C ILE D 173 -52.59 -22.36 -20.40
N GLY D 174 -52.78 -21.42 -19.48
CA GLY D 174 -52.74 -21.70 -18.05
C GLY D 174 -54.04 -21.25 -17.41
N PHE D 175 -54.46 -21.95 -16.38
CA PHE D 175 -55.65 -21.55 -15.61
C PHE D 175 -55.25 -21.28 -14.18
N CYS D 176 -55.48 -20.03 -13.77
CA CYS D 176 -55.23 -19.58 -12.41
C CYS D 176 -56.54 -19.67 -11.65
N PHE D 177 -56.68 -20.68 -10.79
CA PHE D 177 -57.89 -20.82 -9.96
C PHE D 177 -57.85 -19.76 -8.83
N ALA D 178 -58.82 -18.84 -8.85
CA ALA D 178 -58.82 -17.71 -7.90
C ALA D 178 -58.47 -18.09 -6.42
N PRO D 179 -59.16 -19.09 -5.82
CA PRO D 179 -58.81 -19.43 -4.42
C PRO D 179 -57.35 -19.86 -4.17
N ARG D 180 -56.78 -20.54 -5.16
CA ARG D 180 -55.40 -21.03 -5.06
C ARG D 180 -54.38 -19.88 -5.08
N PHE D 181 -54.67 -18.80 -5.83
CA PHE D 181 -53.74 -17.69 -5.96
C PHE D 181 -54.00 -16.51 -5.03
N HIS D 182 -55.21 -16.44 -4.49
CA HIS D 182 -55.59 -15.35 -3.60
C HIS D 182 -56.10 -15.90 -2.28
N PRO D 183 -55.25 -16.69 -1.58
CA PRO D 183 -55.75 -17.32 -0.34
C PRO D 183 -56.16 -16.31 0.73
N SER D 184 -55.54 -15.14 0.73
CA SER D 184 -55.86 -14.12 1.73
C SER D 184 -57.22 -13.42 1.53
N TYR D 185 -57.89 -13.73 0.42
CA TYR D 185 -59.21 -13.17 0.10
C TYR D 185 -60.34 -13.93 0.82
N ARG D 186 -59.97 -14.91 1.60
CA ARG D 186 -60.96 -15.73 2.15
C ARG D 186 -61.96 -15.05 3.07
N HIS D 187 -61.59 -13.99 3.76
CA HIS D 187 -62.49 -13.30 4.67
C HIS D 187 -63.49 -12.51 3.83
N ALA D 188 -63.00 -11.81 2.82
CA ALA D 188 -63.91 -11.12 1.89
C ALA D 188 -64.86 -12.07 1.18
N ALA D 189 -64.33 -13.22 0.74
CA ALA D 189 -65.17 -14.22 0.06
C ALA D 189 -66.32 -14.70 0.95
N ALA D 190 -66.00 -15.00 2.21
CA ALA D 190 -67.03 -15.37 3.20
C ALA D 190 -68.10 -14.28 3.35
N VAL D 191 -67.68 -13.04 3.57
CA VAL D 191 -68.65 -11.97 3.65
C VAL D 191 -69.51 -11.86 2.36
N ARG D 192 -68.89 -11.95 1.18
CA ARG D 192 -69.66 -11.75 -0.07
C ARG D 192 -70.78 -12.79 -0.17
N ARG D 193 -70.44 -13.99 0.25
CA ARG D 193 -71.37 -15.11 0.34
C ARG D 193 -72.51 -14.85 1.33
N GLU D 194 -72.17 -14.35 2.51
CA GLU D 194 -73.17 -14.11 3.55
C GLU D 194 -74.17 -13.02 3.19
N ILE D 195 -73.68 -11.98 2.51
CA ILE D 195 -74.57 -10.87 2.18
C ILE D 195 -75.34 -11.09 0.89
N GLY D 196 -74.71 -11.84 -0.03
CA GLY D 196 -75.39 -12.34 -1.21
C GLY D 196 -75.49 -11.29 -2.29
N VAL D 197 -75.61 -10.04 -1.91
CA VAL D 197 -75.81 -8.91 -2.82
C VAL D 197 -74.53 -8.66 -3.64
N PRO D 198 -74.64 -8.40 -4.96
CA PRO D 198 -73.42 -8.00 -5.64
C PRO D 198 -72.91 -6.67 -5.06
N THR D 199 -71.58 -6.55 -4.98
CA THR D 199 -70.94 -5.32 -4.54
C THR D 199 -69.70 -5.04 -5.39
N VAL D 200 -69.00 -3.99 -5.02
CA VAL D 200 -67.73 -3.64 -5.68
C VAL D 200 -66.81 -4.89 -5.77
N PHE D 201 -66.88 -5.81 -4.80
CA PHE D 201 -65.99 -6.97 -4.81
C PHE D 201 -66.25 -7.84 -6.04
N ASN D 202 -67.46 -7.76 -6.57
CA ASN D 202 -67.80 -8.53 -7.78
C ASN D 202 -67.01 -8.08 -8.98
N LEU D 203 -66.42 -6.87 -8.93
CA LEU D 203 -65.56 -6.42 -10.03
C LEU D 203 -64.12 -6.96 -9.99
N LEU D 204 -63.70 -7.50 -8.85
CA LEU D 204 -62.26 -7.70 -8.65
C LEU D 204 -61.64 -8.90 -9.38
N GLY D 205 -62.39 -9.99 -9.53
CA GLY D 205 -61.92 -11.21 -10.24
C GLY D 205 -61.22 -10.91 -11.56
N PRO D 206 -61.91 -10.24 -12.50
CA PRO D 206 -61.25 -9.93 -13.79
C PRO D 206 -60.07 -8.95 -13.69
N LEU D 207 -60.00 -8.17 -12.60
CA LEU D 207 -58.94 -7.19 -12.36
C LEU D 207 -57.75 -7.73 -11.58
N THR D 208 -57.82 -8.98 -11.12
CA THR D 208 -56.79 -9.53 -10.25
C THR D 208 -56.16 -10.86 -10.72
N ASN D 209 -56.06 -11.04 -12.04
CA ASN D 209 -55.30 -12.18 -12.56
C ASN D 209 -53.87 -12.12 -12.03
N PRO D 210 -53.44 -13.16 -11.26
CA PRO D 210 -52.12 -13.09 -10.64
C PRO D 210 -50.95 -13.10 -11.64
N ALA D 211 -51.20 -13.54 -12.88
CA ALA D 211 -50.20 -13.60 -13.92
C ALA D 211 -50.04 -12.23 -14.58
N ARG D 212 -50.97 -11.34 -14.26
CA ARG D 212 -50.95 -9.95 -14.72
C ARG D 212 -50.84 -9.86 -16.24
N PRO D 213 -51.67 -10.60 -16.96
CA PRO D 213 -51.63 -10.46 -18.41
C PRO D 213 -52.01 -9.02 -18.81
N ARG D 214 -51.48 -8.56 -19.92
CA ARG D 214 -51.70 -7.17 -20.34
C ARG D 214 -52.88 -6.98 -21.28
N ALA D 215 -53.50 -8.08 -21.69
CA ALA D 215 -54.64 -7.96 -22.59
C ALA D 215 -55.78 -8.81 -22.05
N GLY D 216 -57.00 -8.46 -22.44
CA GLY D 216 -58.11 -9.30 -22.02
C GLY D 216 -59.37 -8.93 -22.73
N LEU D 217 -60.23 -9.93 -22.88
CA LEU D 217 -61.64 -9.70 -23.18
C LEU D 217 -62.39 -9.81 -21.85
N ILE D 218 -62.91 -8.70 -21.37
CA ILE D 218 -63.37 -8.64 -19.96
C ILE D 218 -64.87 -8.36 -19.88
N GLY D 219 -65.59 -9.34 -19.36
CA GLY D 219 -67.05 -9.28 -19.28
C GLY D 219 -67.52 -8.64 -17.98
N CYS D 220 -68.48 -7.73 -18.11
CA CYS D 220 -69.05 -7.05 -16.94
C CYS D 220 -70.58 -7.13 -16.95
N ALA D 221 -71.13 -7.87 -15.99
CA ALA D 221 -72.59 -8.00 -15.76
C ALA D 221 -73.32 -6.66 -15.50
N PHE D 222 -72.60 -5.70 -14.91
CA PHE D 222 -73.18 -4.46 -14.39
C PHE D 222 -72.87 -3.32 -15.31
N ALA D 223 -73.86 -2.93 -16.12
CA ALA D 223 -73.64 -1.93 -17.18
C ALA D 223 -73.01 -0.64 -16.69
N ASP D 224 -73.39 -0.19 -15.50
CA ASP D 224 -72.91 1.09 -14.99
C ASP D 224 -71.57 1.05 -14.24
N LEU D 225 -71.00 -0.14 -14.12
CA LEU D 225 -69.68 -0.30 -13.50
C LEU D 225 -68.65 -0.74 -14.52
N ALA D 226 -69.11 -0.92 -15.77
CA ALA D 226 -68.24 -1.38 -16.83
C ALA D 226 -67.19 -0.35 -17.17
N GLU D 227 -67.61 0.92 -17.17
CA GLU D 227 -66.70 2.01 -17.44
C GLU D 227 -65.63 2.15 -16.34
N VAL D 228 -65.99 1.89 -15.10
CA VAL D 228 -65.03 1.91 -13.99
C VAL D 228 -64.00 0.78 -14.19
N MET D 229 -64.46 -0.43 -14.53
CA MET D 229 -63.50 -1.52 -14.83
C MET D 229 -62.53 -1.12 -15.96
N ALA D 230 -63.08 -0.58 -17.05
CA ALA D 230 -62.29 -0.11 -18.17
C ALA D 230 -61.27 0.91 -17.69
N GLY D 231 -61.69 1.81 -16.80
CA GLY D 231 -60.78 2.83 -16.22
C GLY D 231 -59.58 2.22 -15.52
N VAL D 232 -59.83 1.17 -14.71
CA VAL D 232 -58.77 0.42 -14.04
C VAL D 232 -57.74 -0.19 -15.03
N PHE D 233 -58.25 -0.82 -16.10
CA PHE D 233 -57.34 -1.38 -17.10
C PHE D 233 -56.59 -0.30 -17.86
N ALA D 234 -57.24 0.85 -18.07
CA ALA D 234 -56.60 1.97 -18.75
C ALA D 234 -55.43 2.53 -17.91
N ALA D 235 -55.61 2.58 -16.58
CA ALA D 235 -54.57 3.07 -15.67
C ALA D 235 -53.33 2.19 -15.76
N ARG D 236 -53.56 0.89 -15.98
CA ARG D 236 -52.51 -0.09 -16.11
C ARG D 236 -51.98 -0.21 -17.53
N ARG D 237 -52.54 0.56 -18.45
CA ARG D 237 -52.21 0.50 -19.87
C ARG D 237 -52.32 -0.92 -20.45
N SER D 238 -53.38 -1.62 -20.07
CA SER D 238 -53.71 -2.92 -20.67
C SER D 238 -54.37 -2.65 -21.99
N SER D 239 -54.30 -3.63 -22.91
CA SER D 239 -55.18 -3.58 -24.07
C SER D 239 -56.37 -4.51 -23.85
N VAL D 240 -57.54 -3.95 -23.56
CA VAL D 240 -58.67 -4.68 -23.05
C VAL D 240 -59.99 -4.25 -23.74
N LEU D 241 -60.87 -5.21 -23.97
CA LEU D 241 -62.24 -4.92 -24.32
C LEU D 241 -63.09 -5.31 -23.14
N VAL D 242 -63.69 -4.31 -22.50
CA VAL D 242 -64.64 -4.56 -21.45
C VAL D 242 -65.98 -4.58 -22.13
N VAL D 243 -66.67 -5.70 -21.96
CA VAL D 243 -67.93 -5.98 -22.68
C VAL D 243 -69.14 -6.26 -21.80
N HIS D 244 -70.26 -5.70 -22.24
CA HIS D 244 -71.56 -5.93 -21.64
C HIS D 244 -72.57 -6.12 -22.80
N GLY D 245 -73.11 -7.33 -22.93
CA GLY D 245 -74.16 -7.58 -23.91
C GLY D 245 -75.39 -6.76 -23.54
N ASP D 246 -76.07 -6.21 -24.56
CA ASP D 246 -77.24 -5.39 -24.32
C ASP D 246 -78.48 -6.22 -23.91
N ASP D 247 -78.25 -7.53 -23.70
CA ASP D 247 -79.19 -8.46 -23.07
C ASP D 247 -78.72 -8.76 -21.65
N GLY D 248 -77.61 -8.15 -21.24
CA GLY D 248 -77.12 -8.29 -19.88
C GLY D 248 -76.06 -9.39 -19.69
N LEU D 249 -75.68 -10.08 -20.77
CA LEU D 249 -74.60 -11.05 -20.64
C LEU D 249 -73.29 -10.35 -20.31
N ASP D 250 -72.47 -11.00 -19.48
CA ASP D 250 -71.08 -10.56 -19.27
C ASP D 250 -70.14 -11.16 -20.34
N GLU D 251 -70.56 -11.09 -21.60
CA GLU D 251 -69.82 -11.70 -22.72
C GLU D 251 -70.21 -10.89 -23.92
N LEU D 252 -69.48 -11.04 -25.01
CA LEU D 252 -70.01 -10.56 -26.30
C LEU D 252 -71.17 -11.50 -26.62
N THR D 253 -72.34 -10.90 -26.83
CA THR D 253 -73.56 -11.65 -27.04
C THR D 253 -73.85 -11.80 -28.53
N THR D 254 -74.63 -12.83 -28.88
CA THR D 254 -75.06 -13.00 -30.27
C THR D 254 -76.55 -12.67 -30.43
N THR D 255 -77.23 -12.42 -29.31
CA THR D 255 -78.69 -12.29 -29.26
C THR D 255 -79.17 -10.88 -29.55
N THR D 256 -78.22 -9.95 -29.62
CA THR D 256 -78.45 -8.52 -29.77
C THR D 256 -77.08 -7.84 -29.73
N THR D 257 -77.06 -6.51 -29.78
CA THR D 257 -75.83 -5.77 -29.75
C THR D 257 -75.10 -5.85 -28.37
N SER D 258 -73.85 -5.42 -28.34
CA SER D 258 -73.08 -5.38 -27.07
C SER D 258 -72.50 -4.01 -26.88
N THR D 259 -72.38 -3.58 -25.63
CA THR D 259 -71.59 -2.40 -25.36
C THR D 259 -70.18 -2.82 -25.04
N ILE D 260 -69.23 -2.15 -25.69
CA ILE D 260 -67.81 -2.39 -25.51
C ILE D 260 -67.12 -1.12 -25.03
N TRP D 261 -66.41 -1.22 -23.92
CA TRP D 261 -65.51 -0.13 -23.56
C TRP D 261 -64.14 -0.59 -23.99
N ARG D 262 -63.65 0.03 -25.05
CA ARG D 262 -62.38 -0.34 -25.63
C ARG D 262 -61.27 0.43 -24.92
N VAL D 263 -60.30 -0.31 -24.40
CA VAL D 263 -59.17 0.26 -23.67
C VAL D 263 -57.91 0.09 -24.48
N ALA D 264 -57.30 1.21 -24.83
CA ALA D 264 -56.09 1.25 -25.64
C ALA D 264 -55.36 2.55 -25.40
N ALA D 265 -54.03 2.47 -25.34
CA ALA D 265 -53.17 3.64 -25.11
C ALA D 265 -53.59 4.44 -23.86
N GLY D 266 -54.07 3.72 -22.83
CA GLY D 266 -54.43 4.33 -21.54
C GLY D 266 -55.71 5.18 -21.54
N SER D 267 -56.53 5.06 -22.59
CA SER D 267 -57.83 5.72 -22.61
C SER D 267 -58.94 4.81 -23.12
N VAL D 268 -60.18 5.19 -22.78
CA VAL D 268 -61.37 4.38 -23.01
C VAL D 268 -62.30 5.03 -24.06
N ASP D 269 -62.74 4.23 -25.03
CA ASP D 269 -63.84 4.61 -25.94
C ASP D 269 -65.03 3.72 -25.61
N LYS D 270 -66.24 4.26 -25.64
CA LYS D 270 -67.42 3.43 -25.54
C LYS D 270 -68.02 3.26 -26.94
N LEU D 271 -68.23 2.02 -27.34
CA LEU D 271 -68.92 1.82 -28.59
C LEU D 271 -69.95 0.71 -28.51
N THR D 272 -70.81 0.68 -29.53
CA THR D 272 -71.86 -0.31 -29.63
C THR D 272 -71.46 -1.30 -30.74
N PHE D 273 -71.44 -2.58 -30.36
CA PHE D 273 -70.96 -3.62 -31.25
C PHE D 273 -72.12 -4.49 -31.69
N ASP D 274 -72.18 -4.77 -32.99
CA ASP D 274 -73.27 -5.54 -33.58
C ASP D 274 -72.72 -6.76 -34.36
N PRO D 275 -72.93 -7.98 -33.80
CA PRO D 275 -72.40 -9.22 -34.42
C PRO D 275 -72.98 -9.46 -35.81
N ALA D 276 -74.27 -9.16 -36.01
CA ALA D 276 -74.90 -9.20 -37.35
C ALA D 276 -74.01 -8.54 -38.41
N GLY D 277 -73.29 -7.50 -38.01
CA GLY D 277 -72.32 -6.82 -38.88
C GLY D 277 -71.23 -7.70 -39.48
N PHE D 278 -70.97 -8.85 -38.85
CA PHE D 278 -69.98 -9.81 -39.34
C PHE D 278 -70.64 -11.10 -39.80
N GLY D 279 -71.95 -11.03 -40.07
CA GLY D 279 -72.69 -12.13 -40.65
C GLY D 279 -73.32 -13.08 -39.63
N PHE D 280 -73.29 -12.72 -38.35
CA PHE D 280 -73.81 -13.58 -37.28
C PHE D 280 -75.33 -13.49 -37.22
N ALA D 281 -75.95 -14.65 -37.05
CA ALA D 281 -77.40 -14.75 -36.96
C ALA D 281 -77.83 -14.50 -35.51
N ARG D 282 -78.92 -13.75 -35.32
CA ARG D 282 -79.43 -13.52 -33.97
C ARG D 282 -79.84 -14.83 -33.31
N ALA D 283 -79.34 -15.05 -32.10
CA ALA D 283 -79.74 -16.21 -31.33
C ALA D 283 -80.76 -15.77 -30.28
N GLN D 284 -81.38 -16.75 -29.64
CA GLN D 284 -82.21 -16.47 -28.48
C GLN D 284 -81.42 -16.92 -27.27
N LEU D 285 -81.44 -16.08 -26.24
CA LEU D 285 -80.67 -16.32 -25.02
C LEU D 285 -80.82 -17.76 -24.54
N ASP D 286 -81.97 -18.37 -24.80
CA ASP D 286 -82.23 -19.74 -24.34
C ASP D 286 -81.32 -20.75 -25.04
N GLN D 287 -80.88 -20.41 -26.24
CA GLN D 287 -79.97 -21.27 -26.99
C GLN D 287 -78.53 -21.24 -26.43
N LEU D 288 -78.26 -20.29 -25.54
CA LEU D 288 -76.95 -20.13 -24.92
C LEU D 288 -76.96 -20.68 -23.51
N ALA D 289 -78.14 -21.14 -23.08
CA ALA D 289 -78.33 -21.64 -21.71
C ALA D 289 -77.44 -22.83 -21.37
N GLY D 290 -77.01 -22.89 -20.12
CA GLY D 290 -76.19 -23.99 -19.63
C GLY D 290 -76.82 -24.78 -18.50
N GLY D 291 -76.13 -25.82 -18.04
CA GLY D 291 -76.66 -26.67 -16.99
C GLY D 291 -75.60 -26.90 -15.93
N ASP D 292 -75.54 -28.12 -15.42
CA ASP D 292 -74.51 -28.47 -14.44
C ASP D 292 -73.16 -28.67 -15.13
N ALA D 293 -72.18 -29.16 -14.37
CA ALA D 293 -70.82 -29.29 -14.89
C ALA D 293 -70.75 -30.26 -16.10
N GLN D 294 -71.48 -31.39 -16.01
CA GLN D 294 -71.55 -32.36 -17.11
C GLN D 294 -72.15 -31.82 -18.39
N ALA D 295 -73.28 -31.12 -18.27
CA ALA D 295 -73.91 -30.49 -19.44
C ALA D 295 -72.99 -29.45 -20.11
N ASN D 296 -72.38 -28.61 -19.28
CA ASN D 296 -71.51 -27.57 -19.79
C ASN D 296 -70.25 -28.16 -20.42
N ALA D 297 -69.72 -29.23 -19.83
CA ALA D 297 -68.56 -29.92 -20.37
C ALA D 297 -68.91 -30.55 -21.71
N ALA D 298 -70.10 -31.17 -21.80
CA ALA D 298 -70.56 -31.71 -23.08
C ALA D 298 -70.70 -30.60 -24.14
N ALA D 299 -71.20 -29.44 -23.73
CA ALA D 299 -71.31 -28.31 -24.64
C ALA D 299 -69.93 -27.85 -25.17
N VAL D 300 -68.92 -27.85 -24.29
CA VAL D 300 -67.53 -27.57 -24.72
C VAL D 300 -67.09 -28.58 -25.81
N ARG D 301 -67.23 -29.88 -25.51
CA ARG D 301 -66.86 -30.93 -26.47
C ARG D 301 -67.60 -30.78 -27.79
N ALA D 302 -68.90 -30.46 -27.72
CA ALA D 302 -69.66 -30.31 -28.95
C ALA D 302 -69.09 -29.18 -29.82
N VAL D 303 -68.80 -28.03 -29.20
CA VAL D 303 -68.27 -26.87 -29.95
C VAL D 303 -66.90 -27.18 -30.56
N LEU D 304 -66.02 -27.78 -29.76
CA LEU D 304 -64.67 -28.06 -30.20
C LEU D 304 -64.64 -29.16 -31.28
N GLY D 305 -65.65 -30.04 -31.25
CA GLY D 305 -65.85 -31.06 -32.28
C GLY D 305 -66.46 -30.55 -33.59
N GLY D 306 -66.78 -29.26 -33.63
CA GLY D 306 -67.26 -28.62 -34.85
C GLY D 306 -68.78 -28.50 -35.00
N ALA D 307 -69.55 -28.79 -33.94
CA ALA D 307 -71.01 -28.59 -33.98
C ALA D 307 -71.29 -27.14 -34.37
N ARG D 308 -72.10 -26.93 -35.41
CA ARG D 308 -72.49 -25.59 -35.82
C ARG D 308 -73.73 -25.14 -35.03
N GLY D 309 -73.99 -23.85 -34.98
CA GLY D 309 -75.12 -23.34 -34.21
C GLY D 309 -74.77 -22.20 -33.28
N PRO D 310 -75.71 -21.82 -32.39
CA PRO D 310 -75.60 -20.60 -31.57
C PRO D 310 -74.39 -20.58 -30.62
N VAL D 311 -74.15 -21.66 -29.89
CA VAL D 311 -73.04 -21.74 -28.95
C VAL D 311 -71.71 -21.53 -29.70
N ARG D 312 -71.50 -22.25 -30.81
CA ARG D 312 -70.28 -22.08 -31.58
C ARG D 312 -70.15 -20.62 -31.96
N ASP D 313 -71.21 -20.04 -32.51
CA ASP D 313 -71.20 -18.65 -32.93
C ASP D 313 -70.76 -17.72 -31.77
N ALA D 314 -71.34 -17.90 -30.59
CA ALA D 314 -71.01 -17.03 -29.46
C ALA D 314 -69.54 -17.24 -29.04
N VAL D 315 -69.09 -18.49 -29.09
CA VAL D 315 -67.70 -18.84 -28.77
C VAL D 315 -66.73 -18.19 -29.75
N VAL D 316 -66.97 -18.34 -31.06
CA VAL D 316 -66.12 -17.69 -32.08
C VAL D 316 -66.07 -16.16 -31.92
N LEU D 317 -67.21 -15.57 -31.61
CA LEU D 317 -67.28 -14.14 -31.45
C LEU D 317 -66.44 -13.63 -30.27
N ASN D 318 -66.58 -14.30 -29.14
CA ASN D 318 -65.78 -13.99 -27.94
C ASN D 318 -64.30 -14.30 -28.13
N ALA D 319 -64.01 -15.40 -28.81
CA ALA D 319 -62.62 -15.73 -29.08
C ALA D 319 -62.02 -14.65 -29.96
N ALA D 320 -62.77 -14.20 -30.97
CA ALA D 320 -62.28 -13.14 -31.84
C ALA D 320 -62.06 -11.87 -31.06
N GLY D 321 -62.98 -11.56 -30.14
CA GLY D 321 -62.83 -10.39 -29.25
C GLY D 321 -61.52 -10.39 -28.50
N ALA D 322 -61.18 -11.53 -27.89
CA ALA D 322 -59.91 -11.68 -27.17
C ALA D 322 -58.72 -11.47 -28.12
N ILE D 323 -58.84 -11.96 -29.35
CA ILE D 323 -57.75 -11.81 -30.31
C ILE D 323 -57.53 -10.35 -30.69
N VAL D 324 -58.61 -9.59 -30.83
CA VAL D 324 -58.53 -8.17 -31.15
C VAL D 324 -57.87 -7.43 -29.98
N ALA D 325 -58.27 -7.78 -28.76
CA ALA D 325 -57.63 -7.20 -27.57
C ALA D 325 -56.13 -7.48 -27.59
N HIS D 326 -55.75 -8.72 -27.90
CA HIS D 326 -54.32 -9.08 -28.03
C HIS D 326 -53.63 -8.26 -29.11
N ALA D 327 -54.33 -8.06 -30.23
CA ALA D 327 -53.81 -7.27 -31.36
C ALA D 327 -53.58 -5.81 -30.97
N GLY D 328 -54.50 -5.26 -30.17
CA GLY D 328 -54.38 -3.91 -29.60
C GLY D 328 -53.10 -3.62 -28.83
N LEU D 329 -52.39 -4.66 -28.39
CA LEU D 329 -51.11 -4.49 -27.73
C LEU D 329 -50.06 -3.79 -28.63
N SER D 330 -50.25 -3.86 -29.95
CA SER D 330 -49.49 -3.05 -30.93
C SER D 330 -50.00 -1.62 -31.07
N TRP D 335 -59.40 -1.61 -36.43
CA TRP D 335 -60.49 -2.20 -35.67
C TRP D 335 -61.19 -3.28 -36.49
N LEU D 336 -61.79 -2.89 -37.60
CA LEU D 336 -62.50 -3.83 -38.47
C LEU D 336 -61.61 -4.93 -39.08
N PRO D 337 -60.43 -4.58 -39.64
CA PRO D 337 -59.46 -5.59 -40.02
C PRO D 337 -59.06 -6.56 -38.88
N ALA D 338 -58.87 -6.03 -37.67
CA ALA D 338 -58.58 -6.88 -36.49
C ALA D 338 -59.70 -7.85 -36.17
N TRP D 339 -60.94 -7.39 -36.25
CA TRP D 339 -62.08 -8.28 -36.03
C TRP D 339 -62.16 -9.37 -37.10
N GLU D 340 -61.97 -8.98 -38.36
CA GLU D 340 -61.97 -9.94 -39.48
C GLU D 340 -60.94 -11.03 -39.24
N GLU D 341 -59.71 -10.61 -38.94
CA GLU D 341 -58.63 -11.54 -38.65
C GLU D 341 -58.97 -12.42 -37.44
N GLY D 342 -59.48 -11.81 -36.37
CA GLY D 342 -59.86 -12.54 -35.14
C GLY D 342 -60.89 -13.63 -35.41
N LEU D 343 -61.88 -13.27 -36.21
CA LEU D 343 -62.96 -14.21 -36.55
C LEU D 343 -62.41 -15.38 -37.40
N ARG D 344 -61.55 -15.04 -38.36
CA ARG D 344 -60.91 -16.00 -39.26
C ARG D 344 -60.09 -16.99 -38.42
N ARG D 345 -59.28 -16.45 -37.50
CA ARG D 345 -58.35 -17.25 -36.70
C ARG D 345 -59.10 -18.13 -35.72
N ALA D 346 -60.19 -17.62 -35.14
CA ALA D 346 -60.95 -18.41 -34.17
C ALA D 346 -61.69 -19.56 -34.86
N SER D 347 -62.30 -19.25 -35.99
CA SER D 347 -63.00 -20.29 -36.77
C SER D 347 -62.05 -21.36 -37.21
N ALA D 348 -60.90 -20.94 -37.73
CA ALA D 348 -59.95 -21.91 -38.21
C ALA D 348 -59.39 -22.77 -37.06
N ALA D 349 -59.17 -22.17 -35.88
CA ALA D 349 -58.65 -22.90 -34.74
C ALA D 349 -59.57 -24.03 -34.34
N ILE D 350 -60.87 -23.83 -34.47
CA ILE D 350 -61.81 -24.91 -34.20
C ILE D 350 -61.84 -25.90 -35.37
N ASP D 351 -62.03 -25.36 -36.57
CA ASP D 351 -62.25 -26.15 -37.80
C ASP D 351 -61.08 -27.11 -38.11
N THR D 352 -59.84 -26.67 -37.90
CA THR D 352 -58.66 -27.54 -38.08
C THR D 352 -58.55 -28.59 -37.00
N GLY D 353 -59.38 -28.47 -35.96
CA GLY D 353 -59.30 -29.39 -34.84
C GLY D 353 -58.25 -28.94 -33.83
N ALA D 354 -57.58 -27.81 -34.09
CA ALA D 354 -56.55 -27.30 -33.16
C ALA D 354 -57.08 -27.09 -31.74
N ALA D 355 -58.28 -26.55 -31.63
CA ALA D 355 -58.91 -26.28 -30.31
C ALA D 355 -59.24 -27.57 -29.58
N GLU D 356 -59.84 -28.53 -30.29
CA GLU D 356 -60.11 -29.83 -29.73
C GLU D 356 -58.84 -30.51 -29.25
N GLN D 357 -57.78 -30.48 -30.09
CA GLN D 357 -56.52 -31.11 -29.72
C GLN D 357 -55.90 -30.37 -28.54
N LEU D 358 -56.02 -29.06 -28.52
CA LEU D 358 -55.40 -28.30 -27.44
C LEU D 358 -55.95 -28.71 -26.07
N LEU D 359 -57.27 -28.87 -25.97
CA LEU D 359 -57.91 -29.34 -24.74
C LEU D 359 -57.41 -30.72 -24.39
N ALA D 360 -57.33 -31.61 -25.39
CA ALA D 360 -56.81 -32.97 -25.16
C ALA D 360 -55.40 -32.91 -24.59
N ARG D 361 -54.54 -32.10 -25.20
CA ARG D 361 -53.16 -31.93 -24.72
C ARG D 361 -53.13 -31.33 -23.30
N TRP D 362 -54.04 -30.40 -23.03
CA TRP D 362 -54.19 -29.79 -21.69
C TRP D 362 -54.57 -30.83 -20.64
N VAL D 363 -55.55 -31.67 -20.96
CA VAL D 363 -55.99 -32.76 -20.06
C VAL D 363 -54.81 -33.69 -19.81
N ARG D 364 -54.17 -34.08 -20.91
CA ARG D 364 -52.96 -34.91 -20.86
C ARG D 364 -51.88 -34.27 -20.01
N PHE D 365 -51.63 -32.97 -20.20
CA PHE D 365 -50.58 -32.27 -19.45
C PHE D 365 -50.79 -32.42 -17.93
N GLY D 366 -52.04 -32.28 -17.49
CA GLY D 366 -52.38 -32.29 -16.06
C GLY D 366 -52.32 -33.67 -15.43
N ARG D 367 -52.56 -34.70 -16.23
CA ARG D 367 -52.49 -36.08 -15.78
C ARG D 367 -51.02 -36.50 -15.70
N GLN D 368 -50.15 -35.82 -16.43
CA GLN D 368 -48.72 -36.10 -16.47
C GLN D 368 -47.91 -35.23 -15.51
N ILE D 369 -48.52 -34.82 -14.40
CA ILE D 369 -47.86 -33.98 -13.37
C ILE D 369 -47.64 -32.55 -13.88
#